data_8BP7
#
_entry.id   8BP7
#
_cell.length_a   170.460
_cell.length_b   170.460
_cell.length_c   545.440
_cell.angle_alpha   90.00
_cell.angle_beta   90.00
_cell.angle_gamma   120.00
#
_symmetry.space_group_name_H-M   'P 61 2 2'
#
loop_
_entity.id
_entity.type
_entity.pdbx_description
1 polymer 'Citrate synthase'
2 non-polymer 'SULFATE ION'
3 non-polymer 'CITRIC ACID'
4 non-polymer 'MAGNESIUM ION'
5 water water
#
_entity_poly.entity_id   1
_entity_poly.type   'polypeptide(L)'
_entity_poly.pdbx_seq_one_letter_code
;MTAVSEFRPGLEGVPATLSSISFVDGQRGVLEYRGISIEQLAQQSSFLETAYLLIWGHLPTQQELTEFEHEIRYHRRIKF
RIRDMMKCFPDSGHPMDALQASAAALGLFYSRRALDDPEYIRAAVVRLLAKIPTMVAAFQLIRKGNDPIQPRDELDYAAN
FLYMLTEREPDPVAARIFDICLTLHAEHTINASTFSAMVTASTLTDPYAVVASAVGTLAGPLHGGANEEVLDMLEAIGSV
ENVEPYLDHCIATKTRIMGFGHRVYKVKDPRAVILQNLAEQLFDIFGHDPYYEIAVAVEKAAAERLSHKGIYPNVDFYSG
LVYRKLGIPSDLFTPVFAIARVAGWLAHWKEQLNENRIFRPTQIYTGSHNLDYTPIADRDLAIESDLEHHHHHH
;
_entity_poly.pdbx_strand_id   A,B,C,D,E,F
#
loop_
_chem_comp.id
_chem_comp.type
_chem_comp.name
_chem_comp.formula
CIT non-polymer 'CITRIC ACID' 'C6 H8 O7'
MG non-polymer 'MAGNESIUM ION' 'Mg 2'
SO4 non-polymer 'SULFATE ION' 'O4 S -2'
#
# COMPACT_ATOMS: atom_id res chain seq x y z
N ALA A 3 -44.27 7.32 -47.51
CA ALA A 3 -43.41 6.33 -46.86
C ALA A 3 -41.92 6.66 -47.07
N VAL A 4 -41.64 7.94 -47.31
CA VAL A 4 -40.24 8.39 -47.55
C VAL A 4 -39.54 8.51 -46.19
N SER A 5 -38.68 7.55 -45.88
CA SER A 5 -37.92 7.59 -44.61
C SER A 5 -36.99 8.80 -44.62
N GLU A 6 -36.87 9.50 -43.49
CA GLU A 6 -35.97 10.67 -43.40
C GLU A 6 -34.95 10.40 -42.30
N PHE A 7 -33.66 10.60 -42.59
CA PHE A 7 -32.60 10.44 -41.57
C PHE A 7 -31.78 11.72 -41.51
N ARG A 8 -31.57 12.24 -40.31
CA ARG A 8 -30.69 13.42 -40.21
C ARG A 8 -29.42 12.96 -39.51
N PRO A 9 -28.25 13.07 -40.16
CA PRO A 9 -27.04 12.60 -39.54
C PRO A 9 -26.77 13.44 -38.30
N GLY A 10 -26.43 12.79 -37.18
CA GLY A 10 -26.17 13.50 -35.92
C GLY A 10 -27.44 13.87 -35.20
N LEU A 11 -28.58 13.44 -35.74
CA LEU A 11 -29.89 13.78 -35.15
C LEU A 11 -29.99 15.30 -35.10
N GLU A 12 -29.47 15.97 -36.12
CA GLU A 12 -29.46 17.44 -36.09
C GLU A 12 -30.86 17.95 -36.35
N GLY A 13 -31.37 18.78 -35.46
CA GLY A 13 -32.73 19.31 -35.60
C GLY A 13 -33.73 18.29 -35.15
N VAL A 14 -33.23 17.17 -34.63
CA VAL A 14 -34.14 16.10 -34.14
C VAL A 14 -34.35 16.36 -32.66
N PRO A 15 -35.60 16.56 -32.23
CA PRO A 15 -35.86 16.78 -30.83
C PRO A 15 -35.80 15.45 -30.09
N ALA A 16 -35.05 15.43 -28.98
CA ALA A 16 -34.87 14.18 -28.21
C ALA A 16 -35.73 14.19 -26.96
N THR A 17 -36.03 15.36 -26.44
CA THR A 17 -36.78 15.44 -25.17
C THR A 17 -37.47 16.79 -25.06
N LEU A 18 -38.43 16.88 -24.15
CA LEU A 18 -39.06 18.20 -23.87
C LEU A 18 -38.37 18.69 -22.59
N SER A 19 -37.74 19.85 -22.64
CA SER A 19 -36.97 20.31 -21.46
C SER A 19 -37.30 21.76 -21.09
N SER A 20 -37.30 22.05 -19.79
CA SER A 20 -37.49 23.44 -19.33
C SER A 20 -36.16 24.03 -18.86
N ILE A 21 -35.08 23.25 -18.85
CA ILE A 21 -33.78 23.73 -18.26
C ILE A 21 -33.12 24.89 -19.00
N SER A 22 -33.02 24.86 -20.33
CA SER A 22 -32.26 25.93 -21.01
C SER A 22 -32.79 26.28 -22.39
N PHE A 23 -32.60 27.53 -22.80
CA PHE A 23 -32.97 27.95 -24.18
C PHE A 23 -31.81 28.69 -24.81
N VAL A 24 -31.42 28.32 -26.03
CA VAL A 24 -30.38 29.09 -26.78
C VAL A 24 -30.92 29.40 -28.17
N ASP A 25 -30.87 30.67 -28.61
CA ASP A 25 -31.23 30.99 -30.03
C ASP A 25 -29.95 31.49 -30.70
N GLY A 26 -29.47 30.78 -31.71
CA GLY A 26 -28.18 31.15 -32.31
C GLY A 26 -28.21 32.49 -32.98
N GLN A 27 -29.28 32.77 -33.72
CA GLN A 27 -29.35 34.03 -34.48
C GLN A 27 -29.41 35.22 -33.52
N ARG A 28 -30.15 35.09 -32.42
CA ARG A 28 -30.37 36.25 -31.52
C ARG A 28 -29.39 36.26 -30.35
N GLY A 29 -28.46 35.32 -30.30
CA GLY A 29 -27.44 35.33 -29.23
C GLY A 29 -28.06 35.28 -27.85
N VAL A 30 -29.06 34.41 -27.68
CA VAL A 30 -29.76 34.32 -26.38
C VAL A 30 -29.49 32.98 -25.69
N LEU A 31 -29.02 33.02 -24.45
CA LEU A 31 -28.90 31.79 -23.63
C LEU A 31 -29.63 32.09 -22.35
N GLU A 32 -30.57 31.24 -21.98
CA GLU A 32 -31.33 31.45 -20.74
C GLU A 32 -31.32 30.17 -19.91
N TYR A 33 -31.06 30.28 -18.62
CA TYR A 33 -31.17 29.11 -17.75
C TYR A 33 -32.46 29.28 -16.97
N ARG A 34 -33.43 28.39 -17.20
CA ARG A 34 -34.74 28.49 -16.53
C ARG A 34 -35.35 29.86 -16.78
N GLY A 35 -35.22 30.38 -18.00
CA GLY A 35 -35.86 31.64 -18.37
C GLY A 35 -35.10 32.88 -17.98
N ILE A 36 -33.89 32.72 -17.48
CA ILE A 36 -33.13 33.91 -16.99
C ILE A 36 -31.91 34.08 -17.88
N SER A 37 -31.66 35.31 -18.31
CA SER A 37 -30.53 35.59 -19.22
C SER A 37 -29.19 35.26 -18.55
N ILE A 38 -28.24 34.74 -19.31
CA ILE A 38 -26.91 34.36 -18.79
C ILE A 38 -26.27 35.63 -18.24
N GLU A 39 -26.51 36.74 -18.92
CA GLU A 39 -25.87 38.00 -18.51
C GLU A 39 -26.29 38.36 -17.09
N GLN A 40 -27.57 38.23 -16.78
CA GLN A 40 -28.05 38.55 -15.42
C GLN A 40 -27.44 37.60 -14.39
N LEU A 41 -27.39 36.30 -14.68
CA LEU A 41 -26.93 35.31 -13.69
C LEU A 41 -25.46 35.55 -13.37
N ALA A 42 -24.68 35.87 -14.37
CA ALA A 42 -23.24 36.16 -14.14
C ALA A 42 -23.08 37.40 -13.26
N GLN A 43 -23.84 38.44 -13.55
CA GLN A 43 -23.75 39.69 -12.76
C GLN A 43 -24.26 39.51 -11.33
N GLN A 44 -25.35 38.78 -11.14
CA GLN A 44 -25.97 38.73 -9.80
C GLN A 44 -26.01 37.33 -9.16
N SER A 45 -25.31 36.35 -9.69
CA SER A 45 -25.49 34.98 -9.13
C SER A 45 -24.21 34.18 -8.98
N SER A 46 -24.26 33.15 -8.15
CA SER A 46 -23.13 32.23 -7.95
C SER A 46 -23.39 30.95 -8.74
N PHE A 47 -22.36 30.14 -8.96
CA PHE A 47 -22.54 28.86 -9.68
C PHE A 47 -23.50 27.96 -8.93
N LEU A 48 -23.36 27.88 -7.62
CA LEU A 48 -24.21 26.94 -6.84
C LEU A 48 -25.68 27.37 -6.92
N GLU A 49 -25.95 28.66 -6.85
CA GLU A 49 -27.35 29.16 -7.00
C GLU A 49 -27.86 28.82 -8.40
N THR A 50 -27.01 29.01 -9.39
CA THR A 50 -27.40 28.71 -10.79
C THR A 50 -27.68 27.22 -10.83
N ALA A 51 -26.87 26.45 -10.12
CA ALA A 51 -27.05 24.99 -10.08
C ALA A 51 -28.39 24.62 -9.47
N TYR A 52 -28.78 25.30 -8.40
CA TYR A 52 -30.08 25.01 -7.78
C TYR A 52 -31.18 25.33 -8.78
N LEU A 53 -31.04 26.45 -9.47
CA LEU A 53 -32.11 26.86 -10.40
C LEU A 53 -32.23 25.80 -11.49
N LEU A 54 -31.09 25.36 -12.00
CA LEU A 54 -31.15 24.40 -13.12
C LEU A 54 -31.74 23.07 -12.65
N ILE A 55 -31.28 22.55 -11.52
CA ILE A 55 -31.77 21.24 -11.03
C ILE A 55 -33.22 21.31 -10.52
N TRP A 56 -33.57 22.34 -9.76
CA TRP A 56 -34.92 22.39 -9.14
C TRP A 56 -35.85 23.43 -9.79
N GLY A 57 -35.33 24.32 -10.62
CA GLY A 57 -36.19 25.24 -11.41
C GLY A 57 -36.65 26.52 -10.74
N HIS A 58 -36.19 26.79 -9.53
CA HIS A 58 -36.53 28.09 -8.91
C HIS A 58 -35.28 28.72 -8.32
N LEU A 59 -35.19 30.04 -8.38
CA LEU A 59 -34.05 30.68 -7.69
C LEU A 59 -34.25 30.36 -6.21
N PRO A 60 -33.20 30.00 -5.47
CA PRO A 60 -33.35 29.55 -4.09
C PRO A 60 -33.69 30.56 -2.99
N THR A 61 -34.43 30.11 -1.98
CA THR A 61 -34.68 30.96 -0.80
C THR A 61 -33.37 31.01 -0.04
N GLN A 62 -33.16 32.01 0.79
CA GLN A 62 -31.83 32.14 1.43
C GLN A 62 -31.52 30.89 2.22
N GLN A 63 -32.49 30.39 2.97
CA GLN A 63 -32.19 29.21 3.82
C GLN A 63 -31.84 28.05 2.91
N GLU A 64 -32.56 27.92 1.80
CA GLU A 64 -32.33 26.76 0.92
C GLU A 64 -30.90 26.82 0.38
N LEU A 65 -30.44 28.00 -0.03
CA LEU A 65 -29.08 28.14 -0.59
C LEU A 65 -28.05 27.83 0.48
N THR A 66 -28.29 28.33 1.67
CA THR A 66 -27.29 28.16 2.76
C THR A 66 -27.17 26.68 3.06
N GLU A 67 -28.29 25.98 3.12
CA GLU A 67 -28.27 24.54 3.42
C GLU A 67 -27.56 23.78 2.31
N PHE A 68 -27.83 24.14 1.05
CA PHE A 68 -27.17 23.48 -0.08
C PHE A 68 -25.68 23.77 -0.02
N GLU A 69 -25.35 25.03 0.23
CA GLU A 69 -23.93 25.44 0.28
C GLU A 69 -23.25 24.74 1.45
N HIS A 70 -23.92 24.69 2.59
CA HIS A 70 -23.36 24.05 3.79
C HIS A 70 -23.17 22.56 3.55
N GLU A 71 -24.16 21.93 2.93
CA GLU A 71 -24.08 20.48 2.65
C GLU A 71 -22.94 20.22 1.68
N ILE A 72 -22.79 21.09 0.69
CA ILE A 72 -21.71 20.93 -0.30
C ILE A 72 -20.36 21.04 0.43
N ARG A 73 -20.23 21.98 1.34
CA ARG A 73 -18.92 22.19 2.00
C ARG A 73 -18.53 20.96 2.81
N TYR A 74 -19.49 20.37 3.51
CA TYR A 74 -19.23 19.17 4.35
C TYR A 74 -18.80 18.00 3.49
N HIS A 75 -19.42 17.84 2.33
CA HIS A 75 -19.15 16.63 1.51
C HIS A 75 -17.97 16.83 0.56
N ARG A 76 -17.29 17.96 0.64
CA ARG A 76 -16.19 18.30 -0.30
C ARG A 76 -15.03 17.29 -0.21
N ARG A 77 -14.72 16.81 0.99
CA ARG A 77 -13.61 15.85 1.18
C ARG A 77 -13.93 14.51 0.55
N ILE A 78 -12.92 13.76 0.15
CA ILE A 78 -13.12 12.47 -0.58
C ILE A 78 -12.55 11.33 0.26
N LYS A 79 -13.04 10.12 0.02
CA LYS A 79 -12.65 8.94 0.81
C LYS A 79 -11.20 8.54 0.53
N PHE A 80 -10.56 7.90 1.51
CA PHE A 80 -9.15 7.48 1.37
C PHE A 80 -9.05 6.46 0.25
N ARG A 81 -10.04 5.60 0.13
CA ARG A 81 -9.96 4.52 -0.87
C ARG A 81 -9.88 5.12 -2.28
N ILE A 82 -10.63 6.19 -2.55
CA ILE A 82 -10.58 6.87 -3.88
C ILE A 82 -9.19 7.47 -4.10
N ARG A 83 -8.64 8.10 -3.09
CA ARG A 83 -7.32 8.75 -3.22
C ARG A 83 -6.27 7.68 -3.47
N ASP A 84 -6.39 6.56 -2.77
CA ASP A 84 -5.44 5.44 -2.93
C ASP A 84 -5.52 4.94 -4.37
N MET A 85 -6.71 4.85 -4.93
CA MET A 85 -6.92 4.37 -6.31
C MET A 85 -6.22 5.30 -7.30
N MET A 86 -6.29 6.61 -7.05
CA MET A 86 -5.63 7.62 -7.91
C MET A 86 -4.12 7.41 -7.85
N LYS A 87 -3.60 7.02 -6.71
CA LYS A 87 -2.16 6.76 -6.54
C LYS A 87 -1.76 5.61 -7.44
N CYS A 88 -2.65 4.65 -7.65
CA CYS A 88 -2.36 3.50 -8.54
C CYS A 88 -2.46 3.98 -9.98
N PHE A 89 -3.02 5.16 -10.19
CA PHE A 89 -3.18 5.74 -11.54
C PHE A 89 -1.82 6.15 -12.10
N PRO A 90 -1.60 5.94 -13.39
CA PRO A 90 -0.33 6.29 -14.02
C PRO A 90 -0.12 7.81 -13.99
N ASP A 91 1.12 8.24 -13.79
CA ASP A 91 1.46 9.68 -13.71
C ASP A 91 1.18 10.37 -15.04
N SER A 92 1.45 9.69 -16.14
CA SER A 92 1.28 10.26 -17.49
C SER A 92 -0.17 10.16 -17.92
N GLY A 93 -1.00 9.54 -17.10
CA GLY A 93 -2.40 9.30 -17.51
C GLY A 93 -3.14 10.58 -17.78
N HIS A 94 -3.96 10.58 -18.82
CA HIS A 94 -4.71 11.81 -19.20
C HIS A 94 -5.76 12.07 -18.12
N PRO A 95 -5.89 13.32 -17.66
CA PRO A 95 -6.77 13.60 -16.53
C PRO A 95 -8.25 13.28 -16.73
N MET A 96 -8.82 13.54 -17.90
CA MET A 96 -10.27 13.34 -18.08
C MET A 96 -10.60 11.87 -17.90
N ASP A 97 -9.74 10.98 -18.38
CA ASP A 97 -9.95 9.53 -18.24
C ASP A 97 -9.96 9.21 -16.75
N ALA A 98 -9.12 9.87 -15.98
CA ALA A 98 -9.08 9.68 -14.52
C ALA A 98 -10.39 10.14 -13.88
N LEU A 99 -10.95 11.25 -14.35
CA LEU A 99 -12.21 11.78 -13.78
C LEU A 99 -13.31 10.77 -14.02
N GLN A 100 -13.31 10.16 -15.19
CA GLN A 100 -14.36 9.16 -15.51
C GLN A 100 -14.24 8.01 -14.51
N ALA A 101 -13.03 7.53 -14.33
CA ALA A 101 -12.81 6.38 -13.43
C ALA A 101 -13.20 6.79 -12.02
N SER A 102 -12.88 8.02 -11.66
CA SER A 102 -13.13 8.47 -10.28
C SER A 102 -14.63 8.57 -9.99
N ALA A 103 -15.40 9.12 -10.92
CA ALA A 103 -16.86 9.26 -10.72
C ALA A 103 -17.48 7.88 -10.60
N ALA A 104 -17.01 6.93 -11.40
CA ALA A 104 -17.53 5.55 -11.36
C ALA A 104 -17.23 4.93 -9.99
N ALA A 105 -16.05 5.22 -9.47
CA ALA A 105 -15.64 4.71 -8.14
C ALA A 105 -16.57 5.27 -7.06
N LEU A 106 -16.97 6.52 -7.20
CA LEU A 106 -17.77 7.18 -6.15
C LEU A 106 -19.06 6.37 -6.03
N GLY A 107 -19.56 5.89 -7.15
CA GLY A 107 -20.83 5.15 -7.15
C GLY A 107 -20.70 3.90 -6.31
N LEU A 108 -19.55 3.25 -6.36
CA LEU A 108 -19.41 1.97 -5.64
C LEU A 108 -19.61 2.24 -4.16
N PHE A 109 -19.05 3.33 -3.66
CA PHE A 109 -19.16 3.72 -2.23
C PHE A 109 -20.58 4.05 -1.80
N TYR A 110 -21.36 4.72 -2.65
CA TYR A 110 -22.67 5.25 -2.17
C TYR A 110 -23.81 4.31 -2.51
N SER A 111 -24.66 4.04 -1.51
CA SER A 111 -25.75 3.04 -1.66
C SER A 111 -26.79 3.43 -2.70
N ARG A 112 -27.21 2.47 -3.51
CA ARG A 112 -28.31 2.72 -4.48
C ARG A 112 -29.60 2.91 -3.69
N ARG A 113 -30.44 3.85 -4.10
CA ARG A 113 -31.73 4.07 -3.42
C ARG A 113 -32.77 4.43 -4.48
N ALA A 114 -34.05 4.20 -4.20
CA ALA A 114 -35.10 4.64 -5.14
C ALA A 114 -34.70 5.99 -5.72
N LEU A 115 -34.56 6.07 -7.05
CA LEU A 115 -34.10 7.32 -7.70
C LEU A 115 -35.23 8.35 -7.60
N ASP A 116 -36.46 7.86 -7.56
CA ASP A 116 -37.61 8.79 -7.41
C ASP A 116 -37.52 9.52 -6.07
N ASP A 117 -37.20 8.82 -5.00
CA ASP A 117 -37.26 9.47 -3.65
C ASP A 117 -36.43 10.75 -3.69
N PRO A 118 -36.92 11.83 -3.08
CA PRO A 118 -36.25 13.13 -3.11
C PRO A 118 -34.87 13.08 -2.44
N GLU A 119 -34.74 12.30 -1.38
CA GLU A 119 -33.48 12.30 -0.62
C GLU A 119 -32.31 11.87 -1.51
N TYR A 120 -32.50 10.86 -2.34
CA TYR A 120 -31.40 10.35 -3.19
C TYR A 120 -30.95 11.43 -4.18
N ILE A 121 -31.92 12.14 -4.75
CA ILE A 121 -31.57 13.16 -5.77
C ILE A 121 -30.73 14.25 -5.10
N ARG A 122 -31.15 14.71 -3.94
CA ARG A 122 -30.41 15.80 -3.25
C ARG A 122 -29.03 15.29 -2.84
N ALA A 123 -28.97 14.06 -2.35
CA ALA A 123 -27.70 13.53 -1.84
C ALA A 123 -26.66 13.42 -2.94
N ALA A 124 -27.08 12.91 -4.09
CA ALA A 124 -26.15 12.76 -5.22
C ALA A 124 -25.70 14.13 -5.69
N VAL A 125 -26.65 15.06 -5.76
CA VAL A 125 -26.28 16.38 -6.33
C VAL A 125 -25.22 17.00 -5.43
N VAL A 126 -25.43 16.91 -4.12
CA VAL A 126 -24.47 17.50 -3.16
C VAL A 126 -23.14 16.75 -3.22
N ARG A 127 -23.19 15.44 -3.23
CA ARG A 127 -21.93 14.65 -3.22
C ARG A 127 -21.17 14.84 -4.52
N LEU A 128 -21.87 14.75 -5.65
CA LEU A 128 -21.19 14.83 -6.95
C LEU A 128 -20.63 16.24 -7.18
N LEU A 129 -21.41 17.27 -6.87
CA LEU A 129 -20.89 18.63 -7.04
C LEU A 129 -19.73 18.85 -6.09
N ALA A 130 -19.87 18.40 -4.85
CA ALA A 130 -18.84 18.60 -3.81
C ALA A 130 -17.53 17.88 -4.10
N LYS A 131 -17.59 16.64 -4.60
CA LYS A 131 -16.39 15.81 -4.75
C LYS A 131 -15.71 15.88 -6.12
N ILE A 132 -16.43 16.19 -7.18
CA ILE A 132 -15.79 16.13 -8.53
C ILE A 132 -14.68 17.16 -8.57
N PRO A 133 -14.90 18.36 -8.01
CA PRO A 133 -13.86 19.37 -7.98
C PRO A 133 -12.64 18.92 -7.17
N THR A 134 -12.85 18.28 -6.03
CA THR A 134 -11.75 17.80 -5.16
C THR A 134 -10.94 16.73 -5.88
N MET A 135 -11.59 15.86 -6.65
CA MET A 135 -10.91 14.74 -7.34
C MET A 135 -10.04 15.23 -8.51
N VAL A 136 -10.47 16.27 -9.22
CA VAL A 136 -9.67 16.83 -10.34
C VAL A 136 -8.36 17.38 -9.79
N ALA A 137 -8.43 18.11 -8.69
CA ALA A 137 -7.23 18.68 -8.06
C ALA A 137 -6.31 17.60 -7.52
N ALA A 138 -6.88 16.56 -6.93
CA ALA A 138 -6.06 15.53 -6.28
C ALA A 138 -5.15 14.86 -7.31
N PHE A 139 -5.67 14.63 -8.51
CA PHE A 139 -4.85 13.95 -9.54
C PHE A 139 -3.66 14.84 -9.88
N GLN A 140 -3.86 16.14 -9.95
CA GLN A 140 -2.70 16.96 -10.37
C GLN A 140 -1.62 16.77 -9.32
N LEU A 141 -1.99 16.78 -8.05
CA LEU A 141 -1.00 16.58 -6.98
C LEU A 141 -0.41 15.16 -7.00
N ILE A 142 -1.23 14.14 -7.16
CA ILE A 142 -0.76 12.72 -7.11
C ILE A 142 0.17 12.45 -8.29
N ARG A 143 -0.13 13.03 -9.44
CA ARG A 143 0.65 12.79 -10.67
C ARG A 143 2.09 13.20 -10.42
N LYS A 144 2.30 14.28 -9.67
CA LYS A 144 3.66 14.80 -9.43
C LYS A 144 4.25 14.24 -8.14
N GLY A 145 3.55 13.32 -7.47
CA GLY A 145 4.05 12.67 -6.25
C GLY A 145 3.76 13.48 -5.02
N ASN A 146 3.04 14.57 -5.19
CA ASN A 146 2.68 15.46 -4.06
C ASN A 146 1.43 14.96 -3.34
N ASP A 147 1.26 15.35 -2.10
CA ASP A 147 0.08 14.93 -1.31
C ASP A 147 -1.09 15.82 -1.66
N PRO A 148 -2.30 15.25 -1.83
CA PRO A 148 -3.43 16.04 -2.24
C PRO A 148 -3.67 17.14 -1.21
N ILE A 149 -4.07 18.33 -1.65
CA ILE A 149 -4.34 19.45 -0.73
C ILE A 149 -5.79 19.35 -0.31
N GLN A 150 -6.04 19.11 0.96
CA GLN A 150 -7.42 18.89 1.47
C GLN A 150 -8.18 20.21 1.53
N PRO A 151 -9.51 20.17 1.39
CA PRO A 151 -10.31 21.38 1.34
C PRO A 151 -10.30 22.24 2.61
N ARG A 152 -10.35 23.56 2.44
CA ARG A 152 -10.41 24.48 3.60
C ARG A 152 -11.87 24.88 3.76
N ASP A 153 -12.44 24.66 4.94
CA ASP A 153 -13.89 24.89 5.15
C ASP A 153 -14.23 26.37 4.96
N GLU A 154 -13.35 27.26 5.37
CA GLU A 154 -13.62 28.72 5.28
C GLU A 154 -13.80 29.13 3.83
N LEU A 155 -13.01 28.59 2.92
CA LEU A 155 -13.03 29.04 1.50
C LEU A 155 -14.28 28.59 0.75
N ASP A 156 -14.71 29.38 -0.23
CA ASP A 156 -15.92 29.10 -1.04
C ASP A 156 -15.59 28.04 -2.07
N TYR A 157 -16.60 27.53 -2.78
CA TYR A 157 -16.40 26.38 -3.69
C TYR A 157 -15.38 26.67 -4.79
N ALA A 158 -15.48 27.82 -5.44
CA ALA A 158 -14.51 28.20 -6.49
C ALA A 158 -13.13 28.41 -5.90
N ALA A 159 -13.07 29.09 -4.77
CA ALA A 159 -11.80 29.37 -4.10
C ALA A 159 -11.12 28.08 -3.65
N ASN A 160 -11.88 27.14 -3.12
CA ASN A 160 -11.27 25.90 -2.59
C ASN A 160 -10.58 25.20 -3.76
N PHE A 161 -11.19 25.19 -4.94
CA PHE A 161 -10.59 24.45 -6.06
C PHE A 161 -9.25 25.06 -6.43
N LEU A 162 -9.21 26.39 -6.49
CA LEU A 162 -7.96 27.09 -6.85
C LEU A 162 -6.92 26.84 -5.78
N TYR A 163 -7.35 26.85 -4.52
CA TYR A 163 -6.42 26.60 -3.39
C TYR A 163 -5.88 25.18 -3.50
N MET A 164 -6.77 24.24 -3.81
CA MET A 164 -6.33 22.82 -3.83
C MET A 164 -5.28 22.61 -4.93
N LEU A 165 -5.45 23.22 -6.09
CA LEU A 165 -4.41 23.17 -7.15
C LEU A 165 -3.14 23.96 -6.81
N THR A 166 -3.26 25.16 -6.26
CA THR A 166 -2.08 26.04 -6.07
C THR A 166 -1.54 26.07 -4.65
N GLU A 167 -2.32 25.60 -3.68
CA GLU A 167 -1.95 25.64 -2.23
C GLU A 167 -1.83 27.11 -1.85
N ARG A 168 -2.50 27.96 -2.61
CA ARG A 168 -2.53 29.40 -2.28
C ARG A 168 -3.98 29.85 -2.29
N GLU A 169 -4.39 30.65 -1.31
CA GLU A 169 -5.76 31.19 -1.31
C GLU A 169 -5.86 32.26 -2.40
N PRO A 170 -6.88 32.18 -3.27
CA PRO A 170 -7.03 33.13 -4.35
C PRO A 170 -7.47 34.51 -3.88
N ASP A 171 -7.13 35.55 -4.62
CA ASP A 171 -7.69 36.88 -4.28
C ASP A 171 -9.20 36.74 -4.50
N PRO A 172 -10.02 37.34 -3.65
CA PRO A 172 -11.45 37.12 -3.75
C PRO A 172 -12.04 37.55 -5.10
N VAL A 173 -11.54 38.63 -5.68
CA VAL A 173 -12.05 39.10 -7.00
C VAL A 173 -11.78 38.04 -8.05
N ALA A 174 -10.60 37.42 -7.98
CA ALA A 174 -10.21 36.38 -8.97
C ALA A 174 -11.15 35.18 -8.87
N ALA A 175 -11.50 34.78 -7.65
CA ALA A 175 -12.41 33.63 -7.45
C ALA A 175 -13.78 33.94 -8.03
N ARG A 176 -14.24 35.19 -7.89
CA ARG A 176 -15.56 35.57 -8.44
C ARG A 176 -15.54 35.34 -9.94
N ILE A 177 -14.44 35.69 -10.60
CA ILE A 177 -14.34 35.52 -12.08
C ILE A 177 -14.45 34.03 -12.40
N PHE A 178 -13.80 33.19 -11.60
CA PHE A 178 -13.83 31.72 -11.83
C PHE A 178 -15.26 31.24 -11.65
N ASP A 179 -15.96 31.78 -10.66
CA ASP A 179 -17.35 31.35 -10.38
C ASP A 179 -18.21 31.69 -11.59
N ILE A 180 -18.00 32.87 -12.16
CA ILE A 180 -18.78 33.30 -13.34
C ILE A 180 -18.48 32.34 -14.49
N CYS A 181 -17.22 31.97 -14.63
CA CYS A 181 -16.82 31.11 -15.76
C CYS A 181 -17.54 29.78 -15.61
N LEU A 182 -17.63 29.26 -14.39
CA LEU A 182 -18.35 27.97 -14.12
C LEU A 182 -19.83 28.12 -14.45
N THR A 183 -20.43 29.25 -14.09
CA THR A 183 -21.88 29.48 -14.34
C THR A 183 -22.11 29.45 -15.85
N LEU A 184 -21.18 30.01 -16.62
CA LEU A 184 -21.32 30.08 -18.09
C LEU A 184 -21.35 28.69 -18.71
N HIS A 185 -20.55 27.77 -18.21
CA HIS A 185 -20.43 26.44 -18.84
C HIS A 185 -21.39 25.40 -18.26
N ALA A 186 -22.24 25.75 -17.32
CA ALA A 186 -23.08 24.74 -16.65
C ALA A 186 -24.11 24.05 -17.56
N GLU A 187 -24.83 24.80 -18.38
CA GLU A 187 -25.89 24.18 -19.22
C GLU A 187 -25.87 24.77 -20.63
N HIS A 188 -25.88 23.92 -21.67
CA HIS A 188 -26.03 24.41 -23.06
C HIS A 188 -26.93 23.46 -23.83
N THR A 189 -28.19 23.35 -23.44
CA THR A 189 -29.19 22.53 -24.16
C THR A 189 -28.72 21.08 -24.27
N ILE A 190 -29.05 20.43 -25.38
CA ILE A 190 -28.71 18.99 -25.54
C ILE A 190 -27.34 18.86 -26.16
N ASN A 191 -26.30 19.17 -25.39
CA ASN A 191 -24.91 18.95 -25.85
C ASN A 191 -24.70 17.45 -25.83
N ALA A 192 -23.69 16.96 -26.52
CA ALA A 192 -23.48 15.51 -26.62
C ALA A 192 -23.28 14.94 -25.22
N SER A 193 -22.60 15.68 -24.37
CA SER A 193 -22.34 15.20 -23.00
C SER A 193 -23.66 15.00 -22.27
N THR A 194 -24.58 15.94 -22.39
CA THR A 194 -25.92 15.82 -21.77
C THR A 194 -26.67 14.65 -22.40
N PHE A 195 -26.54 14.48 -23.71
CA PHE A 195 -27.31 13.43 -24.39
C PHE A 195 -26.86 12.07 -23.86
N SER A 196 -25.56 11.92 -23.66
CA SER A 196 -25.02 10.65 -23.14
C SER A 196 -25.60 10.42 -21.75
N ALA A 197 -25.64 11.49 -20.98
CA ALA A 197 -26.17 11.39 -19.61
C ALA A 197 -27.63 10.97 -19.71
N MET A 198 -28.35 11.55 -20.64
CA MET A 198 -29.79 11.24 -20.79
C MET A 198 -29.94 9.78 -21.20
N VAL A 199 -29.12 9.31 -22.13
CA VAL A 199 -29.26 7.91 -22.60
C VAL A 199 -28.95 6.97 -21.44
N THR A 200 -27.89 7.27 -20.70
CA THR A 200 -27.49 6.41 -19.55
C THR A 200 -28.61 6.47 -18.52
N ALA A 201 -29.16 7.64 -18.29
CA ALA A 201 -30.27 7.85 -17.35
C ALA A 201 -31.50 7.12 -17.87
N SER A 202 -31.62 6.95 -19.18
CA SER A 202 -32.85 6.36 -19.71
C SER A 202 -32.96 5.01 -19.03
N THR A 203 -31.86 4.28 -18.95
CA THR A 203 -31.87 3.08 -18.11
C THR A 203 -31.80 3.72 -16.73
N LEU A 204 -32.47 3.20 -15.71
CA LEU A 204 -32.48 3.94 -14.42
C LEU A 204 -31.21 3.65 -13.65
N THR A 205 -30.08 4.07 -14.19
CA THR A 205 -28.76 3.83 -13.57
C THR A 205 -28.44 4.89 -12.52
N ASP A 206 -27.42 4.63 -11.71
CA ASP A 206 -27.00 5.58 -10.66
C ASP A 206 -26.48 6.85 -11.31
N PRO A 207 -26.69 8.01 -10.68
CA PRO A 207 -26.30 9.27 -11.26
C PRO A 207 -24.79 9.29 -11.47
N TYR A 208 -24.06 8.62 -10.60
CA TYR A 208 -22.58 8.68 -10.68
C TYR A 208 -22.10 8.14 -12.03
N ALA A 209 -22.66 7.04 -12.48
CA ALA A 209 -22.32 6.45 -13.80
C ALA A 209 -22.74 7.39 -14.92
N VAL A 210 -23.88 8.05 -14.74
CA VAL A 210 -24.39 8.96 -15.80
C VAL A 210 -23.35 10.04 -15.98
N VAL A 211 -22.81 10.54 -14.88
CA VAL A 211 -21.75 11.59 -14.94
C VAL A 211 -20.51 10.99 -15.59
N ALA A 212 -20.18 9.76 -15.24
CA ALA A 212 -18.98 9.11 -15.79
C ALA A 212 -19.10 8.91 -17.30
N SER A 213 -20.26 8.46 -17.74
CA SER A 213 -20.49 8.23 -19.18
C SER A 213 -20.42 9.59 -19.87
N ALA A 214 -20.97 10.61 -19.24
CA ALA A 214 -20.95 11.98 -19.77
C ALA A 214 -19.51 12.50 -19.86
N VAL A 215 -18.67 12.18 -18.87
CA VAL A 215 -17.27 12.69 -18.83
C VAL A 215 -16.51 12.16 -20.05
N GLY A 216 -16.76 10.92 -20.44
CA GLY A 216 -16.10 10.37 -21.63
C GLY A 216 -16.48 11.11 -22.89
N THR A 217 -17.75 11.44 -23.03
CA THR A 217 -18.20 12.21 -24.20
C THR A 217 -17.52 13.58 -24.23
N LEU A 218 -17.42 14.26 -23.08
CA LEU A 218 -16.77 15.60 -22.99
C LEU A 218 -15.29 15.49 -23.35
N ALA A 219 -14.65 14.39 -22.99
CA ALA A 219 -13.21 14.20 -23.18
C ALA A 219 -12.84 14.32 -24.65
N GLY A 220 -13.70 13.84 -25.53
CA GLY A 220 -13.36 13.81 -26.96
C GLY A 220 -13.10 15.18 -27.51
N PRO A 221 -12.19 15.31 -28.49
CA PRO A 221 -11.80 16.63 -28.97
C PRO A 221 -12.96 17.43 -29.54
N LEU A 222 -13.88 16.77 -30.23
CA LEU A 222 -15.01 17.46 -30.88
C LEU A 222 -15.94 18.16 -29.87
N HIS A 223 -16.28 17.53 -28.73
CA HIS A 223 -17.10 18.23 -27.70
C HIS A 223 -16.39 19.39 -26.99
N GLY A 224 -15.11 19.23 -26.62
CA GLY A 224 -14.45 20.27 -25.81
C GLY A 224 -12.93 20.23 -25.86
N GLY A 225 -12.25 21.26 -25.34
CA GLY A 225 -10.78 21.24 -25.26
C GLY A 225 -10.02 22.02 -26.32
N ALA A 226 -10.70 22.83 -27.11
CA ALA A 226 -10.03 23.67 -28.13
C ALA A 226 -9.08 24.63 -27.41
N ASN A 227 -9.36 24.89 -26.14
CA ASN A 227 -8.57 25.87 -25.36
C ASN A 227 -7.10 25.47 -25.27
N GLU A 228 -6.80 24.20 -25.06
CA GLU A 228 -5.38 23.82 -24.86
C GLU A 228 -4.60 24.17 -26.13
N GLU A 229 -5.16 23.86 -27.29
CA GLU A 229 -4.50 24.19 -28.57
C GLU A 229 -4.41 25.70 -28.71
N VAL A 230 -5.44 26.43 -28.28
CA VAL A 230 -5.46 27.90 -28.50
C VAL A 230 -4.26 28.52 -27.80
N LEU A 231 -3.97 28.08 -26.58
CA LEU A 231 -2.76 28.60 -25.90
C LEU A 231 -1.56 28.14 -26.71
N ASP A 232 -1.63 26.92 -27.23
CA ASP A 232 -0.46 26.36 -27.96
C ASP A 232 -0.17 27.24 -29.17
N MET A 233 -1.20 27.67 -29.89
CA MET A 233 -1.00 28.52 -31.07
C MET A 233 -0.37 29.83 -30.60
N LEU A 234 -0.83 30.35 -29.48
CA LEU A 234 -0.34 31.68 -29.03
C LEU A 234 1.15 31.59 -28.78
N GLU A 235 1.59 30.51 -28.17
CA GLU A 235 3.03 30.35 -27.88
C GLU A 235 3.78 30.29 -29.21
N ALA A 236 3.19 29.62 -30.19
CA ALA A 236 3.87 29.46 -31.49
C ALA A 236 4.13 30.81 -32.16
N ILE A 237 3.16 31.74 -32.13
CA ILE A 237 3.47 33.03 -32.81
C ILE A 237 4.64 33.66 -32.07
N GLY A 238 4.58 33.71 -30.75
CA GLY A 238 5.72 34.16 -29.93
C GLY A 238 5.87 35.66 -29.86
N SER A 239 5.09 36.42 -30.62
CA SER A 239 5.26 37.89 -30.64
C SER A 239 4.04 38.59 -31.22
N VAL A 240 3.86 39.86 -30.90
CA VAL A 240 2.76 40.66 -31.53
C VAL A 240 3.09 40.77 -33.02
N GLU A 241 4.37 40.96 -33.33
CA GLU A 241 4.80 41.16 -34.74
C GLU A 241 4.48 39.94 -35.60
N ASN A 242 4.69 38.74 -35.07
CA ASN A 242 4.51 37.51 -35.87
C ASN A 242 3.01 37.27 -36.11
N VAL A 243 2.15 38.04 -35.45
CA VAL A 243 0.70 37.72 -35.55
C VAL A 243 0.25 37.83 -37.01
N GLU A 244 0.67 38.87 -37.72
CA GLU A 244 0.15 39.04 -39.09
C GLU A 244 0.59 37.86 -39.96
N PRO A 245 1.85 37.41 -39.88
CA PRO A 245 2.30 36.36 -40.77
C PRO A 245 1.57 35.03 -40.58
N TYR A 246 1.34 34.62 -39.33
CA TYR A 246 0.71 33.30 -39.08
C TYR A 246 -0.69 33.32 -39.66
N LEU A 247 -1.39 34.42 -39.41
CA LEU A 247 -2.79 34.52 -39.91
C LEU A 247 -2.76 34.48 -41.43
N ASP A 248 -1.79 35.20 -42.00
CA ASP A 248 -1.74 35.26 -43.48
C ASP A 248 -1.49 33.85 -43.99
N HIS A 249 -0.57 33.13 -43.36
CA HIS A 249 -0.29 31.73 -43.79
C HIS A 249 -1.52 30.88 -43.54
N CYS A 250 -2.17 31.08 -42.39
CA CYS A 250 -3.31 30.21 -42.05
C CYS A 250 -4.42 30.42 -43.06
N ILE A 251 -4.70 31.67 -43.43
CA ILE A 251 -5.69 31.91 -44.51
C ILE A 251 -5.11 31.33 -45.78
N ALA A 252 -3.82 31.55 -45.99
CA ALA A 252 -3.16 31.07 -47.22
C ALA A 252 -3.18 29.55 -47.34
N THR A 253 -2.90 28.87 -46.24
CA THR A 253 -2.77 27.39 -46.31
C THR A 253 -4.16 26.78 -46.19
N LYS A 254 -5.17 27.60 -45.90
CA LYS A 254 -6.53 27.08 -45.70
C LYS A 254 -6.60 26.51 -44.27
N THR A 255 -5.55 26.73 -43.48
CA THR A 255 -5.54 26.27 -42.07
C THR A 255 -6.55 27.12 -41.29
N ARG A 256 -7.13 26.57 -40.22
CA ARG A 256 -8.21 27.27 -39.48
C ARG A 256 -7.71 27.70 -38.10
N ILE A 257 -7.98 28.95 -37.71
CA ILE A 257 -7.51 29.45 -36.40
C ILE A 257 -8.25 28.67 -35.32
N MET A 258 -7.53 28.15 -34.33
CA MET A 258 -8.19 27.28 -33.33
C MET A 258 -9.24 28.00 -32.51
N GLY A 259 -8.94 29.17 -31.96
CA GLY A 259 -9.91 29.82 -31.07
C GLY A 259 -11.18 30.25 -31.78
N PHE A 260 -11.03 30.84 -32.95
CA PHE A 260 -12.18 31.38 -33.73
C PHE A 260 -13.03 30.27 -34.34
N GLY A 261 -14.31 30.55 -34.59
CA GLY A 261 -15.19 29.59 -35.25
C GLY A 261 -16.04 28.73 -34.34
N HIS A 262 -17.20 29.26 -33.91
CA HIS A 262 -18.13 28.42 -33.12
C HIS A 262 -19.34 28.07 -34.00
N ARG A 263 -19.60 26.77 -34.18
CA ARG A 263 -20.71 26.30 -35.06
C ARG A 263 -22.11 26.70 -34.57
N VAL A 264 -22.36 26.62 -33.26
CA VAL A 264 -23.75 26.80 -32.75
C VAL A 264 -24.33 28.19 -33.03
N TYR A 265 -23.56 29.27 -32.88
CA TYR A 265 -24.19 30.61 -33.01
C TYR A 265 -23.65 31.43 -34.18
N LYS A 266 -24.52 31.95 -35.06
CA LYS A 266 -24.05 32.90 -36.11
C LYS A 266 -23.53 34.17 -35.43
N VAL A 267 -24.24 34.64 -34.40
CA VAL A 267 -23.80 35.82 -33.59
C VAL A 267 -22.74 35.33 -32.59
N LYS A 268 -21.99 36.25 -32.00
CA LYS A 268 -21.00 35.85 -30.99
C LYS A 268 -21.76 35.22 -29.82
N ASP A 269 -21.19 34.16 -29.21
CA ASP A 269 -21.87 33.45 -28.10
C ASP A 269 -22.02 34.43 -26.95
N PRO A 270 -23.18 34.45 -26.29
CA PRO A 270 -23.41 35.40 -25.22
C PRO A 270 -22.35 35.14 -24.15
N ARG A 271 -21.97 33.87 -23.99
CA ARG A 271 -20.96 33.49 -22.97
C ARG A 271 -19.62 34.14 -23.30
N ALA A 272 -19.26 34.18 -24.58
CA ALA A 272 -17.96 34.72 -24.99
C ALA A 272 -17.85 36.20 -24.65
N VAL A 273 -18.92 36.96 -24.87
CA VAL A 273 -18.80 38.42 -24.65
C VAL A 273 -18.48 38.66 -23.19
N ILE A 274 -19.16 37.95 -22.30
CA ILE A 274 -18.93 38.11 -20.84
C ILE A 274 -17.51 37.68 -20.49
N LEU A 275 -17.05 36.60 -21.10
CA LEU A 275 -15.71 36.08 -20.77
C LEU A 275 -14.65 37.12 -21.15
N GLN A 276 -14.83 37.79 -22.29
CA GLN A 276 -13.81 38.76 -22.75
C GLN A 276 -13.74 39.89 -21.74
N ASN A 277 -14.89 40.33 -21.26
CA ASN A 277 -14.91 41.42 -20.25
C ASN A 277 -14.21 40.90 -19.00
N LEU A 278 -14.49 39.66 -18.64
CA LEU A 278 -13.90 39.08 -17.41
C LEU A 278 -12.39 38.98 -17.60
N ALA A 279 -11.94 38.55 -18.77
CA ALA A 279 -10.50 38.38 -19.01
C ALA A 279 -9.79 39.73 -18.94
N GLU A 280 -10.40 40.74 -19.53
CA GLU A 280 -9.74 42.06 -19.57
C GLU A 280 -9.60 42.55 -18.13
N GLN A 281 -10.64 42.37 -17.34
CA GLN A 281 -10.60 42.85 -15.95
C GLN A 281 -9.52 42.09 -15.19
N LEU A 282 -9.44 40.78 -15.37
CA LEU A 282 -8.45 39.99 -14.61
C LEU A 282 -7.04 40.41 -14.99
N PHE A 283 -6.80 40.57 -16.29
CA PHE A 283 -5.46 40.96 -16.77
C PHE A 283 -5.12 42.39 -16.33
N ASP A 284 -6.08 43.30 -16.38
CA ASP A 284 -5.72 44.66 -15.92
C ASP A 284 -5.37 44.65 -14.43
N ILE A 285 -6.18 44.00 -13.60
CA ILE A 285 -5.94 43.94 -12.13
C ILE A 285 -4.73 43.08 -11.76
N PHE A 286 -4.59 41.93 -12.38
CA PHE A 286 -3.54 40.97 -11.96
C PHE A 286 -2.36 40.96 -12.93
N GLY A 287 -2.37 41.88 -13.88
CA GLY A 287 -1.24 42.04 -14.81
C GLY A 287 -1.50 41.60 -16.23
N HIS A 288 -0.77 42.20 -17.16
CA HIS A 288 -0.89 41.85 -18.60
C HIS A 288 0.31 40.97 -18.88
N ASP A 289 0.09 39.81 -19.49
CA ASP A 289 1.20 38.85 -19.70
C ASP A 289 1.38 38.69 -21.19
N PRO A 290 2.52 38.20 -21.68
CA PRO A 290 2.78 38.18 -23.11
C PRO A 290 1.69 37.39 -23.85
N TYR A 291 1.24 36.29 -23.29
CA TYR A 291 0.26 35.45 -24.02
C TYR A 291 -0.98 36.31 -24.26
N TYR A 292 -1.36 37.12 -23.28
CA TYR A 292 -2.56 37.98 -23.41
C TYR A 292 -2.36 38.99 -24.53
N GLU A 293 -1.17 39.57 -24.62
CA GLU A 293 -0.91 40.61 -25.62
C GLU A 293 -1.07 40.01 -27.02
N ILE A 294 -0.55 38.81 -27.20
CA ILE A 294 -0.63 38.15 -28.53
C ILE A 294 -2.10 37.95 -28.84
N ALA A 295 -2.86 37.55 -27.82
CA ALA A 295 -4.30 37.29 -28.01
C ALA A 295 -5.06 38.56 -28.39
N VAL A 296 -4.72 39.69 -27.77
CA VAL A 296 -5.38 40.97 -28.14
C VAL A 296 -5.05 41.28 -29.59
N ALA A 297 -3.79 41.08 -29.96
CA ALA A 297 -3.37 41.32 -31.36
C ALA A 297 -4.08 40.34 -32.29
N VAL A 298 -4.17 39.09 -31.88
CA VAL A 298 -4.79 38.06 -32.76
C VAL A 298 -6.25 38.49 -32.95
N GLU A 299 -6.87 38.94 -31.87
CA GLU A 299 -8.29 39.35 -31.94
C GLU A 299 -8.38 40.53 -32.90
N LYS A 300 -7.44 41.48 -32.80
CA LYS A 300 -7.49 42.67 -33.66
C LYS A 300 -7.53 42.22 -35.12
N ALA A 301 -7.15 40.97 -35.36
CA ALA A 301 -7.08 40.42 -36.72
C ALA A 301 -8.42 39.80 -37.10
N ALA A 302 -9.40 39.84 -36.19
CA ALA A 302 -10.74 39.36 -36.60
C ALA A 302 -11.11 40.33 -37.69
N ALA A 303 -11.80 39.87 -38.74
CA ALA A 303 -11.93 40.82 -39.88
C ALA A 303 -13.18 41.70 -39.79
N SER A 307 -12.98 41.34 -46.47
CA SER A 307 -13.89 40.17 -46.45
C SER A 307 -14.70 40.13 -45.15
N HIS A 308 -14.10 40.43 -43.99
CA HIS A 308 -14.94 40.49 -42.77
C HIS A 308 -15.62 39.13 -42.56
N LYS A 309 -16.95 39.12 -42.43
CA LYS A 309 -17.74 37.87 -42.34
C LYS A 309 -18.03 37.35 -40.93
N GLY A 310 -18.72 36.22 -40.85
CA GLY A 310 -19.23 35.64 -39.59
C GLY A 310 -18.24 35.18 -38.54
N ILE A 311 -17.11 34.61 -38.92
CA ILE A 311 -16.27 33.96 -37.88
C ILE A 311 -15.88 34.97 -36.81
N TYR A 312 -15.98 34.55 -35.55
CA TYR A 312 -15.65 35.43 -34.40
C TYR A 312 -14.99 34.52 -33.37
N PRO A 313 -14.31 35.08 -32.35
CA PRO A 313 -13.62 34.26 -31.36
C PRO A 313 -14.62 33.51 -30.47
N ASN A 314 -14.29 32.25 -30.13
CA ASN A 314 -15.22 31.39 -29.34
C ASN A 314 -14.83 31.39 -27.86
N VAL A 315 -15.70 30.86 -27.01
CA VAL A 315 -15.50 30.92 -25.53
C VAL A 315 -14.16 30.28 -25.20
N ASP A 316 -13.80 29.25 -25.93
CA ASP A 316 -12.56 28.51 -25.62
C ASP A 316 -11.39 29.49 -25.66
N PHE A 317 -11.39 30.45 -26.57
CA PHE A 317 -10.21 31.34 -26.69
C PHE A 317 -10.01 32.14 -25.40
N TYR A 318 -11.08 32.72 -24.89
CA TYR A 318 -11.03 33.50 -23.63
C TYR A 318 -10.82 32.65 -22.39
N SER A 319 -11.48 31.49 -22.32
CA SER A 319 -11.46 30.68 -21.07
C SER A 319 -10.06 30.21 -20.71
N GLY A 320 -9.30 29.75 -21.69
CA GLY A 320 -7.96 29.21 -21.41
C GLY A 320 -7.08 30.29 -20.86
N LEU A 321 -7.23 31.48 -21.41
CA LEU A 321 -6.39 32.61 -20.97
C LEU A 321 -6.70 32.90 -19.52
N VAL A 322 -7.98 32.91 -19.15
CA VAL A 322 -8.35 33.23 -17.75
C VAL A 322 -7.82 32.12 -16.85
N TYR A 323 -7.95 30.88 -17.30
CA TYR A 323 -7.54 29.73 -16.48
C TYR A 323 -6.02 29.78 -16.24
N ARG A 324 -5.25 30.11 -17.25
CA ARG A 324 -3.77 30.11 -17.08
C ARG A 324 -3.39 31.15 -16.05
N LYS A 325 -4.02 32.32 -16.07
CA LYS A 325 -3.76 33.40 -15.09
C LYS A 325 -4.17 32.93 -13.70
N LEU A 326 -5.28 32.19 -13.61
CA LEU A 326 -5.81 31.71 -12.30
C LEU A 326 -4.90 30.64 -11.73
N GLY A 327 -3.99 30.11 -12.54
CA GLY A 327 -3.06 29.05 -12.10
C GLY A 327 -3.51 27.67 -12.50
N ILE A 328 -4.57 27.57 -13.27
CA ILE A 328 -5.07 26.26 -13.75
C ILE A 328 -4.15 25.74 -14.84
N PRO A 329 -3.73 24.47 -14.78
CA PRO A 329 -2.91 23.85 -15.83
C PRO A 329 -3.69 23.54 -17.11
N SER A 330 -3.01 23.44 -18.24
CA SER A 330 -3.67 23.22 -19.55
C SER A 330 -4.41 21.89 -19.58
N ASP A 331 -3.83 20.86 -18.99
CA ASP A 331 -4.43 19.50 -18.99
C ASP A 331 -5.77 19.51 -18.27
N LEU A 332 -5.94 20.35 -17.25
CA LEU A 332 -7.18 20.34 -16.43
C LEU A 332 -8.28 21.25 -17.01
N PHE A 333 -8.05 21.92 -18.14
CA PHE A 333 -9.06 22.87 -18.65
C PHE A 333 -10.38 22.18 -19.02
N THR A 334 -10.32 21.03 -19.69
CA THR A 334 -11.53 20.28 -20.05
C THR A 334 -12.18 19.79 -18.77
N PRO A 335 -11.39 19.35 -17.78
CA PRO A 335 -11.92 18.93 -16.49
C PRO A 335 -12.65 20.05 -15.73
N VAL A 336 -12.18 21.29 -15.81
CA VAL A 336 -12.88 22.44 -15.20
C VAL A 336 -14.25 22.57 -15.87
N PHE A 337 -14.31 22.33 -17.17
CA PHE A 337 -15.60 22.39 -17.89
C PHE A 337 -16.54 21.36 -17.29
N ALA A 338 -16.01 20.19 -16.97
CA ALA A 338 -16.83 19.11 -16.37
C ALA A 338 -17.39 19.57 -15.02
N ILE A 339 -16.59 20.28 -14.25
CA ILE A 339 -17.05 20.67 -12.90
C ILE A 339 -18.29 21.53 -13.09
N ALA A 340 -18.27 22.45 -14.04
CA ALA A 340 -19.46 23.27 -14.37
C ALA A 340 -20.57 22.47 -15.03
N ARG A 341 -20.26 21.59 -15.96
CA ARG A 341 -21.34 20.91 -16.73
C ARG A 341 -22.11 19.91 -15.87
N VAL A 342 -21.52 19.43 -14.80
CA VAL A 342 -22.18 18.40 -13.96
C VAL A 342 -23.55 18.91 -13.57
N ALA A 343 -23.66 20.21 -13.37
CA ALA A 343 -24.93 20.81 -12.93
C ALA A 343 -26.02 20.51 -13.94
N GLY A 344 -25.77 20.86 -15.18
CA GLY A 344 -26.74 20.60 -16.26
C GLY A 344 -27.00 19.14 -16.40
N TRP A 345 -25.96 18.34 -16.28
CA TRP A 345 -26.11 16.88 -16.46
C TRP A 345 -27.05 16.35 -15.38
N LEU A 346 -26.87 16.80 -14.15
CA LEU A 346 -27.74 16.37 -13.03
C LEU A 346 -29.16 16.87 -13.27
N ALA A 347 -29.30 18.10 -13.74
CA ALA A 347 -30.63 18.69 -13.97
C ALA A 347 -31.34 17.87 -15.03
N HIS A 348 -30.62 17.53 -16.08
CA HIS A 348 -31.19 16.70 -17.17
C HIS A 348 -31.54 15.32 -16.60
N TRP A 349 -30.71 14.81 -15.71
CA TRP A 349 -30.94 13.47 -15.13
C TRP A 349 -32.26 13.46 -14.35
N LYS A 350 -32.53 14.52 -13.60
CA LYS A 350 -33.81 14.61 -12.84
C LYS A 350 -34.97 14.69 -13.82
N GLU A 351 -34.81 15.45 -14.91
CA GLU A 351 -35.91 15.63 -15.89
C GLU A 351 -36.23 14.30 -16.58
N GLN A 352 -35.22 13.52 -16.92
CA GLN A 352 -35.46 12.25 -17.63
C GLN A 352 -36.28 11.36 -16.71
N LEU A 353 -35.98 11.41 -15.42
CA LEU A 353 -36.67 10.55 -14.42
C LEU A 353 -38.15 10.87 -14.33
N ASN A 354 -38.55 12.14 -14.41
CA ASN A 354 -39.97 12.46 -14.15
C ASN A 354 -40.79 11.68 -15.15
N GLU A 355 -40.41 11.69 -16.42
CA GLU A 355 -41.06 10.80 -17.39
C GLU A 355 -39.91 10.12 -18.11
N ASN A 356 -39.82 8.81 -18.02
CA ASN A 356 -38.60 8.21 -18.63
C ASN A 356 -38.99 7.12 -19.62
N ARG A 357 -38.44 7.21 -20.81
CA ARG A 357 -38.61 6.13 -21.78
C ARG A 357 -37.19 5.74 -22.15
N ILE A 358 -36.88 4.45 -22.14
CA ILE A 358 -35.48 4.08 -22.43
C ILE A 358 -35.23 4.58 -23.84
N PHE A 359 -34.05 5.13 -24.08
CA PHE A 359 -33.82 5.70 -25.42
C PHE A 359 -33.40 4.52 -26.27
N ARG A 360 -34.29 4.06 -27.15
CA ARG A 360 -33.90 3.01 -28.10
C ARG A 360 -34.23 3.54 -29.49
N PRO A 361 -33.21 3.88 -30.28
CA PRO A 361 -33.40 4.39 -31.62
C PRO A 361 -33.43 3.24 -32.64
N THR A 362 -33.43 3.57 -33.92
CA THR A 362 -33.50 2.55 -34.99
C THR A 362 -32.42 2.86 -36.02
N GLN A 363 -32.19 1.91 -36.93
CA GLN A 363 -31.11 2.07 -37.91
C GLN A 363 -31.66 1.95 -39.32
N ILE A 364 -30.93 2.49 -40.30
CA ILE A 364 -31.29 2.24 -41.72
C ILE A 364 -30.30 1.14 -42.08
N TYR A 365 -30.76 -0.01 -42.55
CA TYR A 365 -29.83 -1.16 -42.74
C TYR A 365 -29.20 -1.15 -44.13
N THR A 366 -27.88 -1.07 -44.17
CA THR A 366 -27.13 -1.06 -45.44
C THR A 366 -26.61 -2.48 -45.65
N GLY A 367 -26.99 -3.40 -44.76
CA GLY A 367 -26.46 -4.77 -44.77
C GLY A 367 -27.06 -5.81 -45.68
N SER A 368 -26.36 -6.94 -45.81
CA SER A 368 -26.83 -8.10 -46.59
C SER A 368 -27.86 -8.90 -45.79
N HIS A 369 -28.57 -9.82 -46.43
CA HIS A 369 -29.55 -10.69 -45.74
C HIS A 369 -29.46 -12.14 -46.19
N ASN A 370 -29.81 -13.09 -45.33
CA ASN A 370 -29.91 -14.53 -45.68
C ASN A 370 -28.59 -15.11 -46.18
N LEU A 371 -27.47 -14.60 -45.70
CA LEU A 371 -26.18 -15.21 -46.06
C LEU A 371 -26.07 -16.53 -45.31
N ASP A 372 -25.33 -17.49 -45.84
CA ASP A 372 -25.17 -18.81 -45.20
C ASP A 372 -23.75 -18.88 -44.64
N TYR A 373 -23.58 -19.45 -43.45
CA TYR A 373 -22.24 -19.41 -42.83
C TYR A 373 -21.26 -20.12 -43.75
N THR A 374 -20.12 -19.47 -43.99
CA THR A 374 -19.10 -20.07 -44.86
C THR A 374 -18.23 -20.94 -43.98
N PRO A 375 -17.94 -22.19 -44.38
CA PRO A 375 -17.16 -23.09 -43.58
C PRO A 375 -15.70 -22.64 -43.62
N ILE A 376 -14.84 -23.25 -42.82
CA ILE A 376 -13.41 -22.85 -42.73
C ILE A 376 -12.81 -23.07 -44.11
N ALA A 377 -13.54 -23.78 -44.98
CA ALA A 377 -13.11 -24.02 -46.37
C ALA A 377 -12.96 -22.65 -47.03
N ASP A 378 -13.69 -21.66 -46.52
CA ASP A 378 -13.64 -20.31 -47.09
C ASP A 378 -12.21 -19.79 -47.07
N ARG A 379 -11.82 -19.14 -48.15
CA ARG A 379 -10.46 -18.57 -48.27
C ARG A 379 -10.61 -17.26 -49.01
N ASP A 380 -9.63 -16.35 -48.91
CA ASP A 380 -9.67 -15.12 -49.72
C ASP A 380 -11.05 -14.98 -50.38
N ALA B 3 -42.12 21.33 -37.56
CA ALA B 3 -42.60 19.98 -37.94
C ALA B 3 -42.89 19.14 -36.72
N VAL B 4 -42.61 19.66 -35.52
CA VAL B 4 -42.85 18.74 -34.38
C VAL B 4 -44.35 18.44 -34.34
N SER B 5 -44.73 17.18 -34.20
CA SER B 5 -46.16 16.86 -33.96
C SER B 5 -46.13 16.02 -32.70
N GLU B 6 -46.84 16.42 -31.65
CA GLU B 6 -46.68 15.60 -30.43
C GLU B 6 -45.18 15.57 -30.25
N PHE B 7 -44.61 14.39 -30.01
CA PHE B 7 -43.12 14.23 -30.01
C PHE B 7 -42.85 12.75 -30.21
N ARG B 8 -41.64 12.37 -30.60
CA ARG B 8 -41.35 10.91 -30.62
C ARG B 8 -40.53 10.69 -29.35
N PRO B 9 -40.98 9.86 -28.42
CA PRO B 9 -40.31 9.73 -27.14
C PRO B 9 -39.40 8.50 -27.06
N GLY B 10 -38.16 8.71 -26.61
CA GLY B 10 -37.18 7.61 -26.60
C GLY B 10 -36.57 7.45 -27.95
N LEU B 11 -36.83 8.38 -28.85
CA LEU B 11 -36.32 8.30 -30.24
C LEU B 11 -36.84 7.00 -30.84
N GLU B 12 -38.09 6.66 -30.50
CA GLU B 12 -38.71 5.44 -31.04
C GLU B 12 -38.95 5.62 -32.53
N GLY B 13 -38.48 4.67 -33.33
CA GLY B 13 -38.65 4.75 -34.79
C GLY B 13 -37.84 5.84 -35.43
N VAL B 14 -36.91 6.44 -34.70
CA VAL B 14 -36.03 7.45 -35.34
C VAL B 14 -34.72 6.78 -35.67
N PRO B 15 -34.31 6.78 -36.95
CA PRO B 15 -33.05 6.19 -37.33
C PRO B 15 -31.92 7.10 -36.82
N ALA B 16 -30.91 6.52 -36.21
CA ALA B 16 -29.77 7.33 -35.72
C ALA B 16 -28.54 7.08 -36.59
N THR B 17 -28.54 6.00 -37.36
CA THR B 17 -27.34 5.65 -38.12
C THR B 17 -27.66 4.76 -39.29
N LEU B 18 -26.72 4.63 -40.22
CA LEU B 18 -26.87 3.62 -41.27
C LEU B 18 -25.80 2.57 -40.93
N SER B 19 -26.19 1.31 -40.71
CA SER B 19 -25.18 0.31 -40.30
C SER B 19 -25.40 -1.02 -41.01
N SER B 20 -24.31 -1.75 -41.20
CA SER B 20 -24.39 -3.09 -41.82
C SER B 20 -24.17 -4.17 -40.76
N ILE B 21 -23.94 -3.79 -39.51
CA ILE B 21 -23.56 -4.81 -38.47
C ILE B 21 -24.64 -5.84 -38.15
N SER B 22 -25.89 -5.44 -37.97
CA SER B 22 -26.89 -6.44 -37.51
C SER B 22 -28.30 -6.13 -37.99
N PHE B 23 -29.12 -7.17 -38.16
CA PHE B 23 -30.55 -6.95 -38.50
C PHE B 23 -31.47 -7.73 -37.56
N VAL B 24 -32.43 -7.07 -36.93
CA VAL B 24 -33.46 -7.75 -36.11
C VAL B 24 -34.80 -7.38 -36.73
N ASP B 25 -35.53 -8.35 -37.28
CA ASP B 25 -36.77 -7.96 -37.98
C ASP B 25 -37.83 -7.43 -37.03
N GLY B 26 -38.05 -8.13 -35.92
CA GLY B 26 -39.18 -7.72 -35.07
C GLY B 26 -40.40 -8.30 -35.77
N GLN B 27 -41.54 -8.47 -35.11
CA GLN B 27 -42.70 -8.98 -35.88
C GLN B 27 -42.37 -10.43 -36.25
N ARG B 28 -41.26 -10.62 -36.98
CA ARG B 28 -40.77 -11.98 -37.26
C ARG B 28 -39.42 -12.01 -36.57
N GLY B 29 -39.10 -13.07 -35.84
CA GLY B 29 -37.85 -13.01 -35.07
C GLY B 29 -36.66 -13.42 -35.91
N VAL B 30 -36.01 -12.42 -36.50
CA VAL B 30 -34.79 -12.71 -37.28
C VAL B 30 -33.64 -11.94 -36.67
N LEU B 31 -32.53 -12.63 -36.39
CA LEU B 31 -31.34 -11.90 -35.93
C LEU B 31 -30.26 -12.31 -36.90
N GLU B 32 -29.68 -11.32 -37.57
CA GLU B 32 -28.58 -11.61 -38.50
C GLU B 32 -27.38 -10.77 -38.09
N TYR B 33 -26.22 -11.39 -37.97
CA TYR B 33 -25.01 -10.60 -37.71
C TYR B 33 -24.28 -10.56 -39.05
N ARG B 34 -24.14 -9.38 -39.62
CA ARG B 34 -23.50 -9.25 -40.95
C ARG B 34 -24.24 -10.15 -41.94
N GLY B 35 -25.55 -10.22 -41.84
CA GLY B 35 -26.36 -10.99 -42.79
C GLY B 35 -26.45 -12.47 -42.48
N ILE B 36 -25.88 -12.91 -41.37
CA ILE B 36 -25.86 -14.36 -41.05
C ILE B 36 -26.80 -14.62 -39.88
N SER B 37 -27.57 -15.70 -39.98
CA SER B 37 -28.57 -16.03 -38.95
C SER B 37 -27.88 -16.29 -37.62
N ILE B 38 -28.52 -15.90 -36.54
CA ILE B 38 -27.95 -16.16 -35.19
C ILE B 38 -27.84 -17.67 -35.05
N GLU B 39 -28.82 -18.40 -35.57
CA GLU B 39 -28.82 -19.86 -35.39
C GLU B 39 -27.58 -20.49 -36.02
N GLN B 40 -27.16 -20.01 -37.18
CA GLN B 40 -26.01 -20.62 -37.87
C GLN B 40 -24.73 -20.22 -37.15
N LEU B 41 -24.62 -18.97 -36.70
CA LEU B 41 -23.46 -18.54 -35.90
C LEU B 41 -23.41 -19.31 -34.58
N ALA B 42 -24.57 -19.53 -33.96
CA ALA B 42 -24.63 -20.22 -32.65
C ALA B 42 -24.10 -21.64 -32.77
N GLN B 43 -24.32 -22.28 -33.90
CA GLN B 43 -23.72 -23.61 -34.10
C GLN B 43 -22.68 -23.45 -35.20
N GLN B 44 -21.45 -23.88 -34.99
CA GLN B 44 -20.33 -23.71 -35.96
C GLN B 44 -19.58 -22.39 -35.79
N SER B 45 -19.95 -21.51 -34.85
CA SER B 45 -19.12 -20.29 -34.72
C SER B 45 -18.62 -20.01 -33.30
N SER B 46 -17.35 -19.67 -33.17
CA SER B 46 -16.79 -19.20 -31.88
C SER B 46 -17.26 -17.78 -31.63
N PHE B 47 -17.31 -17.34 -30.38
CA PHE B 47 -17.65 -15.93 -30.09
C PHE B 47 -16.58 -15.06 -30.73
N LEU B 48 -15.33 -15.50 -30.65
CA LEU B 48 -14.22 -14.69 -31.20
C LEU B 48 -14.39 -14.61 -32.71
N GLU B 49 -14.92 -15.66 -33.33
CA GLU B 49 -15.26 -15.56 -34.76
C GLU B 49 -16.33 -14.51 -34.96
N THR B 50 -17.41 -14.61 -34.19
CA THR B 50 -18.55 -13.69 -34.38
C THR B 50 -18.03 -12.26 -34.20
N ALA B 51 -17.14 -12.07 -33.25
CA ALA B 51 -16.59 -10.73 -32.96
C ALA B 51 -15.82 -10.20 -34.16
N TYR B 52 -15.03 -11.04 -34.79
CA TYR B 52 -14.26 -10.61 -35.97
C TYR B 52 -15.25 -10.21 -37.04
N LEU B 53 -16.29 -11.01 -37.20
CA LEU B 53 -17.25 -10.73 -38.29
C LEU B 53 -17.89 -9.38 -38.03
N LEU B 54 -18.31 -9.17 -36.79
CA LEU B 54 -19.02 -7.90 -36.52
C LEU B 54 -18.11 -6.71 -36.74
N ILE B 55 -16.89 -6.75 -36.20
CA ILE B 55 -15.97 -5.58 -36.29
C ILE B 55 -15.49 -5.31 -37.71
N TRP B 56 -15.08 -6.35 -38.42
CA TRP B 56 -14.46 -6.14 -39.76
C TRP B 56 -15.39 -6.57 -40.90
N GLY B 57 -16.50 -7.24 -40.59
CA GLY B 57 -17.51 -7.53 -41.63
C GLY B 57 -17.20 -8.72 -42.51
N HIS B 58 -16.15 -9.45 -42.22
CA HIS B 58 -15.90 -10.69 -43.00
C HIS B 58 -15.58 -11.84 -42.06
N LEU B 59 -16.06 -13.03 -42.38
CA LEU B 59 -15.72 -14.21 -41.57
C LEU B 59 -14.22 -14.42 -41.68
N PRO B 60 -13.51 -14.75 -40.60
CA PRO B 60 -12.04 -14.84 -40.64
C PRO B 60 -11.40 -16.03 -41.33
N THR B 61 -10.26 -15.82 -41.97
CA THR B 61 -9.49 -16.95 -42.56
C THR B 61 -8.88 -17.69 -41.38
N GLN B 62 -8.54 -18.96 -41.55
CA GLN B 62 -8.05 -19.74 -40.39
C GLN B 62 -6.79 -19.01 -39.90
N GLN B 63 -5.99 -18.51 -40.83
CA GLN B 63 -4.79 -17.77 -40.43
C GLN B 63 -5.21 -16.54 -39.65
N GLU B 64 -6.23 -15.83 -40.12
CA GLU B 64 -6.61 -14.57 -39.44
C GLU B 64 -7.12 -14.89 -38.03
N LEU B 65 -7.94 -15.93 -37.89
CA LEU B 65 -8.54 -16.24 -36.56
C LEU B 65 -7.43 -16.63 -35.59
N THR B 66 -6.47 -17.41 -36.08
CA THR B 66 -5.43 -17.91 -35.15
C THR B 66 -4.66 -16.72 -34.61
N GLU B 67 -4.34 -15.78 -35.48
CA GLU B 67 -3.58 -14.59 -35.03
C GLU B 67 -4.46 -13.83 -34.03
N PHE B 68 -5.74 -13.70 -34.33
CA PHE B 68 -6.63 -12.91 -33.44
C PHE B 68 -6.69 -13.57 -32.07
N GLU B 69 -6.90 -14.88 -32.06
CA GLU B 69 -7.06 -15.58 -30.77
C GLU B 69 -5.76 -15.53 -29.99
N HIS B 70 -4.64 -15.71 -30.68
CA HIS B 70 -3.32 -15.72 -30.00
C HIS B 70 -3.08 -14.36 -29.38
N GLU B 71 -3.44 -13.32 -30.12
CA GLU B 71 -3.22 -11.95 -29.62
C GLU B 71 -4.04 -11.74 -28.36
N ILE B 72 -5.29 -12.23 -28.35
CA ILE B 72 -6.18 -12.03 -27.18
C ILE B 72 -5.59 -12.74 -25.96
N ARG B 73 -5.07 -13.94 -26.15
CA ARG B 73 -4.50 -14.73 -25.03
C ARG B 73 -3.29 -13.97 -24.46
N TYR B 74 -2.52 -13.32 -25.33
CA TYR B 74 -1.31 -12.57 -24.91
C TYR B 74 -1.65 -11.39 -24.00
N HIS B 75 -2.74 -10.68 -24.26
CA HIS B 75 -3.06 -9.46 -23.49
C HIS B 75 -4.08 -9.76 -22.38
N ARG B 76 -4.39 -11.03 -22.15
CA ARG B 76 -5.43 -11.43 -21.17
C ARG B 76 -5.05 -11.02 -19.74
N ARG B 77 -3.78 -11.11 -19.39
CA ARG B 77 -3.31 -10.68 -18.06
C ARG B 77 -3.48 -9.16 -17.94
N ILE B 78 -3.72 -8.69 -16.72
CA ILE B 78 -3.99 -7.25 -16.48
C ILE B 78 -2.87 -6.69 -15.60
N LYS B 79 -2.55 -5.41 -15.76
CA LYS B 79 -1.45 -4.76 -15.01
C LYS B 79 -1.76 -4.70 -13.51
N PHE B 80 -0.74 -4.77 -12.68
CA PHE B 80 -0.89 -4.78 -11.21
C PHE B 80 -1.56 -3.51 -10.71
N ARG B 81 -1.25 -2.38 -11.31
CA ARG B 81 -1.78 -1.11 -10.77
C ARG B 81 -3.31 -1.14 -10.85
N ILE B 82 -3.86 -1.68 -11.92
CA ILE B 82 -5.35 -1.80 -12.08
C ILE B 82 -5.89 -2.73 -11.00
N ARG B 83 -5.19 -3.84 -10.75
CA ARG B 83 -5.61 -4.81 -9.71
C ARG B 83 -5.57 -4.14 -8.35
N ASP B 84 -4.53 -3.37 -8.10
CA ASP B 84 -4.38 -2.67 -6.82
C ASP B 84 -5.54 -1.69 -6.68
N MET B 85 -5.94 -1.06 -7.78
CA MET B 85 -7.07 -0.12 -7.76
C MET B 85 -8.33 -0.86 -7.35
N MET B 86 -8.53 -2.05 -7.89
CA MET B 86 -9.72 -2.88 -7.58
C MET B 86 -9.66 -3.23 -6.10
N LYS B 87 -8.47 -3.47 -5.58
CA LYS B 87 -8.28 -3.76 -4.14
C LYS B 87 -8.72 -2.54 -3.35
N CYS B 88 -8.64 -1.36 -3.94
CA CYS B 88 -9.03 -0.11 -3.25
C CYS B 88 -10.55 0.07 -3.38
N PHE B 89 -11.15 -0.64 -4.33
CA PHE B 89 -12.61 -0.57 -4.55
C PHE B 89 -13.32 -1.12 -3.32
N PRO B 90 -14.44 -0.53 -2.90
CA PRO B 90 -15.10 -0.98 -1.71
C PRO B 90 -15.62 -2.41 -1.88
N ASP B 91 -15.43 -3.24 -0.86
CA ASP B 91 -16.05 -4.58 -0.90
C ASP B 91 -17.53 -4.27 -0.80
N SER B 92 -18.37 -5.01 -1.49
CA SER B 92 -19.83 -4.70 -1.51
C SER B 92 -20.09 -3.63 -2.55
N GLY B 93 -19.06 -3.18 -3.24
CA GLY B 93 -19.29 -2.25 -4.36
C GLY B 93 -19.99 -3.01 -5.46
N HIS B 94 -20.87 -2.36 -6.22
CA HIS B 94 -21.62 -3.09 -7.27
C HIS B 94 -20.65 -3.55 -8.34
N PRO B 95 -20.80 -4.77 -8.87
CA PRO B 95 -19.88 -5.30 -9.85
C PRO B 95 -19.86 -4.51 -11.17
N MET B 96 -21.01 -4.07 -11.64
CA MET B 96 -21.10 -3.31 -12.91
C MET B 96 -20.46 -1.92 -12.82
N ASP B 97 -20.65 -1.23 -11.70
CA ASP B 97 -20.00 0.09 -11.49
C ASP B 97 -18.48 -0.09 -11.48
N ALA B 98 -18.02 -1.19 -10.87
CA ALA B 98 -16.59 -1.48 -10.81
C ALA B 98 -16.04 -1.67 -12.22
N LEU B 99 -16.80 -2.30 -13.08
CA LEU B 99 -16.36 -2.52 -14.48
C LEU B 99 -16.17 -1.15 -15.15
N GLN B 100 -17.06 -0.21 -14.87
CA GLN B 100 -16.94 1.09 -15.56
C GLN B 100 -15.63 1.74 -15.15
N ALA B 101 -15.31 1.67 -13.87
CA ALA B 101 -14.05 2.27 -13.38
C ALA B 101 -12.85 1.54 -13.96
N SER B 102 -12.92 0.22 -14.01
CA SER B 102 -11.82 -0.58 -14.54
C SER B 102 -11.62 -0.27 -16.02
N ALA B 103 -12.70 -0.18 -16.78
CA ALA B 103 -12.62 0.09 -18.23
C ALA B 103 -12.05 1.48 -18.49
N ALA B 104 -12.49 2.46 -17.71
CA ALA B 104 -11.97 3.82 -17.88
C ALA B 104 -10.48 3.86 -17.56
N ALA B 105 -10.09 3.15 -16.51
CA ALA B 105 -8.69 3.14 -16.07
C ALA B 105 -7.81 2.52 -17.15
N LEU B 106 -8.32 1.52 -17.85
CA LEU B 106 -7.47 0.80 -18.83
C LEU B 106 -6.98 1.83 -19.83
N GLY B 107 -7.81 2.80 -20.19
CA GLY B 107 -7.43 3.85 -21.14
C GLY B 107 -6.28 4.69 -20.62
N LEU B 108 -6.17 4.83 -19.32
CA LEU B 108 -5.15 5.71 -18.74
C LEU B 108 -3.77 5.20 -19.15
N PHE B 109 -3.59 3.89 -19.20
CA PHE B 109 -2.29 3.41 -19.68
C PHE B 109 -2.29 3.15 -21.19
N TYR B 110 -3.20 2.30 -21.65
CA TYR B 110 -3.25 1.89 -23.08
C TYR B 110 -3.65 3.05 -23.99
N SER B 111 -4.60 3.87 -23.56
CA SER B 111 -5.08 5.02 -24.37
C SER B 111 -4.02 6.12 -24.34
N ARG B 112 -4.22 7.18 -25.13
CA ARG B 112 -3.21 8.25 -25.23
C ARG B 112 -2.22 7.75 -26.27
N ARG B 113 -2.50 6.58 -26.82
CA ARG B 113 -1.72 6.10 -27.96
C ARG B 113 -2.59 6.45 -29.15
N ALA B 114 -3.17 7.65 -29.15
CA ALA B 114 -4.19 7.95 -30.18
C ALA B 114 -3.60 8.55 -31.45
N LEU B 115 -3.51 7.76 -32.52
CA LEU B 115 -3.10 8.31 -33.83
C LEU B 115 -4.18 7.92 -34.86
N ASP B 116 -5.15 7.11 -34.46
CA ASP B 116 -6.22 6.62 -35.37
C ASP B 116 -5.60 5.81 -36.53
N ASP B 117 -4.51 5.08 -36.30
CA ASP B 117 -3.88 4.18 -37.32
C ASP B 117 -4.74 2.92 -37.45
N PRO B 118 -4.59 2.11 -38.52
CA PRO B 118 -5.34 0.87 -38.64
C PRO B 118 -4.97 -0.06 -37.49
N GLU B 119 -3.70 -0.06 -37.11
CA GLU B 119 -3.23 -0.94 -36.01
C GLU B 119 -3.93 -0.54 -34.71
N TYR B 120 -4.21 0.75 -34.51
CA TYR B 120 -4.77 1.19 -33.22
C TYR B 120 -6.11 0.53 -32.96
N ILE B 121 -6.94 0.46 -33.99
CA ILE B 121 -8.29 -0.10 -33.74
C ILE B 121 -8.14 -1.56 -33.32
N ARG B 122 -7.27 -2.31 -33.98
CA ARG B 122 -7.08 -3.74 -33.67
C ARG B 122 -6.54 -3.90 -32.25
N ALA B 123 -5.61 -3.04 -31.88
CA ALA B 123 -4.98 -3.18 -30.56
C ALA B 123 -6.04 -3.03 -29.48
N ALA B 124 -6.90 -2.04 -29.64
CA ALA B 124 -7.95 -1.79 -28.64
C ALA B 124 -8.88 -2.99 -28.59
N VAL B 125 -9.21 -3.53 -29.76
CA VAL B 125 -10.17 -4.66 -29.80
C VAL B 125 -9.54 -5.85 -29.06
N VAL B 126 -8.27 -6.13 -29.32
CA VAL B 126 -7.63 -7.30 -28.68
C VAL B 126 -7.56 -7.07 -27.17
N ARG B 127 -7.16 -5.87 -26.76
CA ARG B 127 -6.99 -5.56 -25.33
C ARG B 127 -8.34 -5.57 -24.59
N LEU B 128 -9.35 -4.94 -25.16
CA LEU B 128 -10.64 -4.83 -24.46
C LEU B 128 -11.28 -6.20 -24.30
N LEU B 129 -11.24 -7.01 -25.35
CA LEU B 129 -11.85 -8.36 -25.30
C LEU B 129 -11.09 -9.21 -24.29
N ALA B 130 -9.77 -9.14 -24.31
CA ALA B 130 -8.95 -9.92 -23.38
C ALA B 130 -9.05 -9.50 -21.91
N LYS B 131 -9.02 -8.20 -21.65
CA LYS B 131 -8.93 -7.72 -20.24
C LYS B 131 -10.30 -7.53 -19.57
N ILE B 132 -11.35 -7.24 -20.30
CA ILE B 132 -12.64 -6.94 -19.63
C ILE B 132 -13.06 -8.17 -18.86
N PRO B 133 -12.93 -9.36 -19.45
CA PRO B 133 -13.27 -10.58 -18.75
C PRO B 133 -12.38 -10.83 -17.52
N THR B 134 -11.07 -10.60 -17.65
CA THR B 134 -10.13 -10.83 -16.54
C THR B 134 -10.50 -9.89 -15.41
N MET B 135 -10.84 -8.67 -15.74
CA MET B 135 -11.15 -7.66 -14.72
C MET B 135 -12.42 -8.07 -13.95
N VAL B 136 -13.42 -8.57 -14.65
CA VAL B 136 -14.69 -8.89 -13.95
C VAL B 136 -14.44 -9.99 -12.93
N ALA B 137 -13.69 -11.02 -13.32
CA ALA B 137 -13.36 -12.13 -12.42
C ALA B 137 -12.50 -11.64 -11.28
N ALA B 138 -11.59 -10.73 -11.56
CA ALA B 138 -10.64 -10.25 -10.53
C ALA B 138 -11.37 -9.56 -9.39
N PHE B 139 -12.38 -8.77 -9.72
CA PHE B 139 -13.17 -8.08 -8.67
C PHE B 139 -13.85 -9.14 -7.82
N GLN B 140 -14.32 -10.20 -8.46
CA GLN B 140 -15.08 -11.20 -7.69
C GLN B 140 -14.17 -11.81 -6.63
N LEU B 141 -12.94 -12.13 -6.98
CA LEU B 141 -11.98 -12.67 -5.98
C LEU B 141 -11.58 -11.61 -4.95
N ILE B 142 -11.30 -10.38 -5.38
CA ILE B 142 -10.81 -9.31 -4.47
C ILE B 142 -11.88 -8.97 -3.44
N ARG B 143 -13.13 -8.93 -3.85
CA ARG B 143 -14.23 -8.52 -2.96
C ARG B 143 -14.29 -9.47 -1.78
N LYS B 144 -14.04 -10.75 -2.03
CA LYS B 144 -14.12 -11.77 -0.97
C LYS B 144 -12.74 -11.92 -0.31
N GLY B 145 -11.77 -11.12 -0.72
CA GLY B 145 -10.42 -11.12 -0.11
C GLY B 145 -9.48 -12.12 -0.74
N ASN B 146 -9.97 -12.85 -1.72
CA ASN B 146 -9.15 -13.90 -2.38
C ASN B 146 -8.27 -13.25 -3.45
N ASP B 147 -7.08 -13.81 -3.66
CA ASP B 147 -6.16 -13.28 -4.69
C ASP B 147 -6.73 -13.58 -6.06
N PRO B 148 -6.57 -12.68 -7.04
CA PRO B 148 -7.13 -12.88 -8.37
C PRO B 148 -6.52 -14.12 -9.04
N ILE B 149 -7.35 -14.89 -9.74
CA ILE B 149 -6.86 -16.11 -10.43
C ILE B 149 -6.35 -15.67 -11.80
N GLN B 150 -5.08 -15.92 -12.08
CA GLN B 150 -4.44 -15.47 -13.34
C GLN B 150 -4.89 -16.31 -14.51
N PRO B 151 -4.90 -15.75 -15.72
CA PRO B 151 -5.35 -16.47 -16.90
C PRO B 151 -4.45 -17.67 -17.19
N ARG B 152 -5.04 -18.77 -17.67
CA ARG B 152 -4.21 -19.94 -18.06
C ARG B 152 -4.16 -19.99 -19.58
N ASP B 153 -2.97 -20.07 -20.16
CA ASP B 153 -2.79 -20.00 -21.64
C ASP B 153 -3.48 -21.18 -22.33
N GLU B 154 -3.45 -22.37 -21.73
CA GLU B 154 -4.05 -23.56 -22.36
C GLU B 154 -5.54 -23.35 -22.57
N LEU B 155 -6.23 -22.72 -21.62
CA LEU B 155 -7.70 -22.55 -21.69
C LEU B 155 -8.14 -21.55 -22.76
N ASP B 156 -9.29 -21.77 -23.38
CA ASP B 156 -9.87 -20.88 -24.41
C ASP B 156 -10.60 -19.73 -23.73
N TYR B 157 -11.20 -18.82 -24.48
CA TYR B 157 -11.77 -17.60 -23.86
C TYR B 157 -12.84 -17.93 -22.84
N ALA B 158 -13.77 -18.78 -23.19
CA ALA B 158 -14.87 -19.05 -22.25
C ALA B 158 -14.35 -19.78 -21.02
N ALA B 159 -13.49 -20.76 -21.24
CA ALA B 159 -12.96 -21.56 -20.12
C ALA B 159 -12.13 -20.70 -19.19
N ASN B 160 -11.34 -19.78 -19.73
CA ASN B 160 -10.47 -19.02 -18.81
C ASN B 160 -11.39 -18.23 -17.87
N PHE B 161 -12.46 -17.66 -18.41
CA PHE B 161 -13.31 -16.81 -17.55
C PHE B 161 -13.93 -17.66 -16.45
N LEU B 162 -14.41 -18.84 -16.82
CA LEU B 162 -15.05 -19.72 -15.81
C LEU B 162 -13.98 -20.16 -14.81
N TYR B 163 -12.79 -20.48 -15.30
CA TYR B 163 -11.66 -20.91 -14.42
C TYR B 163 -11.31 -19.77 -13.50
N MET B 164 -11.30 -18.57 -14.05
CA MET B 164 -10.91 -17.38 -13.24
C MET B 164 -11.91 -17.15 -12.11
N LEU B 165 -13.21 -17.29 -12.37
CA LEU B 165 -14.23 -17.18 -11.30
C LEU B 165 -14.16 -18.35 -10.31
N THR B 166 -13.96 -19.57 -10.79
CA THR B 166 -14.05 -20.77 -9.91
C THR B 166 -12.71 -21.38 -9.53
N GLU B 167 -11.70 -21.27 -10.38
CA GLU B 167 -10.37 -21.89 -10.11
C GLU B 167 -10.42 -23.36 -10.52
N ARG B 168 -11.52 -23.81 -11.10
CA ARG B 168 -11.60 -25.19 -11.62
C ARG B 168 -11.90 -25.12 -13.11
N GLU B 169 -11.13 -25.86 -13.92
CA GLU B 169 -11.34 -25.82 -15.38
C GLU B 169 -12.74 -26.35 -15.69
N PRO B 170 -13.48 -25.68 -16.59
CA PRO B 170 -14.84 -26.08 -16.91
C PRO B 170 -14.90 -27.33 -17.79
N ASP B 171 -15.97 -28.10 -17.70
CA ASP B 171 -16.15 -29.24 -18.63
C ASP B 171 -16.29 -28.62 -20.02
N PRO B 172 -15.73 -29.24 -21.08
CA PRO B 172 -15.73 -28.60 -22.38
C PRO B 172 -17.14 -28.29 -22.91
N VAL B 173 -18.09 -29.20 -22.70
CA VAL B 173 -19.44 -28.96 -23.29
C VAL B 173 -20.01 -27.69 -22.67
N ALA B 174 -19.81 -27.51 -21.37
CA ALA B 174 -20.28 -26.28 -20.68
C ALA B 174 -19.56 -25.07 -21.26
N ALA B 175 -18.28 -25.20 -21.54
CA ALA B 175 -17.50 -24.07 -22.09
C ALA B 175 -18.09 -23.69 -23.45
N ARG B 176 -18.48 -24.69 -24.23
CA ARG B 176 -19.12 -24.41 -25.53
C ARG B 176 -20.43 -23.68 -25.30
N ILE B 177 -21.20 -24.11 -24.31
CA ILE B 177 -22.53 -23.49 -24.09
C ILE B 177 -22.33 -22.03 -23.72
N PHE B 178 -21.35 -21.75 -22.87
CA PHE B 178 -21.08 -20.35 -22.45
C PHE B 178 -20.66 -19.55 -23.68
N ASP B 179 -19.84 -20.15 -24.55
CA ASP B 179 -19.34 -19.42 -25.72
C ASP B 179 -20.52 -19.05 -26.61
N ILE B 180 -21.45 -19.97 -26.78
CA ILE B 180 -22.65 -19.70 -27.61
C ILE B 180 -23.45 -18.59 -26.94
N CYS B 181 -23.53 -18.63 -25.62
CA CYS B 181 -24.35 -17.64 -24.89
C CYS B 181 -23.75 -16.26 -25.14
N LEU B 182 -22.43 -16.17 -25.16
CA LEU B 182 -21.75 -14.87 -25.39
C LEU B 182 -22.09 -14.37 -26.79
N THR B 183 -22.12 -15.27 -27.75
CA THR B 183 -22.40 -14.89 -29.16
C THR B 183 -23.81 -14.32 -29.21
N LEU B 184 -24.72 -14.91 -28.48
CA LEU B 184 -26.14 -14.47 -28.51
C LEU B 184 -26.27 -13.04 -27.99
N HIS B 185 -25.45 -12.65 -27.03
CA HIS B 185 -25.65 -11.31 -26.44
C HIS B 185 -24.69 -10.30 -27.07
N ALA B 186 -23.85 -10.75 -28.01
CA ALA B 186 -22.85 -9.82 -28.56
C ALA B 186 -23.43 -8.63 -29.32
N GLU B 187 -24.42 -8.84 -30.18
CA GLU B 187 -24.99 -7.73 -30.99
C GLU B 187 -26.51 -7.72 -30.98
N HIS B 188 -27.15 -6.59 -30.68
CA HIS B 188 -28.62 -6.48 -30.86
C HIS B 188 -29.02 -5.18 -31.57
N THR B 189 -28.25 -4.70 -32.53
CA THR B 189 -28.67 -3.51 -33.32
C THR B 189 -28.52 -2.29 -32.42
N ILE B 190 -29.20 -1.19 -32.72
CA ILE B 190 -28.93 0.03 -31.91
C ILE B 190 -29.74 -0.04 -30.64
N ASN B 191 -29.07 -0.13 -29.52
CA ASN B 191 -29.72 -0.31 -28.21
C ASN B 191 -29.09 0.71 -27.27
N ALA B 192 -29.79 1.06 -26.21
CA ALA B 192 -29.28 2.09 -25.29
C ALA B 192 -27.77 2.00 -25.11
N SER B 193 -27.24 0.82 -24.90
CA SER B 193 -25.80 0.74 -24.56
C SER B 193 -24.98 1.08 -25.79
N THR B 194 -25.35 0.54 -26.94
CA THR B 194 -24.62 0.81 -28.20
C THR B 194 -24.76 2.30 -28.54
N PHE B 195 -25.94 2.86 -28.33
CA PHE B 195 -26.18 4.29 -28.66
C PHE B 195 -25.30 5.17 -27.78
N SER B 196 -25.14 4.81 -26.52
CA SER B 196 -24.25 5.57 -25.62
C SER B 196 -22.82 5.49 -26.15
N ALA B 197 -22.44 4.31 -26.60
CA ALA B 197 -21.10 4.13 -27.16
C ALA B 197 -20.94 5.00 -28.40
N MET B 198 -21.97 5.00 -29.24
CA MET B 198 -21.93 5.77 -30.49
C MET B 198 -21.82 7.27 -30.18
N VAL B 199 -22.56 7.75 -29.19
CA VAL B 199 -22.52 9.19 -28.82
C VAL B 199 -21.15 9.55 -28.24
N THR B 200 -20.59 8.70 -27.39
CA THR B 200 -19.25 8.93 -26.83
C THR B 200 -18.25 8.91 -27.97
N ALA B 201 -18.43 7.97 -28.90
CA ALA B 201 -17.53 7.82 -30.08
C ALA B 201 -17.60 9.04 -30.99
N SER B 202 -18.79 9.61 -31.17
CA SER B 202 -18.99 10.78 -32.05
C SER B 202 -18.03 11.91 -31.68
N THR B 203 -17.70 12.03 -30.40
CA THR B 203 -16.80 13.09 -29.88
C THR B 203 -15.36 12.80 -30.30
N LEU B 204 -15.08 11.59 -30.78
CA LEU B 204 -13.70 11.17 -31.13
C LEU B 204 -12.93 10.77 -29.86
N THR B 205 -13.67 10.48 -28.79
CA THR B 205 -13.07 10.00 -27.53
C THR B 205 -12.53 8.59 -27.69
N ASP B 206 -11.59 8.20 -26.85
CA ASP B 206 -10.91 6.88 -26.93
C ASP B 206 -11.88 5.74 -26.66
N PRO B 207 -11.65 4.56 -27.25
CA PRO B 207 -12.58 3.45 -27.12
C PRO B 207 -12.77 2.94 -25.68
N TYR B 208 -11.71 2.87 -24.90
CA TYR B 208 -11.81 2.40 -23.50
C TYR B 208 -12.87 3.21 -22.78
N ALA B 209 -12.88 4.52 -22.98
CA ALA B 209 -13.90 5.41 -22.41
C ALA B 209 -15.27 5.10 -22.98
N VAL B 210 -15.33 4.81 -24.27
CA VAL B 210 -16.62 4.52 -24.94
C VAL B 210 -17.24 3.29 -24.28
N VAL B 211 -16.44 2.26 -24.03
CA VAL B 211 -16.95 1.01 -23.40
C VAL B 211 -17.45 1.34 -22.00
N ALA B 212 -16.70 2.20 -21.31
CA ALA B 212 -17.07 2.56 -19.93
C ALA B 212 -18.42 3.29 -19.90
N SER B 213 -18.63 4.20 -20.83
CA SER B 213 -19.91 4.94 -20.86
C SER B 213 -21.03 3.94 -21.15
N ALA B 214 -20.79 2.99 -22.03
CA ALA B 214 -21.78 1.94 -22.38
C ALA B 214 -22.10 1.05 -21.19
N VAL B 215 -21.10 0.70 -20.39
CA VAL B 215 -21.31 -0.20 -19.22
C VAL B 215 -22.27 0.50 -18.26
N GLY B 216 -22.15 1.81 -18.11
CA GLY B 216 -23.11 2.51 -17.26
C GLY B 216 -24.53 2.41 -17.77
N THR B 217 -24.73 2.57 -19.08
CA THR B 217 -26.09 2.43 -19.65
C THR B 217 -26.57 0.98 -19.44
N LEU B 218 -25.72 -0.01 -19.66
CA LEU B 218 -26.13 -1.44 -19.54
C LEU B 218 -26.49 -1.74 -18.09
N ALA B 219 -25.82 -1.10 -17.15
CA ALA B 219 -25.99 -1.37 -15.70
C ALA B 219 -27.41 -1.09 -15.24
N GLY B 220 -28.06 -0.09 -15.82
CA GLY B 220 -29.39 0.32 -15.34
C GLY B 220 -30.37 -0.81 -15.51
N PRO B 221 -31.42 -0.89 -14.66
CA PRO B 221 -32.33 -2.02 -14.68
C PRO B 221 -33.10 -2.24 -15.99
N LEU B 222 -33.55 -1.16 -16.64
CA LEU B 222 -34.33 -1.27 -17.90
C LEU B 222 -33.50 -1.89 -19.03
N HIS B 223 -32.24 -1.49 -19.20
CA HIS B 223 -31.36 -2.15 -20.20
C HIS B 223 -30.56 -3.25 -19.53
N GLY B 224 -30.58 -3.26 -18.19
CA GLY B 224 -29.80 -4.25 -17.44
C GLY B 224 -30.43 -5.59 -17.69
N GLY B 225 -29.71 -6.68 -17.52
CA GLY B 225 -30.32 -7.96 -17.90
C GLY B 225 -31.58 -8.19 -17.11
N ALA B 226 -31.58 -7.87 -15.83
CA ALA B 226 -32.75 -8.15 -15.00
C ALA B 226 -32.76 -9.66 -14.84
N ASN B 227 -31.63 -10.27 -15.17
CA ASN B 227 -31.52 -11.75 -15.10
C ASN B 227 -31.68 -12.17 -13.65
N GLU B 228 -31.14 -11.37 -12.72
CA GLU B 228 -31.18 -11.72 -11.28
C GLU B 228 -32.61 -11.78 -10.77
N GLU B 229 -33.46 -10.87 -11.23
CA GLU B 229 -34.83 -10.80 -10.67
C GLU B 229 -35.56 -12.11 -10.94
N VAL B 230 -35.37 -12.68 -12.12
CA VAL B 230 -36.17 -13.88 -12.48
C VAL B 230 -35.87 -14.99 -11.49
N LEU B 231 -34.60 -15.16 -11.16
CA LEU B 231 -34.22 -16.26 -10.23
C LEU B 231 -34.91 -15.98 -8.90
N ASP B 232 -35.01 -14.71 -8.54
CA ASP B 232 -35.58 -14.37 -7.23
C ASP B 232 -37.02 -14.90 -7.15
N MET B 233 -37.79 -14.69 -8.21
CA MET B 233 -39.17 -15.23 -8.21
C MET B 233 -39.12 -16.76 -8.19
N LEU B 234 -38.21 -17.35 -8.95
CA LEU B 234 -38.20 -18.84 -9.06
C LEU B 234 -37.93 -19.45 -7.69
N GLU B 235 -37.01 -18.85 -6.93
CA GLU B 235 -36.70 -19.36 -5.58
C GLU B 235 -37.95 -19.22 -4.72
N ALA B 236 -38.70 -18.13 -4.89
CA ALA B 236 -39.82 -17.86 -3.97
C ALA B 236 -40.87 -18.97 -3.98
N ILE B 237 -41.30 -19.45 -5.15
CA ILE B 237 -42.34 -20.53 -5.05
C ILE B 237 -41.71 -21.73 -4.35
N GLY B 238 -40.52 -22.13 -4.78
CA GLY B 238 -39.76 -23.19 -4.09
C GLY B 238 -40.30 -24.57 -4.40
N SER B 239 -41.37 -24.64 -5.20
CA SER B 239 -42.02 -25.95 -5.45
C SER B 239 -42.73 -25.94 -6.79
N VAL B 240 -42.85 -27.10 -7.42
CA VAL B 240 -43.64 -27.17 -8.68
C VAL B 240 -45.08 -26.83 -8.33
N GLU B 241 -45.55 -27.31 -7.17
CA GLU B 241 -46.98 -27.13 -6.81
C GLU B 241 -47.34 -25.65 -6.64
N ASN B 242 -46.48 -24.87 -5.99
CA ASN B 242 -46.77 -23.44 -5.72
C ASN B 242 -46.78 -22.65 -7.03
N VAL B 243 -46.09 -23.13 -8.06
CA VAL B 243 -45.94 -22.32 -9.30
C VAL B 243 -47.30 -22.01 -9.92
N GLU B 244 -48.19 -23.00 -10.04
CA GLU B 244 -49.45 -22.69 -10.76
C GLU B 244 -50.20 -21.63 -9.97
N PRO B 245 -50.28 -21.75 -8.64
CA PRO B 245 -50.92 -20.72 -7.83
C PRO B 245 -50.19 -19.38 -7.90
N TYR B 246 -48.87 -19.43 -7.81
CA TYR B 246 -48.11 -18.16 -7.76
C TYR B 246 -48.32 -17.42 -9.07
N LEU B 247 -48.21 -18.15 -10.17
CA LEU B 247 -48.33 -17.47 -11.48
C LEU B 247 -49.74 -16.92 -11.57
N ASP B 248 -50.72 -17.72 -11.15
CA ASP B 248 -52.13 -17.29 -11.30
C ASP B 248 -52.38 -16.04 -10.46
N HIS B 249 -51.92 -16.02 -9.21
CA HIS B 249 -52.07 -14.81 -8.37
C HIS B 249 -51.33 -13.67 -9.07
N CYS B 250 -50.21 -14.00 -9.71
CA CYS B 250 -49.49 -12.98 -10.50
C CYS B 250 -50.45 -12.54 -11.60
N ILE B 251 -51.17 -13.50 -12.17
CA ILE B 251 -52.23 -13.10 -13.15
C ILE B 251 -53.25 -12.26 -12.40
N ALA B 252 -53.59 -12.67 -11.16
CA ALA B 252 -54.67 -11.99 -10.42
C ALA B 252 -54.31 -10.53 -10.15
N THR B 253 -53.07 -10.24 -9.77
CA THR B 253 -52.65 -8.82 -9.69
C THR B 253 -51.54 -8.78 -10.72
N LYS B 254 -51.61 -7.87 -11.68
CA LYS B 254 -50.58 -8.02 -12.74
C LYS B 254 -49.22 -7.82 -12.08
N THR B 255 -48.29 -8.73 -12.36
CA THR B 255 -46.90 -8.52 -11.89
C THR B 255 -45.97 -9.06 -12.97
N ARG B 256 -44.86 -8.39 -13.26
CA ARG B 256 -43.90 -9.03 -14.19
C ARG B 256 -42.53 -9.06 -13.51
N ILE B 257 -41.90 -10.23 -13.37
CA ILE B 257 -40.52 -10.22 -12.81
C ILE B 257 -39.65 -9.65 -13.92
N MET B 258 -40.11 -9.79 -15.15
CA MET B 258 -39.34 -9.37 -16.35
C MET B 258 -40.28 -8.75 -17.36
N GLY B 259 -39.73 -8.01 -18.32
CA GLY B 259 -40.54 -7.40 -19.40
C GLY B 259 -41.24 -8.48 -20.21
N PHE B 260 -40.59 -9.62 -20.43
CA PHE B 260 -41.18 -10.67 -21.30
C PHE B 260 -41.41 -10.11 -22.71
N GLY B 261 -40.45 -9.31 -23.20
CA GLY B 261 -40.50 -8.77 -24.56
C GLY B 261 -39.58 -7.58 -24.67
N HIS B 262 -39.90 -6.50 -23.97
CA HIS B 262 -39.00 -5.32 -23.91
C HIS B 262 -39.24 -4.48 -25.16
N ARG B 263 -40.14 -4.94 -26.03
CA ARG B 263 -40.52 -4.18 -27.23
C ARG B 263 -39.50 -4.44 -28.33
N VAL B 264 -38.44 -5.18 -28.03
CA VAL B 264 -37.52 -5.41 -29.17
C VAL B 264 -38.27 -6.22 -30.23
N TYR B 265 -39.02 -7.23 -29.78
CA TYR B 265 -39.77 -8.12 -30.69
C TYR B 265 -41.19 -8.31 -30.23
N LYS B 266 -42.15 -8.29 -31.14
CA LYS B 266 -43.55 -8.64 -30.75
C LYS B 266 -43.58 -10.10 -30.31
N VAL B 267 -42.82 -10.99 -30.99
CA VAL B 267 -42.97 -12.44 -30.67
C VAL B 267 -41.69 -13.27 -30.83
N LYS B 268 -41.49 -14.30 -29.98
CA LYS B 268 -40.42 -15.32 -30.19
C LYS B 268 -38.96 -14.85 -30.33
N ASP B 269 -38.39 -14.07 -29.42
CA ASP B 269 -37.01 -13.61 -29.73
C ASP B 269 -36.21 -14.87 -30.00
N PRO B 270 -35.43 -14.91 -31.10
CA PRO B 270 -34.75 -16.12 -31.52
C PRO B 270 -33.71 -16.66 -30.54
N ARG B 271 -32.95 -15.75 -29.96
CA ARG B 271 -31.85 -16.17 -29.07
C ARG B 271 -32.43 -17.06 -27.98
N ALA B 272 -33.65 -16.76 -27.54
CA ALA B 272 -34.22 -17.51 -26.40
C ALA B 272 -34.42 -18.95 -26.84
N VAL B 273 -34.85 -19.15 -28.08
CA VAL B 273 -35.13 -20.54 -28.50
C VAL B 273 -33.81 -21.27 -28.39
N ILE B 274 -32.72 -20.62 -28.82
CA ILE B 274 -31.38 -21.26 -28.71
C ILE B 274 -31.05 -21.46 -27.23
N LEU B 275 -31.37 -20.50 -26.40
CA LEU B 275 -30.96 -20.62 -24.99
C LEU B 275 -31.64 -21.82 -24.36
N GLN B 276 -32.93 -22.01 -24.65
CA GLN B 276 -33.64 -23.11 -23.95
C GLN B 276 -32.97 -24.42 -24.35
N ASN B 277 -32.63 -24.57 -25.62
CA ASN B 277 -32.08 -25.89 -25.98
C ASN B 277 -30.80 -26.03 -25.18
N LEU B 278 -30.04 -24.94 -25.10
CA LEU B 278 -28.76 -25.00 -24.37
C LEU B 278 -29.04 -25.29 -22.90
N ALA B 279 -30.06 -24.66 -22.35
CA ALA B 279 -30.31 -24.86 -20.91
C ALA B 279 -30.66 -26.31 -20.68
N GLU B 280 -31.52 -26.84 -21.56
CA GLU B 280 -31.97 -28.22 -21.35
C GLU B 280 -30.77 -29.15 -21.48
N GLN B 281 -29.92 -28.89 -22.47
CA GLN B 281 -28.81 -29.82 -22.67
C GLN B 281 -27.92 -29.82 -21.44
N LEU B 282 -27.64 -28.63 -20.90
CA LEU B 282 -26.69 -28.57 -19.77
C LEU B 282 -27.29 -29.30 -18.58
N PHE B 283 -28.57 -29.05 -18.32
CA PHE B 283 -29.19 -29.66 -17.12
C PHE B 283 -29.23 -31.18 -17.26
N ASP B 284 -29.58 -31.66 -18.46
CA ASP B 284 -29.69 -33.14 -18.54
C ASP B 284 -28.31 -33.75 -18.29
N ILE B 285 -27.28 -33.18 -18.90
CA ILE B 285 -25.90 -33.69 -18.74
C ILE B 285 -25.40 -33.51 -17.30
N PHE B 286 -25.68 -32.37 -16.70
CA PHE B 286 -25.11 -32.06 -15.35
C PHE B 286 -26.15 -32.27 -14.27
N GLY B 287 -27.31 -32.80 -14.64
CA GLY B 287 -28.37 -33.06 -13.66
C GLY B 287 -29.33 -31.90 -13.57
N HIS B 288 -30.56 -32.19 -13.14
CA HIS B 288 -31.60 -31.14 -13.11
C HIS B 288 -31.66 -30.53 -11.73
N ASP B 289 -31.21 -29.29 -11.62
CA ASP B 289 -31.28 -28.61 -10.31
C ASP B 289 -32.74 -28.32 -10.01
N PRO B 290 -33.10 -28.13 -8.72
CA PRO B 290 -34.50 -27.97 -8.33
C PRO B 290 -35.03 -26.71 -9.00
N TYR B 291 -34.19 -25.68 -9.07
CA TYR B 291 -34.63 -24.40 -9.67
C TYR B 291 -35.01 -24.66 -11.11
N TYR B 292 -34.24 -25.50 -11.80
CA TYR B 292 -34.53 -25.70 -13.24
C TYR B 292 -35.93 -26.31 -13.35
N GLU B 293 -36.24 -27.25 -12.46
CA GLU B 293 -37.59 -27.87 -12.49
C GLU B 293 -38.63 -26.80 -12.20
N ILE B 294 -38.33 -25.93 -11.24
CA ILE B 294 -39.29 -24.82 -10.89
C ILE B 294 -39.44 -23.94 -12.12
N ALA B 295 -38.34 -23.68 -12.83
CA ALA B 295 -38.41 -22.88 -14.07
C ALA B 295 -39.26 -23.66 -15.07
N VAL B 296 -39.08 -24.96 -15.10
CA VAL B 296 -39.81 -25.76 -16.13
C VAL B 296 -41.31 -25.61 -15.87
N ALA B 297 -41.72 -25.64 -14.61
CA ALA B 297 -43.15 -25.40 -14.32
C ALA B 297 -43.59 -24.00 -14.70
N VAL B 298 -42.77 -22.99 -14.41
CA VAL B 298 -43.29 -21.61 -14.69
C VAL B 298 -43.50 -21.55 -16.20
N GLU B 299 -42.57 -22.08 -16.96
CA GLU B 299 -42.82 -22.20 -18.41
C GLU B 299 -43.85 -23.31 -18.59
N LYS B 300 -44.77 -23.17 -19.51
CA LYS B 300 -45.74 -24.25 -19.87
C LYS B 300 -46.98 -24.10 -18.98
N ALA B 301 -46.88 -23.31 -17.92
CA ALA B 301 -48.13 -22.96 -17.22
C ALA B 301 -48.82 -22.12 -18.29
N ALA B 302 -48.01 -21.30 -18.96
CA ALA B 302 -48.54 -20.45 -20.05
C ALA B 302 -48.98 -21.37 -21.18
N ALA B 303 -50.11 -21.02 -21.80
CA ALA B 303 -51.31 -20.74 -20.98
C ALA B 303 -52.34 -21.84 -21.27
N HIS B 308 -50.75 -12.54 -27.47
CA HIS B 308 -50.29 -13.36 -26.32
C HIS B 308 -48.81 -13.11 -26.07
N LYS B 309 -48.46 -12.74 -24.84
CA LYS B 309 -47.05 -12.53 -24.41
C LYS B 309 -46.67 -13.80 -23.67
N GLY B 310 -47.51 -14.82 -23.75
CA GLY B 310 -47.30 -16.06 -22.99
C GLY B 310 -45.99 -16.67 -23.42
N ILE B 311 -45.67 -16.58 -24.70
CA ILE B 311 -44.33 -17.10 -25.10
C ILE B 311 -43.38 -16.25 -24.28
N TYR B 312 -42.29 -16.83 -23.75
CA TYR B 312 -41.43 -16.11 -22.80
C TYR B 312 -40.38 -15.32 -23.57
N PRO B 313 -40.65 -14.04 -23.88
CA PRO B 313 -39.73 -13.21 -24.68
C PRO B 313 -38.35 -12.91 -24.07
N ASN B 314 -38.30 -12.65 -22.76
CA ASN B 314 -37.02 -12.24 -22.14
C ASN B 314 -35.95 -13.33 -22.24
N VAL B 315 -34.92 -13.10 -23.07
CA VAL B 315 -33.77 -14.06 -23.16
C VAL B 315 -33.22 -14.17 -21.75
N ASP B 316 -33.52 -13.17 -20.92
CA ASP B 316 -32.95 -13.11 -19.56
C ASP B 316 -33.35 -14.34 -18.76
N PHE B 317 -34.59 -14.82 -18.91
CA PHE B 317 -35.02 -15.92 -18.01
C PHE B 317 -34.15 -17.15 -18.21
N TYR B 318 -33.90 -17.53 -19.46
CA TYR B 318 -33.04 -18.69 -19.73
C TYR B 318 -31.59 -18.39 -19.32
N SER B 319 -31.14 -17.16 -19.55
CA SER B 319 -29.71 -16.85 -19.33
C SER B 319 -29.29 -17.04 -17.87
N GLY B 320 -30.11 -16.57 -16.93
CA GLY B 320 -29.73 -16.64 -15.51
C GLY B 320 -29.57 -18.07 -15.06
N LEU B 321 -30.48 -18.93 -15.51
CA LEU B 321 -30.43 -20.37 -15.14
C LEU B 321 -29.15 -21.01 -15.67
N VAL B 322 -28.78 -20.68 -16.90
CA VAL B 322 -27.58 -21.35 -17.48
C VAL B 322 -26.38 -20.88 -16.68
N TYR B 323 -26.35 -19.59 -16.36
CA TYR B 323 -25.17 -19.03 -15.68
C TYR B 323 -25.03 -19.67 -14.30
N ARG B 324 -26.15 -19.85 -13.59
CA ARG B 324 -26.11 -20.42 -12.22
C ARG B 324 -25.58 -21.85 -12.30
N LYS B 325 -26.04 -22.60 -13.30
CA LYS B 325 -25.60 -24.01 -13.46
C LYS B 325 -24.11 -23.96 -13.71
N LEU B 326 -23.65 -22.91 -14.37
CA LEU B 326 -22.22 -22.79 -14.71
C LEU B 326 -21.47 -22.16 -13.53
N GLY B 327 -22.17 -21.87 -12.45
CA GLY B 327 -21.45 -21.37 -11.26
C GLY B 327 -21.15 -19.90 -11.33
N ILE B 328 -21.81 -19.19 -12.24
CA ILE B 328 -21.62 -17.73 -12.32
C ILE B 328 -22.49 -17.07 -11.25
N PRO B 329 -21.91 -16.17 -10.44
CA PRO B 329 -22.67 -15.47 -9.42
C PRO B 329 -23.70 -14.52 -10.04
N SER B 330 -24.80 -14.28 -9.34
CA SER B 330 -25.91 -13.44 -9.85
C SER B 330 -25.43 -12.01 -10.07
N ASP B 331 -24.57 -11.51 -9.19
CA ASP B 331 -24.05 -10.12 -9.27
C ASP B 331 -23.29 -9.97 -10.59
N LEU B 332 -22.65 -11.03 -11.06
CA LEU B 332 -21.81 -10.99 -12.29
C LEU B 332 -22.62 -11.22 -13.58
N PHE B 333 -23.92 -11.45 -13.49
CA PHE B 333 -24.73 -11.72 -14.70
C PHE B 333 -24.79 -10.55 -15.68
N THR B 334 -25.05 -9.34 -15.19
CA THR B 334 -25.05 -8.15 -16.09
C THR B 334 -23.64 -7.95 -16.60
N PRO B 335 -22.62 -8.15 -15.76
CA PRO B 335 -21.24 -8.04 -16.19
C PRO B 335 -20.92 -9.03 -17.32
N VAL B 336 -21.44 -10.25 -17.26
CA VAL B 336 -21.20 -11.29 -18.31
C VAL B 336 -21.75 -10.80 -19.65
N PHE B 337 -22.91 -10.13 -19.63
CA PHE B 337 -23.52 -9.59 -20.85
C PHE B 337 -22.58 -8.56 -21.45
N ALA B 338 -21.96 -7.77 -20.59
CA ALA B 338 -21.05 -6.73 -21.05
C ALA B 338 -19.87 -7.35 -21.80
N ILE B 339 -19.39 -8.49 -21.33
CA ILE B 339 -18.21 -9.11 -21.97
C ILE B 339 -18.56 -9.42 -23.41
N ALA B 340 -19.74 -9.97 -23.65
CA ALA B 340 -20.21 -10.24 -25.02
C ALA B 340 -20.52 -8.96 -25.80
N ARG B 341 -21.15 -7.97 -25.19
CA ARG B 341 -21.61 -6.75 -25.91
C ARG B 341 -20.43 -5.87 -26.30
N VAL B 342 -19.27 -6.13 -25.75
CA VAL B 342 -18.08 -5.29 -26.05
C VAL B 342 -17.84 -5.41 -27.54
N ALA B 343 -18.00 -6.61 -28.08
CA ALA B 343 -17.73 -6.83 -29.51
C ALA B 343 -18.64 -5.99 -30.39
N GLY B 344 -19.93 -5.94 -30.08
CA GLY B 344 -20.85 -5.07 -30.83
C GLY B 344 -20.51 -3.61 -30.66
N TRP B 345 -20.16 -3.23 -29.44
CA TRP B 345 -19.83 -1.83 -29.17
C TRP B 345 -18.61 -1.47 -29.99
N LEU B 346 -17.64 -2.38 -30.03
CA LEU B 346 -16.40 -2.14 -30.79
C LEU B 346 -16.74 -2.05 -32.28
N ALA B 347 -17.62 -2.91 -32.73
CA ALA B 347 -17.98 -2.90 -34.16
C ALA B 347 -18.64 -1.57 -34.51
N HIS B 348 -19.53 -1.11 -33.66
CA HIS B 348 -20.23 0.19 -33.89
C HIS B 348 -19.20 1.31 -33.80
N TRP B 349 -18.23 1.17 -32.92
CA TRP B 349 -17.23 2.25 -32.74
C TRP B 349 -16.49 2.45 -34.05
N LYS B 350 -16.12 1.36 -34.70
CA LYS B 350 -15.39 1.45 -35.98
C LYS B 350 -16.30 2.13 -37.00
N GLU B 351 -17.57 1.74 -37.05
CA GLU B 351 -18.48 2.28 -38.08
C GLU B 351 -18.68 3.79 -37.90
N GLN B 352 -18.86 4.25 -36.67
CA GLN B 352 -19.16 5.68 -36.42
C GLN B 352 -17.96 6.49 -36.87
N LEU B 353 -16.77 5.97 -36.63
CA LEU B 353 -15.52 6.67 -37.00
C LEU B 353 -15.44 6.83 -38.52
N ASN B 354 -15.87 5.85 -39.29
CA ASN B 354 -15.66 5.92 -40.75
C ASN B 354 -16.35 7.17 -41.29
N GLU B 355 -17.58 7.42 -40.87
CA GLU B 355 -18.21 8.70 -41.23
C GLU B 355 -18.58 9.30 -39.89
N ASN B 356 -18.03 10.44 -39.55
CA ASN B 356 -18.33 10.90 -38.17
C ASN B 356 -19.04 12.22 -38.15
N ARG B 357 -20.20 12.23 -37.51
CA ARG B 357 -20.90 13.50 -37.24
C ARG B 357 -21.15 13.38 -35.73
N ILE B 358 -20.84 14.41 -34.95
CA ILE B 358 -21.14 14.33 -33.50
C ILE B 358 -22.66 14.31 -33.34
N PHE B 359 -23.12 13.66 -32.29
CA PHE B 359 -24.57 13.65 -32.03
C PHE B 359 -24.86 14.91 -31.21
N ARG B 360 -25.57 15.87 -31.79
CA ARG B 360 -25.99 17.11 -31.08
C ARG B 360 -27.47 17.34 -31.37
N PRO B 361 -28.37 16.63 -30.69
CA PRO B 361 -29.80 16.77 -30.89
C PRO B 361 -30.41 18.07 -30.35
N THR B 362 -31.60 18.41 -30.82
CA THR B 362 -32.33 19.61 -30.35
C THR B 362 -33.30 19.25 -29.22
N GLN B 363 -34.06 20.23 -28.75
CA GLN B 363 -35.06 20.00 -27.69
C GLN B 363 -36.34 20.74 -28.03
N ILE B 364 -37.46 20.34 -27.45
CA ILE B 364 -38.70 21.14 -27.58
C ILE B 364 -38.81 21.86 -26.24
N TYR B 365 -38.77 23.19 -26.25
CA TYR B 365 -38.74 23.94 -24.96
C TYR B 365 -40.14 24.01 -24.35
N THR B 366 -40.24 23.67 -23.07
CA THR B 366 -41.53 23.70 -22.34
C THR B 366 -41.44 24.81 -21.29
N GLY B 367 -40.50 25.74 -21.41
CA GLY B 367 -40.23 26.70 -20.33
C GLY B 367 -40.29 28.17 -20.68
N SER B 368 -40.34 29.02 -19.64
CA SER B 368 -40.44 30.49 -19.81
C SER B 368 -39.17 31.09 -20.41
N HIS B 369 -39.30 32.26 -21.05
CA HIS B 369 -38.14 32.84 -21.78
C HIS B 369 -37.53 34.07 -21.09
N ASN B 370 -38.14 35.26 -21.17
CA ASN B 370 -37.47 36.44 -20.59
C ASN B 370 -37.95 36.64 -19.15
N LEU B 371 -37.11 36.30 -18.18
CA LEU B 371 -37.47 36.45 -16.74
C LEU B 371 -36.39 37.28 -16.06
N ASP B 372 -36.79 38.30 -15.30
CA ASP B 372 -35.83 39.14 -14.54
C ASP B 372 -35.30 38.38 -13.33
N TYR B 373 -34.01 38.52 -13.01
CA TYR B 373 -33.46 37.88 -11.80
C TYR B 373 -34.12 38.52 -10.59
N THR B 374 -34.48 37.69 -9.63
CA THR B 374 -35.17 38.20 -8.43
C THR B 374 -34.18 38.13 -7.28
N PRO B 375 -33.96 39.24 -6.56
CA PRO B 375 -32.96 39.27 -5.48
C PRO B 375 -33.38 38.28 -4.40
N ILE B 376 -32.41 37.65 -3.72
CA ILE B 376 -32.74 36.56 -2.75
C ILE B 376 -33.62 37.09 -1.64
N ALA B 377 -33.33 38.29 -1.16
CA ALA B 377 -34.12 38.86 -0.06
C ALA B 377 -35.56 39.05 -0.51
N ASP B 378 -35.76 39.47 -1.76
CA ASP B 378 -37.12 39.79 -2.25
C ASP B 378 -37.79 38.49 -2.72
N ARG B 379 -37.08 37.38 -2.62
CA ARG B 379 -37.68 36.08 -2.99
C ARG B 379 -38.65 35.69 -1.88
N ASP B 380 -39.45 34.65 -2.12
CA ASP B 380 -40.52 34.34 -1.14
C ASP B 380 -39.91 34.09 0.23
N VAL C 4 55.50 8.49 -11.47
CA VAL C 4 55.59 7.05 -11.26
C VAL C 4 56.78 6.66 -10.39
N SER C 5 57.83 7.48 -10.33
CA SER C 5 58.83 7.33 -9.30
C SER C 5 58.23 7.50 -7.91
N GLU C 6 57.02 8.06 -7.85
CA GLU C 6 56.49 8.38 -6.50
C GLU C 6 55.01 7.99 -6.38
N PHE C 7 54.69 7.16 -5.40
CA PHE C 7 53.27 6.81 -5.12
C PHE C 7 52.99 7.16 -3.67
N ARG C 8 51.89 7.87 -3.42
CA ARG C 8 51.50 8.17 -2.04
C ARG C 8 50.29 7.32 -1.72
N PRO C 9 50.34 6.50 -0.66
CA PRO C 9 49.21 5.71 -0.28
C PRO C 9 48.10 6.61 0.27
N GLY C 10 46.87 6.43 -0.22
CA GLY C 10 45.74 7.26 0.21
C GLY C 10 45.73 8.59 -0.49
N LEU C 11 46.61 8.78 -1.45
CA LEU C 11 46.74 10.09 -2.13
C LEU C 11 46.99 11.11 -1.02
N GLU C 12 47.77 10.71 -0.03
CA GLU C 12 48.04 11.60 1.13
C GLU C 12 49.07 12.64 0.71
N GLY C 13 48.77 13.91 0.98
CA GLY C 13 49.69 14.99 0.61
C GLY C 13 49.67 15.23 -0.88
N VAL C 14 48.71 14.65 -1.56
CA VAL C 14 48.64 14.78 -3.04
C VAL C 14 47.54 15.80 -3.32
N PRO C 15 47.77 16.81 -4.17
CA PRO C 15 46.78 17.84 -4.36
C PRO C 15 45.75 17.45 -5.43
N ALA C 16 44.53 17.11 -5.00
CA ALA C 16 43.41 16.77 -5.91
C ALA C 16 42.88 17.94 -6.72
N THR C 17 42.78 19.11 -6.10
CA THR C 17 42.14 20.24 -6.80
C THR C 17 42.56 21.57 -6.20
N LEU C 18 42.18 22.66 -6.87
CA LEU C 18 42.44 24.02 -6.34
C LEU C 18 41.12 24.54 -5.79
N SER C 19 41.09 24.96 -4.52
CA SER C 19 39.80 25.40 -3.92
C SER C 19 39.94 26.67 -3.09
N SER C 20 38.91 27.52 -3.12
CA SER C 20 38.87 28.71 -2.25
C SER C 20 37.89 28.47 -1.11
N ILE C 21 37.21 27.33 -1.09
CA ILE C 21 36.12 27.11 -0.09
C ILE C 21 36.63 27.04 1.35
N SER C 22 37.70 26.32 1.62
CA SER C 22 38.10 26.11 3.04
C SER C 22 39.61 26.08 3.22
N PHE C 23 40.09 26.50 4.39
CA PHE C 23 41.53 26.35 4.69
C PHE C 23 41.73 25.63 6.02
N VAL C 24 42.51 24.57 6.02
CA VAL C 24 42.87 23.89 7.28
C VAL C 24 44.40 23.92 7.35
N ASP C 25 44.97 24.45 8.43
CA ASP C 25 46.44 24.43 8.57
C ASP C 25 46.87 23.31 9.48
N GLY C 26 46.23 23.21 10.63
CA GLY C 26 46.70 22.23 11.61
C GLY C 26 47.92 22.88 12.20
N GLN C 27 48.58 22.27 13.18
CA GLN C 27 49.83 22.88 13.65
C GLN C 27 49.47 24.15 14.40
N ARG C 28 48.80 25.07 13.71
CA ARG C 28 48.39 26.34 14.35
C ARG C 28 46.89 26.30 14.69
N GLY C 29 46.24 25.17 14.50
CA GLY C 29 44.82 25.06 14.87
C GLY C 29 43.91 26.07 14.19
N VAL C 30 44.09 26.27 12.89
CA VAL C 30 43.28 27.28 12.15
C VAL C 30 42.28 26.63 11.20
N LEU C 31 41.00 26.95 11.35
CA LEU C 31 39.99 26.50 10.37
C LEU C 31 39.30 27.75 9.86
N GLU C 32 39.26 27.91 8.55
CA GLU C 32 38.62 29.11 7.97
C GLU C 32 37.67 28.68 6.86
N TYR C 33 36.47 29.26 6.83
CA TYR C 33 35.59 28.99 5.68
C TYR C 33 35.63 30.26 4.83
N ARG C 34 36.15 30.15 3.61
CA ARG C 34 36.22 31.31 2.70
C ARG C 34 36.94 32.45 3.41
N GLY C 35 37.98 32.16 4.19
CA GLY C 35 38.79 33.20 4.84
C GLY C 35 38.32 33.64 6.20
N ILE C 36 37.23 33.08 6.71
CA ILE C 36 36.68 33.57 8.01
C ILE C 36 36.86 32.48 9.05
N SER C 37 37.27 32.88 10.25
CA SER C 37 37.54 31.92 11.34
C SER C 37 36.26 31.21 11.78
N ILE C 38 36.38 29.94 12.14
CA ILE C 38 35.20 29.14 12.56
C ILE C 38 34.61 29.77 13.82
N GLU C 39 35.47 30.24 14.71
CA GLU C 39 34.99 30.80 15.99
C GLU C 39 34.12 32.04 15.73
N GLN C 40 34.54 32.88 14.81
CA GLN C 40 33.76 34.09 14.48
C GLN C 40 32.42 33.67 13.88
N LEU C 41 32.45 32.70 12.99
CA LEU C 41 31.22 32.24 12.31
C LEU C 41 30.29 31.62 13.36
N ALA C 42 30.86 30.87 14.30
CA ALA C 42 30.05 30.22 15.34
C ALA C 42 29.36 31.26 16.24
N GLN C 43 30.06 32.33 16.61
CA GLN C 43 29.41 33.27 17.56
C GLN C 43 28.61 34.34 16.82
N GLN C 44 28.80 34.46 15.52
CA GLN C 44 28.09 35.56 14.80
C GLN C 44 27.33 35.06 13.57
N SER C 45 27.11 33.76 13.40
CA SER C 45 26.52 33.30 12.12
C SER C 45 25.52 32.16 12.28
N SER C 46 24.87 31.81 11.17
CA SER C 46 23.87 30.71 11.13
C SER C 46 24.36 29.70 10.12
N PHE C 47 23.87 28.47 10.21
CA PHE C 47 24.31 27.41 9.28
C PHE C 47 23.95 27.86 7.88
N LEU C 48 22.78 28.47 7.73
CA LEU C 48 22.33 28.91 6.39
C LEU C 48 23.25 30.00 5.83
N GLU C 49 23.67 30.95 6.66
CA GLU C 49 24.62 31.99 6.20
C GLU C 49 25.97 31.38 5.85
N THR C 50 26.46 30.48 6.70
CA THR C 50 27.76 29.83 6.45
C THR C 50 27.65 29.03 5.16
N ALA C 51 26.52 28.37 4.99
CA ALA C 51 26.30 27.54 3.79
C ALA C 51 26.29 28.41 2.55
N TYR C 52 25.64 29.56 2.64
CA TYR C 52 25.60 30.47 1.48
C TYR C 52 27.02 30.90 1.17
N LEU C 53 27.78 31.20 2.22
CA LEU C 53 29.16 31.71 2.02
C LEU C 53 29.99 30.63 1.35
N LEU C 54 29.87 29.41 1.84
CA LEU C 54 30.69 28.32 1.30
C LEU C 54 30.32 28.06 -0.16
N ILE C 55 29.02 27.96 -0.44
CA ILE C 55 28.57 27.62 -1.82
C ILE C 55 28.84 28.73 -2.82
N TRP C 56 28.59 29.98 -2.45
CA TRP C 56 28.72 31.08 -3.44
C TRP C 56 29.92 31.97 -3.16
N GLY C 57 30.58 31.79 -2.03
CA GLY C 57 31.85 32.50 -1.76
C GLY C 57 31.73 33.91 -1.20
N HIS C 58 30.53 34.38 -0.91
CA HIS C 58 30.43 35.71 -0.28
C HIS C 58 29.45 35.68 0.89
N LEU C 59 29.70 36.47 1.93
CA LEU C 59 28.71 36.59 3.02
C LEU C 59 27.48 37.23 2.39
N PRO C 60 26.25 36.79 2.72
CA PRO C 60 25.06 37.26 2.03
C PRO C 60 24.40 38.59 2.39
N THR C 61 23.72 39.21 1.42
CA THR C 61 22.93 40.43 1.69
C THR C 61 21.66 39.99 2.41
N GLN C 62 21.01 40.89 3.12
CA GLN C 62 19.80 40.51 3.87
C GLN C 62 18.77 40.03 2.85
N GLN C 63 18.68 40.66 1.69
CA GLN C 63 17.73 40.13 0.69
C GLN C 63 18.15 38.73 0.29
N GLU C 64 19.44 38.52 0.07
CA GLU C 64 19.90 37.21 -0.41
C GLU C 64 19.60 36.17 0.67
N LEU C 65 19.89 36.49 1.93
CA LEU C 65 19.69 35.51 3.02
C LEU C 65 18.21 35.21 3.17
N THR C 66 17.38 36.25 3.12
CA THR C 66 15.93 36.06 3.31
C THR C 66 15.37 35.19 2.19
N GLU C 67 15.80 35.46 0.97
CA GLU C 67 15.25 34.69 -0.16
C GLU C 67 15.67 33.25 0.01
N PHE C 68 16.92 33.03 0.40
CA PHE C 68 17.44 31.66 0.54
C PHE C 68 16.69 30.92 1.64
N GLU C 69 16.51 31.58 2.77
CA GLU C 69 15.86 30.89 3.91
C GLU C 69 14.42 30.53 3.53
N HIS C 70 13.73 31.44 2.86
CA HIS C 70 12.32 31.22 2.49
C HIS C 70 12.23 30.04 1.54
N GLU C 71 13.15 29.96 0.59
CA GLU C 71 13.13 28.87 -0.41
C GLU C 71 13.35 27.55 0.31
N ILE C 72 14.25 27.53 1.28
CA ILE C 72 14.51 26.29 2.05
C ILE C 72 13.24 25.91 2.81
N ARG C 73 12.55 26.88 3.39
CA ARG C 73 11.33 26.60 4.17
C ARG C 73 10.25 26.00 3.27
N TYR C 74 10.10 26.53 2.06
CA TYR C 74 9.06 26.07 1.12
C TYR C 74 9.30 24.63 0.67
N HIS C 75 10.56 24.25 0.47
CA HIS C 75 10.83 22.91 -0.10
C HIS C 75 11.11 21.87 1.00
N ARG C 76 10.91 22.22 2.25
CA ARG C 76 11.22 21.31 3.39
C ARG C 76 10.35 20.05 3.34
N ARG C 77 9.08 20.19 2.96
CA ARG C 77 8.16 19.03 2.94
C ARG C 77 8.61 18.06 1.86
N ILE C 78 8.35 16.78 2.07
CA ILE C 78 8.83 15.74 1.13
C ILE C 78 7.63 15.04 0.50
N LYS C 79 7.79 14.55 -0.73
CA LYS C 79 6.70 13.90 -1.47
C LYS C 79 6.27 12.59 -0.80
N PHE C 80 5.00 12.22 -0.94
CA PHE C 80 4.43 10.99 -0.32
C PHE C 80 5.12 9.75 -0.84
N ARG C 81 5.46 9.75 -2.12
CA ARG C 81 6.04 8.52 -2.74
C ARG C 81 7.36 8.14 -2.06
N ILE C 82 8.22 9.11 -1.75
CA ILE C 82 9.49 8.84 -1.03
C ILE C 82 9.22 8.30 0.37
N ARG C 83 8.26 8.88 1.07
CA ARG C 83 7.93 8.46 2.46
C ARG C 83 7.44 7.02 2.43
N ASP C 84 6.64 6.69 1.43
CA ASP C 84 6.14 5.32 1.26
C ASP C 84 7.35 4.43 1.03
N MET C 85 8.34 4.92 0.30
CA MET C 85 9.57 4.14 0.06
C MET C 85 10.26 3.86 1.39
N MET C 86 10.32 4.86 2.27
CA MET C 86 10.95 4.69 3.60
C MET C 86 10.16 3.68 4.42
N LYS C 87 8.84 3.70 4.30
CA LYS C 87 7.97 2.74 5.01
C LYS C 87 8.27 1.33 4.54
N CYS C 88 8.58 1.17 3.27
CA CYS C 88 8.97 -0.14 2.69
C CYS C 88 10.32 -0.59 3.26
N PHE C 89 11.12 0.35 3.75
CA PHE C 89 12.48 0.05 4.28
C PHE C 89 12.42 -0.78 5.54
N PRO C 90 13.42 -1.65 5.78
CA PRO C 90 13.44 -2.49 6.95
C PRO C 90 13.55 -1.66 8.23
N ASP C 91 12.83 -2.03 9.27
CA ASP C 91 12.80 -1.29 10.56
C ASP C 91 14.18 -1.31 11.20
N SER C 92 14.89 -2.43 11.07
CA SER C 92 16.22 -2.59 11.69
C SER C 92 17.32 -2.06 10.78
N GLY C 93 16.97 -1.52 9.62
CA GLY C 93 17.95 -1.02 8.65
C GLY C 93 18.77 0.16 9.16
N HIS C 94 20.03 0.20 8.75
CA HIS C 94 20.96 1.28 9.21
C HIS C 94 20.52 2.64 8.67
N PRO C 95 20.52 3.68 9.51
CA PRO C 95 20.03 4.98 9.09
C PRO C 95 20.82 5.67 7.96
N MET C 96 22.15 5.58 7.99
CA MET C 96 23.00 6.21 6.94
C MET C 96 22.74 5.56 5.57
N ASP C 97 22.60 4.24 5.54
CA ASP C 97 22.27 3.54 4.28
C ASP C 97 20.90 4.03 3.81
N ALA C 98 19.99 4.24 4.75
CA ALA C 98 18.65 4.75 4.41
C ALA C 98 18.74 6.13 3.78
N LEU C 99 19.61 7.00 4.31
CA LEU C 99 19.75 8.36 3.75
C LEU C 99 20.23 8.26 2.31
N GLN C 100 21.15 7.34 2.03
CA GLN C 100 21.71 7.26 0.68
C GLN C 100 20.60 6.92 -0.31
N ALA C 101 19.74 5.98 0.05
CA ALA C 101 18.61 5.60 -0.81
C ALA C 101 17.66 6.77 -0.98
N SER C 102 17.40 7.48 0.10
CA SER C 102 16.46 8.61 0.07
C SER C 102 17.01 9.73 -0.82
N ALA C 103 18.30 10.02 -0.73
CA ALA C 103 18.91 11.09 -1.54
C ALA C 103 18.85 10.72 -3.01
N ALA C 104 19.15 9.47 -3.30
CA ALA C 104 19.16 9.02 -4.70
C ALA C 104 17.75 9.12 -5.25
N ALA C 105 16.77 8.79 -4.45
CA ALA C 105 15.35 8.83 -4.87
C ALA C 105 14.95 10.24 -5.23
N LEU C 106 15.44 11.23 -4.49
CA LEU C 106 15.05 12.62 -4.75
C LEU C 106 15.43 12.94 -6.18
N GLY C 107 16.45 12.26 -6.67
CA GLY C 107 16.91 12.47 -8.05
C GLY C 107 15.84 12.09 -9.04
N LEU C 108 15.13 11.01 -8.77
CA LEU C 108 14.16 10.55 -9.79
C LEU C 108 13.09 11.60 -10.00
N PHE C 109 12.57 12.19 -8.95
CA PHE C 109 11.61 13.31 -9.07
C PHE C 109 12.22 14.59 -9.65
N TYR C 110 13.45 14.92 -9.23
CA TYR C 110 14.05 16.24 -9.57
C TYR C 110 15.19 16.24 -10.58
N SER C 111 15.45 15.16 -11.31
CA SER C 111 16.66 15.21 -12.19
C SER C 111 16.32 15.78 -13.56
N ARG C 112 16.75 17.01 -13.83
CA ARG C 112 16.48 17.68 -15.12
C ARG C 112 17.46 18.84 -15.31
N ARG C 113 17.62 19.38 -16.52
CA ARG C 113 18.36 20.67 -16.73
C ARG C 113 19.88 20.57 -16.82
N ALA C 114 20.54 21.73 -16.94
CA ALA C 114 22.02 21.79 -17.10
C ALA C 114 22.61 22.91 -16.27
N LEU C 115 23.90 22.80 -15.92
CA LEU C 115 24.60 23.89 -15.19
C LEU C 115 24.36 25.22 -15.90
N ASP C 116 24.20 25.18 -17.23
CA ASP C 116 23.98 26.42 -18.00
C ASP C 116 22.89 27.19 -17.26
N ASP C 117 21.88 26.49 -16.74
CA ASP C 117 20.91 27.25 -15.92
C ASP C 117 21.61 27.51 -14.59
N PRO C 118 21.80 28.78 -14.20
CA PRO C 118 22.36 29.11 -12.89
C PRO C 118 21.32 28.60 -11.90
N GLU C 119 20.06 28.71 -12.28
CA GLU C 119 18.95 28.34 -11.37
C GLU C 119 19.05 26.88 -10.95
N TYR C 120 19.48 26.01 -11.84
CA TYR C 120 19.47 24.57 -11.50
C TYR C 120 20.35 24.34 -10.28
N ILE C 121 21.50 24.99 -10.25
CA ILE C 121 22.43 24.82 -9.11
C ILE C 121 21.73 25.33 -7.85
N ARG C 122 21.01 26.42 -7.96
CA ARG C 122 20.35 27.03 -6.79
C ARG C 122 19.24 26.14 -6.30
N ALA C 123 18.52 25.56 -7.23
CA ALA C 123 17.36 24.71 -6.85
C ALA C 123 17.81 23.46 -6.10
N ALA C 124 18.87 22.84 -6.59
CA ALA C 124 19.38 21.62 -5.93
C ALA C 124 19.85 22.01 -4.54
N VAL C 125 20.50 23.14 -4.43
CA VAL C 125 21.06 23.54 -3.12
C VAL C 125 19.90 23.68 -2.16
N VAL C 126 18.79 24.24 -2.61
CA VAL C 126 17.66 24.52 -1.69
C VAL C 126 16.96 23.21 -1.38
N ARG C 127 16.73 22.39 -2.39
CA ARG C 127 15.95 21.17 -2.15
C ARG C 127 16.72 20.22 -1.25
N LEU C 128 18.00 20.04 -1.54
CA LEU C 128 18.81 19.07 -0.76
C LEU C 128 18.95 19.55 0.68
N LEU C 129 19.20 20.84 0.87
CA LEU C 129 19.36 21.38 2.24
C LEU C 129 18.03 21.25 2.97
N ALA C 130 16.94 21.57 2.31
CA ALA C 130 15.60 21.50 2.93
C ALA C 130 15.12 20.09 3.24
N LYS C 131 15.33 19.16 2.33
CA LYS C 131 14.72 17.80 2.47
C LYS C 131 15.58 16.78 3.23
N ILE C 132 16.91 16.90 3.19
CA ILE C 132 17.75 15.82 3.80
C ILE C 132 17.42 15.76 5.28
N PRO C 133 17.27 16.90 5.96
CA PRO C 133 16.91 16.89 7.36
C PRO C 133 15.53 16.26 7.57
N THR C 134 14.57 16.57 6.70
CA THR C 134 13.21 16.02 6.82
C THR C 134 13.27 14.51 6.65
N MET C 135 14.06 14.04 5.70
CA MET C 135 14.16 12.60 5.40
C MET C 135 14.75 11.83 6.58
N VAL C 136 15.74 12.40 7.25
CA VAL C 136 16.39 11.73 8.40
C VAL C 136 15.38 11.54 9.54
N ALA C 137 14.59 12.56 9.82
CA ALA C 137 13.56 12.49 10.88
C ALA C 137 12.50 11.47 10.50
N ALA C 138 12.15 11.43 9.23
CA ALA C 138 11.08 10.54 8.76
C ALA C 138 11.41 9.08 9.03
N PHE C 139 12.65 8.67 8.80
CA PHE C 139 13.03 7.26 9.05
C PHE C 139 12.89 6.97 10.53
N GLN C 140 13.27 7.92 11.38
CA GLN C 140 13.25 7.60 12.82
C GLN C 140 11.81 7.30 13.24
N LEU C 141 10.88 8.14 12.83
CA LEU C 141 9.46 7.92 13.18
C LEU C 141 8.91 6.68 12.48
N ILE C 142 9.22 6.50 11.20
CA ILE C 142 8.69 5.36 10.40
C ILE C 142 9.21 4.02 10.94
N ARG C 143 10.47 3.96 11.32
CA ARG C 143 11.09 2.71 11.83
C ARG C 143 10.38 2.28 13.11
N LYS C 144 9.99 3.25 13.93
CA LYS C 144 9.30 2.95 15.21
C LYS C 144 7.81 2.76 14.97
N GLY C 145 7.35 2.93 13.74
CA GLY C 145 5.93 2.73 13.39
C GLY C 145 5.11 3.99 13.51
N ASN C 146 5.76 5.11 13.76
CA ASN C 146 5.04 6.37 14.01
C ASN C 146 5.03 7.23 12.74
N ASP C 147 3.93 7.93 12.50
CA ASP C 147 3.78 8.74 11.27
C ASP C 147 4.81 9.86 11.29
N PRO C 148 5.44 10.19 10.14
CA PRO C 148 6.48 11.19 10.12
C PRO C 148 5.94 12.56 10.55
N ILE C 149 6.68 13.23 11.43
CA ILE C 149 6.28 14.59 11.87
C ILE C 149 6.49 15.53 10.68
N GLN C 150 5.65 16.54 10.55
CA GLN C 150 5.68 17.41 9.35
C GLN C 150 6.27 18.75 9.72
N PRO C 151 7.04 19.38 8.81
CA PRO C 151 7.73 20.60 9.12
C PRO C 151 6.80 21.76 9.50
N ARG C 152 7.23 22.59 10.46
CA ARG C 152 6.45 23.79 10.86
C ARG C 152 7.16 25.01 10.28
N ASP C 153 6.43 25.84 9.55
CA ASP C 153 7.01 27.03 8.88
C ASP C 153 7.57 27.97 9.93
N GLU C 154 6.90 28.08 11.06
CA GLU C 154 7.32 29.01 12.14
C GLU C 154 8.72 28.65 12.65
N LEU C 155 9.00 27.36 12.82
CA LEU C 155 10.30 26.92 13.39
C LEU C 155 11.46 27.08 12.40
N ASP C 156 12.63 27.47 12.90
CA ASP C 156 13.85 27.68 12.08
C ASP C 156 14.49 26.32 11.76
N TYR C 157 15.51 26.30 10.91
CA TYR C 157 16.06 25.02 10.40
C TYR C 157 16.53 24.11 11.54
N ALA C 158 17.26 24.62 12.51
CA ALA C 158 17.68 23.69 13.57
C ALA C 158 16.48 23.19 14.37
N ALA C 159 15.57 24.08 14.72
CA ALA C 159 14.41 23.72 15.55
C ALA C 159 13.51 22.72 14.85
N ASN C 160 13.30 22.91 13.55
CA ASN C 160 12.36 22.02 12.84
C ASN C 160 12.89 20.60 12.95
N PHE C 161 14.20 20.43 12.77
CA PHE C 161 14.73 19.05 12.79
C PHE C 161 14.52 18.46 14.16
N LEU C 162 14.80 19.24 15.19
CA LEU C 162 14.65 18.73 16.57
C LEU C 162 13.19 18.42 16.83
N TYR C 163 12.30 19.30 16.38
CA TYR C 163 10.85 19.09 16.53
C TYR C 163 10.43 17.86 15.76
N MET C 164 10.94 17.71 14.55
CA MET C 164 10.49 16.58 13.73
C MET C 164 10.90 15.26 14.39
N LEU C 165 12.10 15.19 14.95
CA LEU C 165 12.55 13.99 15.70
C LEU C 165 11.77 13.81 17.01
N THR C 166 11.50 14.89 17.76
CA THR C 166 10.88 14.75 19.10
C THR C 166 9.40 15.15 19.17
N GLU C 167 8.94 16.00 18.28
CA GLU C 167 7.52 16.48 18.27
C GLU C 167 7.35 17.57 19.33
N ARG C 168 8.44 18.01 19.95
CA ARG C 168 8.37 19.11 20.92
C ARG C 168 9.27 20.23 20.41
N GLU C 169 8.78 21.47 20.43
CA GLU C 169 9.61 22.61 19.99
C GLU C 169 10.79 22.74 20.94
N PRO C 170 12.00 22.92 20.40
CA PRO C 170 13.19 23.01 21.23
C PRO C 170 13.31 24.37 21.91
N ASP C 171 14.03 24.46 23.03
CA ASP C 171 14.28 25.80 23.60
C ASP C 171 15.21 26.51 22.62
N PRO C 172 15.09 27.83 22.44
CA PRO C 172 15.87 28.54 21.45
C PRO C 172 17.38 28.43 21.71
N VAL C 173 17.79 28.43 22.96
CA VAL C 173 19.24 28.30 23.31
C VAL C 173 19.73 26.96 22.78
N ALA C 174 18.92 25.92 22.94
CA ALA C 174 19.28 24.58 22.46
C ALA C 174 19.42 24.62 20.94
N ALA C 175 18.52 25.33 20.29
CA ALA C 175 18.55 25.43 18.81
C ALA C 175 19.85 26.10 18.36
N ARG C 176 20.27 27.16 19.05
CA ARG C 176 21.46 27.91 18.61
C ARG C 176 22.66 26.97 18.69
N ILE C 177 22.72 26.17 19.75
CA ILE C 177 23.88 25.25 19.93
C ILE C 177 23.87 24.26 18.77
N PHE C 178 22.70 23.76 18.40
CA PHE C 178 22.61 22.79 17.29
C PHE C 178 23.02 23.44 15.97
N ASP C 179 22.58 24.66 15.71
CA ASP C 179 22.93 25.38 14.46
C ASP C 179 24.43 25.59 14.43
N ILE C 180 24.98 25.96 15.59
CA ILE C 180 26.44 26.16 15.69
C ILE C 180 27.11 24.83 15.42
N CYS C 181 26.58 23.75 15.97
CA CYS C 181 27.27 22.45 15.80
C CYS C 181 27.30 22.09 14.32
N LEU C 182 26.20 22.33 13.61
CA LEU C 182 26.12 22.02 12.17
C LEU C 182 27.13 22.88 11.41
N THR C 183 27.21 24.16 11.78
CA THR C 183 28.15 25.08 11.10
C THR C 183 29.57 24.55 11.31
N LEU C 184 29.85 24.01 12.49
CA LEU C 184 31.17 23.44 12.81
C LEU C 184 31.46 22.24 11.92
N HIS C 185 30.47 21.40 11.65
CA HIS C 185 30.68 20.17 10.86
C HIS C 185 30.39 20.42 9.38
N ALA C 186 30.11 21.66 9.00
CA ALA C 186 29.70 21.96 7.61
C ALA C 186 30.79 21.61 6.61
N GLU C 187 31.96 22.22 6.74
CA GLU C 187 33.01 22.01 5.71
C GLU C 187 34.35 21.72 6.35
N HIS C 188 35.19 20.98 5.63
CA HIS C 188 36.57 20.66 6.03
C HIS C 188 37.29 20.53 4.68
N THR C 189 38.60 20.43 4.68
CA THR C 189 39.37 20.43 3.42
C THR C 189 39.04 19.09 2.81
N ILE C 190 39.49 18.80 1.60
CA ILE C 190 38.93 17.62 0.92
C ILE C 190 39.06 16.46 1.87
N ASN C 191 37.96 15.72 2.00
CA ASN C 191 37.84 14.63 2.98
C ASN C 191 37.17 13.49 2.24
N ALA C 192 37.38 12.26 2.68
CA ALA C 192 36.85 11.13 1.91
C ALA C 192 35.48 11.46 1.30
N SER C 193 34.57 12.00 2.09
CA SER C 193 33.19 12.29 1.61
C SER C 193 33.19 13.36 0.52
N THR C 194 33.93 14.43 0.72
CA THR C 194 34.01 15.51 -0.30
C THR C 194 34.67 14.94 -1.54
N PHE C 195 35.70 14.11 -1.36
CA PHE C 195 36.42 13.54 -2.51
C PHE C 195 35.49 12.65 -3.33
N SER C 196 34.65 11.87 -2.64
CA SER C 196 33.71 10.97 -3.35
C SER C 196 32.75 11.82 -4.16
N ALA C 197 32.29 12.91 -3.56
CA ALA C 197 31.37 13.81 -4.26
C ALA C 197 32.06 14.42 -5.46
N MET C 198 33.31 14.83 -5.29
CA MET C 198 34.04 15.50 -6.39
C MET C 198 34.22 14.52 -7.55
N VAL C 199 34.57 13.28 -7.26
CA VAL C 199 34.74 12.27 -8.34
C VAL C 199 33.42 12.00 -9.05
N THR C 200 32.33 11.91 -8.31
CA THR C 200 31.01 11.62 -8.92
C THR C 200 30.58 12.84 -9.73
N ALA C 201 30.87 14.03 -9.22
CA ALA C 201 30.55 15.31 -9.90
C ALA C 201 31.33 15.41 -11.23
N SER C 202 32.57 14.95 -11.27
CA SER C 202 33.45 15.10 -12.46
C SER C 202 32.78 14.42 -13.63
N THR C 203 32.09 13.30 -13.41
CA THR C 203 31.35 12.57 -14.46
C THR C 203 30.22 13.46 -15.00
N LEU C 204 29.82 14.49 -14.25
CA LEU C 204 28.68 15.38 -14.65
C LEU C 204 27.31 14.81 -14.25
N THR C 205 27.28 13.88 -13.31
CA THR C 205 26.05 13.27 -12.78
C THR C 205 25.25 14.25 -11.93
N ASP C 206 23.98 13.97 -11.71
CA ASP C 206 23.05 14.85 -10.94
C ASP C 206 23.48 15.01 -9.49
N PRO C 207 23.22 16.18 -8.88
CA PRO C 207 23.69 16.47 -7.52
C PRO C 207 23.15 15.55 -6.43
N TYR C 208 21.89 15.19 -6.53
CA TYR C 208 21.28 14.23 -5.57
C TYR C 208 22.10 12.93 -5.54
N ALA C 209 22.54 12.45 -6.69
CA ALA C 209 23.41 11.25 -6.76
C ALA C 209 24.77 11.51 -6.14
N VAL C 210 25.33 12.69 -6.37
CA VAL C 210 26.66 13.03 -5.81
C VAL C 210 26.53 12.99 -4.29
N VAL C 211 25.45 13.54 -3.75
CA VAL C 211 25.23 13.58 -2.27
C VAL C 211 25.10 12.14 -1.76
N ALA C 212 24.44 11.29 -2.53
CA ALA C 212 24.24 9.89 -2.12
C ALA C 212 25.56 9.15 -2.02
N SER C 213 26.45 9.35 -2.98
CA SER C 213 27.77 8.69 -2.99
C SER C 213 28.56 9.17 -1.79
N ALA C 214 28.48 10.46 -1.49
CA ALA C 214 29.19 11.05 -0.35
C ALA C 214 28.67 10.46 0.97
N VAL C 215 27.37 10.26 1.08
CA VAL C 215 26.75 9.75 2.33
C VAL C 215 27.32 8.34 2.59
N GLY C 216 27.53 7.58 1.54
CA GLY C 216 28.13 6.23 1.68
C GLY C 216 29.48 6.29 2.35
N THR C 217 30.39 7.11 1.83
CA THR C 217 31.77 7.15 2.37
C THR C 217 31.73 7.60 3.83
N LEU C 218 30.91 8.59 4.17
CA LEU C 218 30.76 9.08 5.57
C LEU C 218 30.20 7.99 6.47
N ALA C 219 29.32 7.15 5.94
CA ALA C 219 28.70 6.05 6.70
C ALA C 219 29.77 5.09 7.18
N GLY C 220 30.82 4.92 6.39
CA GLY C 220 31.90 4.00 6.75
C GLY C 220 32.56 4.42 8.03
N PRO C 221 33.01 3.46 8.86
CA PRO C 221 33.52 3.81 10.18
C PRO C 221 34.75 4.73 10.20
N LEU C 222 35.73 4.54 9.32
CA LEU C 222 36.97 5.36 9.39
C LEU C 222 36.68 6.84 9.09
N HIS C 223 35.88 7.17 8.08
CA HIS C 223 35.68 8.61 7.80
C HIS C 223 34.91 9.30 8.90
N GLY C 224 33.73 8.78 9.22
CA GLY C 224 32.88 9.48 10.19
C GLY C 224 32.14 8.52 11.08
N GLY C 225 32.45 8.55 12.38
CA GLY C 225 31.83 7.63 13.34
C GLY C 225 32.44 7.76 14.71
N ALA C 226 32.06 6.89 15.62
CA ALA C 226 32.66 6.83 16.97
C ALA C 226 31.95 7.77 17.94
N ASN C 227 31.01 8.56 17.46
CA ASN C 227 30.24 9.37 18.44
C ASN C 227 29.51 8.33 19.30
N GLU C 228 28.98 7.30 18.65
CA GLU C 228 28.24 6.23 19.37
C GLU C 228 29.17 5.53 20.34
N GLU C 229 30.40 5.26 19.89
CA GLU C 229 31.33 4.50 20.74
C GLU C 229 31.63 5.30 22.00
N VAL C 230 31.81 6.60 21.87
CA VAL C 230 32.23 7.38 23.06
C VAL C 230 31.17 7.27 24.14
N LEU C 231 29.90 7.36 23.75
CA LEU C 231 28.82 7.28 24.76
C LEU C 231 28.92 5.89 25.37
N ASP C 232 29.19 4.88 24.53
CA ASP C 232 29.27 3.50 25.02
C ASP C 232 30.42 3.38 26.03
N MET C 233 31.55 4.03 25.75
CA MET C 233 32.70 3.99 26.69
C MET C 233 32.25 4.64 27.99
N LEU C 234 31.52 5.73 27.87
CA LEU C 234 31.12 6.45 29.10
C LEU C 234 30.25 5.51 29.92
N GLU C 235 29.36 4.79 29.27
CA GLU C 235 28.41 3.93 30.04
C GLU C 235 29.18 2.86 30.81
N ALA C 236 30.19 2.27 30.16
CA ALA C 236 30.98 1.20 30.81
C ALA C 236 31.72 1.75 32.03
N ILE C 237 32.29 2.94 31.92
CA ILE C 237 32.98 3.56 33.09
C ILE C 237 31.97 3.56 34.23
N GLY C 238 30.70 3.80 33.93
CA GLY C 238 29.66 3.68 34.96
C GLY C 238 29.71 4.78 36.00
N SER C 239 30.86 4.96 36.64
CA SER C 239 30.91 5.94 37.75
C SER C 239 32.06 6.91 37.55
N VAL C 240 31.95 8.08 38.16
CA VAL C 240 33.03 9.09 38.04
C VAL C 240 34.27 8.45 38.66
N GLU C 241 34.08 7.68 39.71
CA GLU C 241 35.23 7.06 40.41
C GLU C 241 35.96 6.09 39.48
N ASN C 242 35.24 5.26 38.73
CA ASN C 242 35.89 4.20 37.93
C ASN C 242 36.67 4.81 36.76
N VAL C 243 36.71 6.13 36.64
CA VAL C 243 37.37 6.68 35.42
C VAL C 243 38.85 6.29 35.44
N GLU C 244 39.53 6.44 36.58
CA GLU C 244 40.99 6.18 36.61
C GLU C 244 41.29 4.70 36.36
N PRO C 245 40.58 3.74 36.98
CA PRO C 245 40.93 2.35 36.77
C PRO C 245 40.73 1.94 35.31
N TYR C 246 39.60 2.32 34.72
CA TYR C 246 39.32 1.89 33.33
C TYR C 246 40.36 2.52 32.42
N LEU C 247 40.63 3.80 32.66
CA LEU C 247 41.56 4.51 31.76
C LEU C 247 42.95 3.88 31.89
N ASP C 248 43.37 3.56 33.12
CA ASP C 248 44.74 3.02 33.34
C ASP C 248 44.88 1.66 32.65
N HIS C 249 43.87 0.80 32.78
CA HIS C 249 43.92 -0.50 32.06
C HIS C 249 43.93 -0.17 30.57
N CYS C 250 43.16 0.84 30.19
CA CYS C 250 43.10 1.30 28.77
C CYS C 250 44.48 1.79 28.33
N ILE C 251 45.24 2.40 29.24
CA ILE C 251 46.53 3.00 28.81
C ILE C 251 47.34 1.86 28.20
N ALA C 252 47.07 0.64 28.67
CA ALA C 252 47.77 -0.55 28.15
C ALA C 252 47.13 -1.05 26.85
N THR C 253 47.48 -0.45 25.71
CA THR C 253 47.01 -0.95 24.38
C THR C 253 45.60 -0.47 23.98
N LYS C 254 44.96 0.42 24.74
CA LYS C 254 43.56 0.80 24.39
C LYS C 254 43.37 2.33 24.36
N THR C 255 42.63 2.85 23.37
CA THR C 255 42.31 4.30 23.36
C THR C 255 40.93 4.52 22.75
N ARG C 256 40.21 5.56 23.17
CA ARG C 256 38.92 5.87 22.47
C ARG C 256 38.62 7.36 22.46
N ILE C 257 37.96 7.85 21.41
CA ILE C 257 37.47 9.27 21.36
C ILE C 257 38.60 10.28 21.53
N MET C 258 39.81 9.96 21.09
CA MET C 258 40.87 10.99 21.18
C MET C 258 41.89 10.82 20.06
N GLY C 259 42.56 11.92 19.68
CA GLY C 259 43.60 11.88 18.64
C GLY C 259 43.09 11.37 17.30
N PHE C 260 41.86 11.74 16.92
CA PHE C 260 41.31 11.32 15.61
C PHE C 260 42.38 11.56 14.55
N GLY C 261 43.19 12.60 14.75
CA GLY C 261 44.26 12.91 13.79
C GLY C 261 43.74 13.66 12.57
N HIS C 262 44.62 13.99 11.63
CA HIS C 262 44.26 14.78 10.43
C HIS C 262 45.29 15.89 10.30
N ARG C 263 45.16 16.75 9.29
CA ARG C 263 46.18 17.80 9.09
C ARG C 263 46.35 18.52 10.43
N VAL C 264 45.25 18.75 11.15
CA VAL C 264 45.41 19.34 12.52
C VAL C 264 46.20 18.32 13.34
N TYR C 265 47.27 18.75 14.02
CA TYR C 265 48.11 17.77 14.73
C TYR C 265 48.30 18.11 16.20
N LYS C 266 49.36 18.88 16.51
CA LYS C 266 49.68 19.15 17.93
C LYS C 266 48.56 19.93 18.58
N VAL C 267 48.02 20.91 17.86
CA VAL C 267 46.99 21.80 18.46
C VAL C 267 45.67 21.05 18.57
N LYS C 268 44.82 21.44 19.53
CA LYS C 268 43.47 20.84 19.62
C LYS C 268 42.69 21.38 18.42
N ASP C 269 41.72 20.60 17.94
CA ASP C 269 40.90 21.04 16.80
C ASP C 269 40.14 22.28 17.25
N PRO C 270 40.04 23.31 16.39
CA PRO C 270 39.38 24.54 16.78
C PRO C 270 37.92 24.21 17.12
N ARG C 271 37.32 23.31 16.35
CA ARG C 271 35.91 22.96 16.55
C ARG C 271 35.68 22.33 17.92
N ALA C 272 36.60 21.48 18.34
CA ALA C 272 36.41 20.76 19.60
C ALA C 272 36.35 21.77 20.74
N VAL C 273 37.19 22.79 20.65
CA VAL C 273 37.22 23.76 21.77
C VAL C 273 35.83 24.39 21.83
N ILE C 274 35.27 24.73 20.68
CA ILE C 274 33.94 25.42 20.66
C ILE C 274 32.89 24.47 21.24
N LEU C 275 32.95 23.20 20.87
CA LEU C 275 31.93 22.22 21.32
C LEU C 275 31.98 22.07 22.83
N GLN C 276 33.18 22.03 23.41
CA GLN C 276 33.27 21.81 24.86
C GLN C 276 32.61 22.98 25.57
N ASN C 277 32.84 24.19 25.09
CA ASN C 277 32.15 25.35 25.70
C ASN C 277 30.66 25.18 25.48
N LEU C 278 30.26 24.77 24.28
CA LEU C 278 28.82 24.65 23.97
C LEU C 278 28.23 23.59 24.88
N ALA C 279 28.94 22.49 25.07
CA ALA C 279 28.40 21.38 25.87
C ALA C 279 28.19 21.84 27.30
N GLU C 280 29.15 22.57 27.83
CA GLU C 280 29.05 23.01 29.24
C GLU C 280 27.83 23.91 29.35
N GLN C 281 27.68 24.79 28.38
CA GLN C 281 26.57 25.74 28.48
C GLN C 281 25.26 24.97 28.48
N LEU C 282 25.13 23.99 27.61
CA LEU C 282 23.83 23.28 27.53
C LEU C 282 23.64 22.53 28.83
N PHE C 283 24.59 21.68 29.19
CA PHE C 283 24.41 20.80 30.38
C PHE C 283 24.20 21.65 31.63
N ASP C 284 24.85 22.81 31.68
CA ASP C 284 24.67 23.71 32.85
C ASP C 284 23.23 24.15 32.89
N ILE C 285 22.71 24.63 31.77
CA ILE C 285 21.31 25.15 31.71
C ILE C 285 20.28 24.03 31.78
N PHE C 286 20.46 22.97 31.01
CA PHE C 286 19.40 21.93 30.93
C PHE C 286 19.74 20.70 31.75
N GLY C 287 20.62 20.82 32.75
CA GLY C 287 20.84 19.69 33.67
C GLY C 287 22.11 18.91 33.49
N HIS C 288 22.94 18.88 34.53
CA HIS C 288 24.14 18.02 34.48
C HIS C 288 23.70 16.58 34.64
N ASP C 289 24.16 15.68 33.78
CA ASP C 289 23.71 14.27 33.84
C ASP C 289 24.91 13.40 34.21
N PRO C 290 24.70 12.14 34.61
CA PRO C 290 25.79 11.30 35.07
C PRO C 290 26.80 11.06 33.96
N TYR C 291 26.32 10.84 32.74
CA TYR C 291 27.23 10.55 31.61
C TYR C 291 28.13 11.78 31.43
N TYR C 292 27.56 12.96 31.55
CA TYR C 292 28.35 14.20 31.36
C TYR C 292 29.44 14.27 32.44
N GLU C 293 29.07 13.95 33.68
CA GLU C 293 30.05 14.06 34.78
C GLU C 293 31.19 13.08 34.51
N ILE C 294 30.86 11.88 34.06
CA ILE C 294 31.91 10.85 33.79
C ILE C 294 32.79 11.38 32.67
N ALA C 295 32.20 11.98 31.65
CA ALA C 295 33.00 12.43 30.50
C ALA C 295 33.96 13.51 30.96
N VAL C 296 33.48 14.43 31.79
CA VAL C 296 34.35 15.56 32.21
C VAL C 296 35.51 14.95 32.97
N ALA C 297 35.20 13.95 33.80
CA ALA C 297 36.24 13.29 34.60
C ALA C 297 37.23 12.63 33.66
N VAL C 298 36.74 11.98 32.62
CA VAL C 298 37.67 11.24 31.70
C VAL C 298 38.58 12.29 31.05
N GLU C 299 38.02 13.44 30.71
CA GLU C 299 38.81 14.50 30.07
C GLU C 299 39.89 14.93 31.05
N LYS C 300 39.54 15.04 32.33
CA LYS C 300 40.52 15.45 33.37
C LYS C 300 41.64 14.40 33.49
N ALA C 301 41.28 13.12 33.44
CA ALA C 301 42.30 12.05 33.46
C ALA C 301 43.14 12.21 32.19
N ALA C 302 42.56 12.80 31.16
CA ALA C 302 43.25 12.99 29.87
C ALA C 302 44.42 13.91 30.10
N ALA C 303 44.43 14.62 31.22
CA ALA C 303 45.49 15.62 31.46
C ALA C 303 46.85 14.93 31.43
N GLU C 304 46.94 13.72 31.97
CA GLU C 304 48.22 13.00 32.01
C GLU C 304 48.71 12.74 30.59
N ARG C 305 47.81 12.36 29.68
CA ARG C 305 48.25 12.00 28.30
C ARG C 305 48.21 13.16 27.32
N LEU C 306 47.40 14.20 27.56
CA LEU C 306 47.26 15.23 26.50
C LEU C 306 48.58 15.92 26.22
N SER C 307 49.28 16.36 27.25
CA SER C 307 50.61 16.96 27.04
C SER C 307 51.57 15.87 26.58
N HIS C 308 51.44 14.68 27.18
CA HIS C 308 52.43 13.60 26.93
C HIS C 308 52.47 13.15 25.48
N LYS C 309 51.33 12.93 24.83
CA LYS C 309 51.39 12.37 23.47
C LYS C 309 50.86 13.36 22.45
N TYR C 312 44.56 14.82 22.12
CA TYR C 312 43.55 15.74 22.69
C TYR C 312 42.14 15.22 22.39
N PRO C 313 41.12 15.64 23.16
CA PRO C 313 39.76 15.14 22.96
C PRO C 313 39.28 15.52 21.57
N ASN C 314 38.53 14.63 20.91
CA ASN C 314 38.07 14.86 19.51
C ASN C 314 36.66 15.45 19.49
N VAL C 315 36.32 16.14 18.40
CA VAL C 315 34.99 16.81 18.29
C VAL C 315 33.93 15.76 18.54
N ASP C 316 34.23 14.52 18.16
CA ASP C 316 33.25 13.41 18.31
C ASP C 316 32.93 13.25 19.80
N PHE C 317 33.90 13.41 20.68
CA PHE C 317 33.65 13.19 22.11
C PHE C 317 32.60 14.18 22.62
N TYR C 318 32.76 15.45 22.26
CA TYR C 318 31.80 16.50 22.66
C TYR C 318 30.46 16.39 21.94
N SER C 319 30.47 16.05 20.65
CA SER C 319 29.24 16.10 19.83
C SER C 319 28.15 15.15 20.33
N GLY C 320 28.52 13.94 20.70
CA GLY C 320 27.48 12.98 21.08
C GLY C 320 26.74 13.46 22.29
N LEU C 321 27.46 14.05 23.24
CA LEU C 321 26.83 14.50 24.49
C LEU C 321 25.80 15.58 24.18
N VAL C 322 26.15 16.52 23.31
CA VAL C 322 25.18 17.58 22.91
C VAL C 322 24.03 16.90 22.19
N TYR C 323 24.35 15.99 21.29
CA TYR C 323 23.30 15.34 20.48
C TYR C 323 22.36 14.56 21.40
N ARG C 324 22.92 13.82 22.36
CA ARG C 324 22.09 13.00 23.25
C ARG C 324 21.20 13.91 24.10
N LYS C 325 21.76 14.99 24.63
CA LYS C 325 20.97 15.94 25.44
C LYS C 325 19.92 16.56 24.54
N LEU C 326 20.28 16.81 23.30
CA LEU C 326 19.34 17.41 22.34
C LEU C 326 18.27 16.37 22.05
N GLY C 327 18.50 15.13 22.45
CA GLY C 327 17.48 14.08 22.27
C GLY C 327 17.66 13.29 21.00
N ILE C 328 18.74 13.52 20.28
CA ILE C 328 19.03 12.74 19.05
C ILE C 328 19.49 11.33 19.43
N PRO C 329 18.96 10.29 18.76
CA PRO C 329 19.42 8.93 18.99
C PRO C 329 20.83 8.73 18.40
N SER C 330 21.61 7.81 18.97
CA SER C 330 23.02 7.59 18.57
C SER C 330 23.16 7.18 17.11
N ASP C 331 22.25 6.35 16.61
CA ASP C 331 22.28 5.85 15.21
C ASP C 331 22.08 7.02 14.24
N LEU C 332 21.44 8.09 14.68
CA LEU C 332 21.20 9.29 13.83
C LEU C 332 22.37 10.27 13.89
N PHE C 333 23.39 10.01 14.70
CA PHE C 333 24.53 10.94 14.86
C PHE C 333 25.34 11.14 13.57
N THR C 334 25.65 10.06 12.86
CA THR C 334 26.39 10.16 11.57
C THR C 334 25.52 10.88 10.54
N PRO C 335 24.21 10.60 10.51
CA PRO C 335 23.30 11.30 9.62
C PRO C 335 23.21 12.80 9.89
N VAL C 336 23.27 13.23 11.15
CA VAL C 336 23.27 14.68 11.49
C VAL C 336 24.51 15.33 10.89
N PHE C 337 25.65 14.65 10.95
CA PHE C 337 26.89 15.18 10.35
C PHE C 337 26.65 15.35 8.87
N ALA C 338 25.95 14.39 8.29
CA ALA C 338 25.68 14.43 6.84
C ALA C 338 24.85 15.66 6.54
N ILE C 339 23.93 16.01 7.41
CA ILE C 339 23.04 17.14 7.11
C ILE C 339 23.91 18.38 6.95
N ALA C 340 24.86 18.58 7.85
CA ALA C 340 25.79 19.73 7.73
C ALA C 340 26.76 19.61 6.55
N ARG C 341 27.32 18.44 6.30
CA ARG C 341 28.38 18.25 5.28
C ARG C 341 27.81 18.49 3.89
N VAL C 342 26.50 18.43 3.78
CA VAL C 342 25.85 18.61 2.46
C VAL C 342 26.24 19.99 1.97
N ALA C 343 26.31 20.95 2.88
CA ALA C 343 26.68 22.31 2.49
C ALA C 343 28.06 22.34 1.87
N GLY C 344 29.03 21.67 2.49
CA GLY C 344 30.37 21.60 1.91
C GLY C 344 30.36 20.83 0.61
N TRP C 345 29.63 19.74 0.59
CA TRP C 345 29.62 18.91 -0.63
C TRP C 345 29.03 19.75 -1.76
N LEU C 346 27.99 20.51 -1.45
CA LEU C 346 27.33 21.34 -2.47
C LEU C 346 28.31 22.40 -2.97
N ALA C 347 29.08 22.99 -2.05
CA ALA C 347 30.04 24.03 -2.44
C ALA C 347 31.09 23.44 -3.37
N HIS C 348 31.57 22.26 -3.03
CA HIS C 348 32.60 21.58 -3.83
C HIS C 348 32.03 21.20 -5.19
N TRP C 349 30.77 20.79 -5.21
CA TRP C 349 30.15 20.37 -6.48
C TRP C 349 30.16 21.55 -7.44
N LYS C 350 29.81 22.73 -6.94
CA LYS C 350 29.75 23.92 -7.81
C LYS C 350 31.14 24.21 -8.34
N GLU C 351 32.14 24.13 -7.48
CA GLU C 351 33.53 24.45 -7.88
C GLU C 351 34.01 23.47 -8.94
N GLN C 352 33.69 22.20 -8.78
CA GLN C 352 34.15 21.15 -9.73
C GLN C 352 33.55 21.46 -11.08
N LEU C 353 32.31 21.93 -11.08
CA LEU C 353 31.61 22.23 -12.34
C LEU C 353 32.30 23.36 -13.09
N ASN C 354 32.76 24.40 -12.38
CA ASN C 354 33.29 25.57 -13.10
C ASN C 354 34.48 25.13 -13.93
N GLU C 355 35.37 24.32 -13.36
CA GLU C 355 36.45 23.76 -14.19
C GLU C 355 36.29 22.25 -14.05
N ASN C 356 35.99 21.56 -15.13
CA ASN C 356 35.74 20.12 -14.90
C ASN C 356 36.60 19.25 -15.78
N ARG C 357 37.30 18.33 -15.13
CA ARG C 357 38.03 17.29 -15.88
C ARG C 357 37.63 16.02 -15.14
N ILE C 358 37.32 14.95 -15.86
CA ILE C 358 36.87 13.71 -15.17
C ILE C 358 38.04 13.27 -14.31
N PHE C 359 37.77 12.70 -13.15
CA PHE C 359 38.87 12.16 -12.34
C PHE C 359 39.14 10.75 -12.83
N ARG C 360 40.13 10.58 -13.70
CA ARG C 360 40.55 9.25 -14.14
C ARG C 360 41.99 9.10 -13.65
N PRO C 361 42.22 8.29 -12.60
CA PRO C 361 43.53 8.12 -12.04
C PRO C 361 44.26 6.94 -12.69
N THR C 362 45.50 6.67 -12.25
CA THR C 362 46.32 5.60 -12.84
C THR C 362 46.79 4.63 -11.77
N GLN C 363 47.29 3.49 -12.18
CA GLN C 363 47.68 2.44 -11.24
C GLN C 363 49.09 1.96 -11.50
N ILE C 364 49.71 1.38 -10.48
CA ILE C 364 51.03 0.73 -10.69
C ILE C 364 50.65 -0.75 -10.78
N TYR C 365 51.00 -1.43 -11.88
CA TYR C 365 50.52 -2.82 -12.06
C TYR C 365 51.48 -3.81 -11.40
N THR C 366 50.98 -4.51 -10.39
CA THR C 366 51.77 -5.51 -9.66
C THR C 366 51.47 -6.85 -10.32
N GLY C 367 50.63 -6.84 -11.33
CA GLY C 367 50.15 -8.09 -11.97
C GLY C 367 50.99 -8.74 -13.04
N SER C 368 50.64 -9.96 -13.39
CA SER C 368 51.31 -10.73 -14.46
C SER C 368 50.84 -10.29 -15.85
N HIS C 369 51.60 -10.63 -16.89
CA HIS C 369 51.24 -10.29 -18.28
C HIS C 369 51.43 -11.47 -19.22
N ASN C 370 50.72 -11.53 -20.34
CA ASN C 370 50.98 -12.53 -21.41
C ASN C 370 50.53 -13.93 -21.01
N LEU C 371 49.71 -14.04 -19.97
CA LEU C 371 49.20 -15.36 -19.56
C LEU C 371 48.20 -15.85 -20.59
N ASP C 372 48.03 -17.17 -20.68
CA ASP C 372 47.15 -17.76 -21.70
C ASP C 372 45.99 -18.46 -20.99
N TYR C 373 44.79 -18.40 -21.56
CA TYR C 373 43.61 -18.98 -20.88
C TYR C 373 43.84 -20.46 -20.71
N THR C 374 43.42 -20.98 -19.57
CA THR C 374 43.62 -22.41 -19.27
C THR C 374 42.26 -23.08 -19.36
N PRO C 375 42.16 -24.23 -20.01
CA PRO C 375 40.90 -24.93 -20.13
C PRO C 375 40.54 -25.35 -18.70
N ILE C 376 39.27 -25.64 -18.44
CA ILE C 376 38.77 -25.89 -17.06
C ILE C 376 39.36 -27.18 -16.47
N ALA C 377 40.06 -27.97 -17.27
CA ALA C 377 40.64 -29.24 -16.76
C ALA C 377 41.57 -28.87 -15.61
N ASP C 378 42.31 -27.78 -15.74
CA ASP C 378 43.12 -27.27 -14.61
C ASP C 378 43.20 -28.30 -13.49
N THR D 2 -13.72 -42.23 50.34
CA THR D 2 -13.08 -41.07 51.01
C THR D 2 -14.17 -40.05 51.36
N ALA D 3 -14.31 -39.00 50.55
CA ALA D 3 -15.30 -37.94 50.82
C ALA D 3 -16.07 -37.62 49.53
N VAL D 4 -17.29 -37.09 49.67
CA VAL D 4 -18.12 -36.78 48.47
C VAL D 4 -17.42 -35.69 47.66
N SER D 5 -17.48 -35.78 46.33
CA SER D 5 -16.77 -34.82 45.47
C SER D 5 -17.81 -33.88 44.88
N GLU D 6 -17.51 -32.60 44.86
CA GLU D 6 -18.54 -31.61 44.46
C GLU D 6 -18.11 -30.88 43.20
N PHE D 7 -19.04 -30.68 42.27
CA PHE D 7 -18.75 -29.93 41.03
C PHE D 7 -19.84 -28.90 40.81
N ARG D 8 -19.45 -27.65 40.69
CA ARG D 8 -20.43 -26.61 40.37
C ARG D 8 -20.24 -26.28 38.89
N PRO D 9 -21.27 -26.52 38.08
CA PRO D 9 -21.19 -26.22 36.69
C PRO D 9 -20.94 -24.72 36.52
N GLY D 10 -19.96 -24.34 35.69
CA GLY D 10 -19.67 -22.92 35.45
C GLY D 10 -18.96 -22.27 36.61
N LEU D 11 -18.35 -23.08 37.46
CA LEU D 11 -17.63 -22.56 38.63
C LEU D 11 -18.54 -21.55 39.33
N GLU D 12 -19.82 -21.88 39.39
CA GLU D 12 -20.80 -20.96 40.01
C GLU D 12 -20.72 -21.04 41.53
N GLY D 13 -20.58 -19.89 42.17
CA GLY D 13 -20.48 -19.83 43.64
C GLY D 13 -19.09 -20.22 44.07
N VAL D 14 -18.22 -20.45 43.10
CA VAL D 14 -16.85 -20.93 43.44
C VAL D 14 -15.93 -19.73 43.45
N PRO D 15 -15.26 -19.46 44.58
CA PRO D 15 -14.35 -18.35 44.65
C PRO D 15 -13.10 -18.64 43.83
N ALA D 16 -12.67 -17.70 43.00
CA ALA D 16 -11.45 -17.86 42.21
C ALA D 16 -10.36 -16.92 42.70
N THR D 17 -10.72 -15.89 43.44
CA THR D 17 -9.72 -14.89 43.83
C THR D 17 -10.14 -14.12 45.07
N LEU D 18 -9.18 -13.44 45.69
CA LEU D 18 -9.50 -12.53 46.80
C LEU D 18 -9.26 -11.13 46.23
N SER D 19 -10.28 -10.25 46.25
CA SER D 19 -10.13 -8.91 45.61
C SER D 19 -10.75 -7.78 46.42
N SER D 20 -10.14 -6.59 46.37
CA SER D 20 -10.72 -5.38 47.01
C SER D 20 -11.32 -4.49 45.94
N ILE D 21 -11.25 -4.89 44.68
CA ILE D 21 -11.69 -4.01 43.56
C ILE D 21 -13.20 -3.72 43.55
N SER D 22 -14.06 -4.72 43.76
CA SER D 22 -15.51 -4.43 43.61
C SER D 22 -16.40 -5.28 44.51
N PHE D 23 -17.57 -4.76 44.89
CA PHE D 23 -18.55 -5.57 45.65
C PHE D 23 -19.95 -5.42 45.06
N VAL D 24 -20.63 -6.52 44.76
CA VAL D 24 -22.06 -6.45 44.35
C VAL D 24 -22.83 -7.36 45.29
N ASP D 25 -23.65 -6.79 46.16
CA ASP D 25 -24.47 -7.60 47.09
C ASP D 25 -25.55 -8.38 46.37
N GLY D 26 -26.27 -7.70 45.49
CA GLY D 26 -27.43 -8.36 44.89
C GLY D 26 -28.50 -8.27 45.96
N GLN D 27 -29.77 -8.44 45.64
CA GLN D 27 -30.79 -8.50 46.72
C GLN D 27 -30.89 -7.10 47.33
N ARG D 28 -29.78 -6.58 47.83
CA ARG D 28 -29.75 -5.22 48.41
C ARG D 28 -29.49 -4.22 47.28
N GLY D 29 -29.24 -4.72 46.07
CA GLY D 29 -28.95 -3.83 44.92
C GLY D 29 -27.77 -2.92 45.12
N VAL D 30 -26.63 -3.45 45.59
CA VAL D 30 -25.48 -2.56 45.88
C VAL D 30 -24.28 -2.86 44.98
N LEU D 31 -23.73 -1.84 44.32
CA LEU D 31 -22.47 -1.98 43.57
C LEU D 31 -21.49 -0.97 44.16
N GLU D 32 -20.33 -1.44 44.58
CA GLU D 32 -19.32 -0.55 45.19
C GLU D 32 -17.98 -0.70 44.50
N TYR D 33 -17.33 0.42 44.15
CA TYR D 33 -15.97 0.34 43.60
C TYR D 33 -15.06 0.86 44.71
N ARG D 34 -14.19 0.00 45.21
CA ARG D 34 -13.24 0.39 46.28
C ARG D 34 -14.00 1.00 47.46
N GLY D 35 -15.16 0.45 47.81
CA GLY D 35 -15.93 0.91 48.98
C GLY D 35 -16.84 2.09 48.72
N ILE D 36 -16.93 2.53 47.47
CA ILE D 36 -17.74 3.75 47.18
C ILE D 36 -18.92 3.36 46.29
N SER D 37 -20.09 3.90 46.59
CA SER D 37 -21.31 3.56 45.85
C SER D 37 -21.20 4.02 44.40
N ILE D 38 -21.79 3.27 43.50
CA ILE D 38 -21.78 3.65 42.06
C ILE D 38 -22.49 4.97 41.97
N GLU D 39 -23.55 5.15 42.75
CA GLU D 39 -24.36 6.37 42.62
C GLU D 39 -23.50 7.59 42.92
N GLN D 40 -22.70 7.53 43.97
CA GLN D 40 -21.83 8.67 44.34
C GLN D 40 -20.78 8.89 43.25
N LEU D 41 -20.17 7.82 42.77
CA LEU D 41 -19.10 7.97 41.75
C LEU D 41 -19.73 8.54 40.49
N ALA D 42 -20.91 8.06 40.14
CA ALA D 42 -21.52 8.52 38.88
C ALA D 42 -21.81 10.01 38.99
N GLN D 43 -22.36 10.44 40.11
CA GLN D 43 -22.68 11.87 40.32
C GLN D 43 -21.40 12.72 40.40
N GLN D 44 -20.38 12.25 41.11
CA GLN D 44 -19.21 13.13 41.35
C GLN D 44 -17.89 12.68 40.71
N SER D 45 -17.86 11.63 39.89
CA SER D 45 -16.53 11.17 39.41
C SER D 45 -16.43 10.97 37.91
N SER D 46 -15.23 11.18 37.36
CA SER D 46 -14.95 10.92 35.93
C SER D 46 -14.69 9.43 35.74
N PHE D 47 -14.79 8.93 34.51
CA PHE D 47 -14.45 7.52 34.26
C PHE D 47 -12.98 7.35 34.61
N LEU D 48 -12.19 8.34 34.23
CA LEU D 48 -10.73 8.27 34.48
C LEU D 48 -10.42 8.29 35.99
N GLU D 49 -11.14 9.09 36.76
CA GLU D 49 -10.95 9.07 38.24
C GLU D 49 -11.37 7.72 38.81
N THR D 50 -12.49 7.19 38.34
CA THR D 50 -12.97 5.87 38.81
C THR D 50 -11.91 4.85 38.40
N ALA D 51 -11.33 5.02 37.22
CA ALA D 51 -10.31 4.10 36.70
C ALA D 51 -9.07 4.07 37.59
N TYR D 52 -8.63 5.23 38.06
CA TYR D 52 -7.49 5.27 38.99
C TYR D 52 -7.86 4.54 40.26
N LEU D 53 -9.07 4.77 40.75
CA LEU D 53 -9.47 4.18 42.06
C LEU D 53 -9.47 2.65 41.95
N LEU D 54 -10.03 2.15 40.86
CA LEU D 54 -10.08 0.68 40.69
C LEU D 54 -8.67 0.12 40.49
N ILE D 55 -7.90 0.73 39.60
CA ILE D 55 -6.54 0.22 39.29
C ILE D 55 -5.57 0.44 40.46
N TRP D 56 -5.57 1.63 41.05
CA TRP D 56 -4.55 1.90 42.10
C TRP D 56 -5.13 1.86 43.51
N GLY D 57 -6.46 1.82 43.65
CA GLY D 57 -7.09 1.58 44.96
C GLY D 57 -7.19 2.80 45.86
N HIS D 58 -6.75 3.94 45.38
CA HIS D 58 -6.97 5.16 46.19
C HIS D 58 -7.60 6.20 45.28
N LEU D 59 -8.57 6.93 45.79
CA LEU D 59 -9.14 8.02 45.00
C LEU D 59 -8.00 9.00 44.77
N PRO D 60 -7.74 9.45 43.53
CA PRO D 60 -6.57 10.28 43.27
C PRO D 60 -6.53 11.74 43.73
N THR D 61 -5.34 12.31 43.84
CA THR D 61 -5.15 13.74 44.20
C THR D 61 -5.12 14.53 42.90
N GLN D 62 -5.37 15.82 42.96
CA GLN D 62 -5.46 16.62 41.71
C GLN D 62 -4.19 16.49 40.88
N GLN D 63 -3.03 16.46 41.52
CA GLN D 63 -1.78 16.43 40.74
C GLN D 63 -1.69 15.06 40.08
N GLU D 64 -2.28 14.06 40.71
CA GLU D 64 -2.27 12.69 40.15
C GLU D 64 -3.30 12.61 39.03
N LEU D 65 -4.49 13.15 39.22
CA LEU D 65 -5.53 13.03 38.19
C LEU D 65 -5.06 13.81 36.96
N THR D 66 -4.46 14.98 37.18
CA THR D 66 -4.02 15.81 36.03
C THR D 66 -2.93 15.08 35.25
N GLU D 67 -1.97 14.48 35.95
CA GLU D 67 -0.87 13.76 35.27
C GLU D 67 -1.44 12.56 34.52
N PHE D 68 -2.37 11.84 35.16
CA PHE D 68 -2.92 10.63 34.54
C PHE D 68 -3.65 11.03 33.27
N GLU D 69 -4.40 12.11 33.36
CA GLU D 69 -5.17 12.60 32.19
C GLU D 69 -4.20 13.04 31.09
N HIS D 70 -3.12 13.70 31.48
CA HIS D 70 -2.12 14.18 30.49
C HIS D 70 -1.47 12.99 29.79
N GLU D 71 -1.15 11.96 30.54
CA GLU D 71 -0.47 10.78 29.94
C GLU D 71 -1.40 10.12 28.93
N ILE D 72 -2.69 10.04 29.26
CA ILE D 72 -3.68 9.43 28.34
C ILE D 72 -3.76 10.25 27.06
N ARG D 73 -3.74 11.57 27.17
CA ARG D 73 -3.90 12.44 25.98
C ARG D 73 -2.74 12.22 25.01
N TYR D 74 -1.53 12.13 25.53
CA TYR D 74 -0.33 11.94 24.69
C TYR D 74 -0.41 10.61 23.97
N HIS D 75 -0.93 9.59 24.64
CA HIS D 75 -0.91 8.23 24.05
C HIS D 75 -2.21 7.94 23.30
N ARG D 76 -3.09 8.92 23.17
CA ARG D 76 -4.41 8.71 22.51
C ARG D 76 -4.24 8.32 21.04
N ARG D 77 -3.25 8.87 20.37
CA ARG D 77 -3.01 8.59 18.94
C ARG D 77 -2.48 7.18 18.73
N ILE D 78 -2.70 6.61 17.55
CA ILE D 78 -2.29 5.22 17.25
C ILE D 78 -1.33 5.22 16.06
N LYS D 79 -0.46 4.22 15.97
CA LYS D 79 0.59 4.18 14.93
C LYS D 79 0.01 3.93 13.54
N PHE D 80 0.68 4.41 12.49
CA PHE D 80 0.21 4.27 11.10
C PHE D 80 0.11 2.79 10.76
N ARG D 81 1.03 2.01 11.29
CA ARG D 81 1.05 0.56 11.01
C ARG D 81 -0.22 -0.08 11.56
N ILE D 82 -0.69 0.34 12.73
CA ILE D 82 -1.98 -0.16 13.29
C ILE D 82 -3.14 0.25 12.39
N ARG D 83 -3.15 1.50 11.92
CA ARG D 83 -4.22 1.99 11.01
C ARG D 83 -4.17 1.26 9.66
N ASP D 84 -2.98 1.03 9.12
CA ASP D 84 -2.83 0.36 7.81
C ASP D 84 -3.37 -1.06 7.93
N MET D 85 -3.10 -1.72 9.05
CA MET D 85 -3.57 -3.11 9.26
C MET D 85 -5.09 -3.14 9.27
N MET D 86 -5.70 -2.15 9.90
CA MET D 86 -7.18 -2.04 9.94
C MET D 86 -7.72 -1.84 8.53
N LYS D 87 -7.00 -1.11 7.70
CA LYS D 87 -7.41 -0.91 6.29
C LYS D 87 -7.43 -2.28 5.59
N CYS D 88 -6.50 -3.15 5.93
CA CYS D 88 -6.47 -4.52 5.36
C CYS D 88 -7.69 -5.33 5.82
N PHE D 89 -8.28 -4.97 6.95
CA PHE D 89 -9.46 -5.69 7.50
C PHE D 89 -10.67 -5.61 6.59
N PRO D 90 -11.48 -6.70 6.51
CA PRO D 90 -12.68 -6.69 5.70
C PRO D 90 -13.69 -5.66 6.23
N ASP D 91 -14.39 -4.97 5.34
CA ASP D 91 -15.37 -3.90 5.71
C ASP D 91 -16.53 -4.48 6.51
N SER D 92 -17.00 -5.66 6.15
CA SER D 92 -18.18 -6.28 6.78
C SER D 92 -17.80 -7.04 8.05
N GLY D 93 -16.54 -7.05 8.39
CA GLY D 93 -16.07 -7.82 9.57
C GLY D 93 -16.67 -7.32 10.86
N HIS D 94 -16.98 -8.24 11.77
CA HIS D 94 -17.62 -7.85 13.04
C HIS D 94 -16.71 -6.92 13.82
N PRO D 95 -17.23 -5.83 14.40
CA PRO D 95 -16.38 -4.87 15.06
C PRO D 95 -15.60 -5.41 16.26
N MET D 96 -16.21 -6.26 17.09
CA MET D 96 -15.54 -6.81 18.30
C MET D 96 -14.35 -7.69 17.94
N ASP D 97 -14.45 -8.48 16.89
CA ASP D 97 -13.32 -9.32 16.42
C ASP D 97 -12.17 -8.38 16.04
N ALA D 98 -12.49 -7.26 15.42
CA ALA D 98 -11.47 -6.26 15.05
C ALA D 98 -10.78 -5.68 16.29
N LEU D 99 -11.53 -5.41 17.35
CA LEU D 99 -10.90 -4.89 18.59
C LEU D 99 -9.93 -5.94 19.11
N GLN D 100 -10.30 -7.21 19.03
CA GLN D 100 -9.39 -8.25 19.58
C GLN D 100 -8.09 -8.25 18.80
N ALA D 101 -8.18 -8.19 17.48
CA ALA D 101 -6.98 -8.22 16.64
C ALA D 101 -6.15 -6.96 16.88
N SER D 102 -6.81 -5.82 17.01
CA SER D 102 -6.09 -4.54 17.18
C SER D 102 -5.30 -4.52 18.48
N ALA D 103 -5.88 -4.98 19.58
CA ALA D 103 -5.19 -4.98 20.88
C ALA D 103 -3.99 -5.91 20.84
N ALA D 104 -4.17 -7.07 20.23
CA ALA D 104 -3.09 -8.07 20.16
C ALA D 104 -1.96 -7.46 19.36
N ALA D 105 -2.30 -6.73 18.31
CA ALA D 105 -1.28 -6.07 17.47
C ALA D 105 -0.53 -5.04 18.30
N LEU D 106 -1.21 -4.38 19.22
CA LEU D 106 -0.59 -3.29 19.99
C LEU D 106 0.59 -3.90 20.73
N GLY D 107 0.46 -5.16 21.10
CA GLY D 107 1.55 -5.85 21.80
C GLY D 107 2.80 -5.90 20.96
N LEU D 108 2.67 -6.07 19.65
CA LEU D 108 3.87 -6.26 18.81
C LEU D 108 4.77 -5.02 18.88
N PHE D 109 4.22 -3.83 18.84
CA PHE D 109 5.03 -2.60 19.01
C PHE D 109 5.55 -2.47 20.44
N TYR D 110 4.70 -2.74 21.40
CA TYR D 110 5.08 -2.58 22.82
C TYR D 110 5.40 -3.96 23.39
N SER D 111 5.41 -4.10 24.72
CA SER D 111 5.60 -5.43 25.34
C SER D 111 7.09 -5.76 25.35
N ARG D 112 7.91 -4.85 24.83
CA ARG D 112 9.37 -5.10 24.90
C ARG D 112 9.80 -4.63 26.28
N ARG D 113 9.18 -5.20 27.31
CA ARG D 113 9.60 -4.85 28.69
C ARG D 113 9.87 -6.12 29.49
N ALA D 114 8.86 -6.97 29.67
CA ALA D 114 9.09 -8.13 30.55
C ALA D 114 9.63 -7.50 31.83
N LEU D 115 9.01 -6.40 32.25
CA LEU D 115 9.60 -5.64 33.37
C LEU D 115 8.79 -5.79 34.66
N ASP D 116 9.48 -5.87 35.80
CA ASP D 116 8.79 -5.89 37.12
C ASP D 116 8.59 -4.43 37.49
N ASP D 117 9.04 -3.52 36.63
CA ASP D 117 8.98 -2.08 36.96
C ASP D 117 7.52 -1.66 37.14
N PRO D 118 7.21 -0.84 38.16
CA PRO D 118 5.87 -0.32 38.35
C PRO D 118 5.59 0.53 37.12
N GLU D 119 6.65 1.07 36.52
CA GLU D 119 6.48 1.91 35.31
C GLU D 119 5.83 1.07 34.23
N TYR D 120 6.19 -0.20 34.13
CA TYR D 120 5.63 -1.04 33.05
C TYR D 120 4.12 -1.15 33.19
N ILE D 121 3.63 -1.34 34.41
CA ILE D 121 2.17 -1.45 34.63
C ILE D 121 1.49 -0.11 34.28
N ARG D 122 2.07 0.99 34.70
CA ARG D 122 1.46 2.32 34.42
C ARG D 122 1.47 2.54 32.92
N ALA D 123 2.55 2.16 32.26
CA ALA D 123 2.68 2.44 30.82
C ALA D 123 1.57 1.74 30.06
N ALA D 124 1.33 0.48 30.39
CA ALA D 124 0.28 -0.28 29.70
C ALA D 124 -1.07 0.34 30.02
N VAL D 125 -1.26 0.76 31.26
CA VAL D 125 -2.60 1.25 31.64
C VAL D 125 -2.89 2.48 30.79
N VAL D 126 -1.91 3.36 30.66
CA VAL D 126 -2.14 4.62 29.91
C VAL D 126 -2.36 4.29 28.44
N ARG D 127 -1.52 3.44 27.88
CA ARG D 127 -1.62 3.15 26.45
C ARG D 127 -2.93 2.43 26.15
N LEU D 128 -3.26 1.43 26.96
CA LEU D 128 -4.46 0.63 26.66
C LEU D 128 -5.70 1.50 26.80
N LEU D 129 -5.76 2.29 27.87
CA LEU D 129 -7.00 3.07 28.06
C LEU D 129 -7.11 4.08 26.92
N ALA D 130 -6.02 4.75 26.60
CA ALA D 130 -6.06 5.79 25.56
C ALA D 130 -6.30 5.25 24.15
N LYS D 131 -5.57 4.22 23.77
CA LYS D 131 -5.62 3.66 22.40
C LYS D 131 -6.91 2.90 22.04
N ILE D 132 -7.48 2.13 22.96
CA ILE D 132 -8.63 1.25 22.62
C ILE D 132 -9.82 2.09 22.16
N PRO D 133 -10.12 3.23 22.79
CA PRO D 133 -11.18 4.07 22.27
C PRO D 133 -10.86 4.58 20.85
N THR D 134 -9.61 4.99 20.61
CA THR D 134 -9.22 5.53 19.28
C THR D 134 -9.35 4.46 18.22
N MET D 135 -8.93 3.26 18.51
CA MET D 135 -8.98 2.16 17.52
C MET D 135 -10.41 1.81 17.16
N VAL D 136 -11.31 1.83 18.14
CA VAL D 136 -12.71 1.44 17.87
C VAL D 136 -13.28 2.45 16.87
N ALA D 137 -12.97 3.72 17.07
CA ALA D 137 -13.49 4.77 16.17
C ALA D 137 -12.93 4.54 14.77
N ALA D 138 -11.67 4.15 14.70
CA ALA D 138 -11.01 3.98 13.40
C ALA D 138 -11.71 2.93 12.54
N PHE D 139 -12.12 1.81 13.13
CA PHE D 139 -12.72 0.77 12.27
C PHE D 139 -14.01 1.31 11.66
N GLN D 140 -14.78 2.06 12.45
CA GLN D 140 -16.08 2.57 11.95
C GLN D 140 -15.85 3.48 10.76
N LEU D 141 -14.88 4.37 10.84
CA LEU D 141 -14.55 5.22 9.67
C LEU D 141 -13.90 4.43 8.53
N ILE D 142 -12.94 3.56 8.82
CA ILE D 142 -12.17 2.82 7.78
C ILE D 142 -13.08 1.89 7.01
N ARG D 143 -14.03 1.28 7.68
CA ARG D 143 -14.96 0.31 7.07
C ARG D 143 -15.75 1.03 5.98
N LYS D 144 -16.08 2.30 6.20
CA LYS D 144 -16.82 3.11 5.21
C LYS D 144 -15.87 3.77 4.22
N GLY D 145 -14.56 3.55 4.34
CA GLY D 145 -13.56 4.12 3.41
C GLY D 145 -13.19 5.52 3.80
N ASN D 146 -13.60 5.93 4.98
CA ASN D 146 -13.36 7.31 5.45
C ASN D 146 -12.11 7.34 6.33
N ASP D 147 -11.32 8.39 6.18
CA ASP D 147 -10.06 8.51 6.94
C ASP D 147 -10.39 8.61 8.43
N PRO D 148 -9.61 7.96 9.29
CA PRO D 148 -9.85 8.03 10.72
C PRO D 148 -9.69 9.46 11.28
N ILE D 149 -10.60 9.88 12.13
CA ILE D 149 -10.58 11.26 12.70
C ILE D 149 -9.52 11.34 13.79
N GLN D 150 -8.66 12.35 13.72
CA GLN D 150 -7.53 12.46 14.67
C GLN D 150 -8.03 12.93 16.03
N PRO D 151 -7.40 12.49 17.12
CA PRO D 151 -7.80 12.90 18.45
C PRO D 151 -7.60 14.40 18.63
N ARG D 152 -8.49 15.04 19.38
CA ARG D 152 -8.40 16.49 19.64
C ARG D 152 -7.99 16.69 21.09
N ASP D 153 -6.89 17.40 21.32
CA ASP D 153 -6.34 17.54 22.70
C ASP D 153 -7.32 18.27 23.60
N GLU D 154 -8.01 19.27 23.07
CA GLU D 154 -8.94 20.07 23.89
C GLU D 154 -10.04 19.17 24.44
N LEU D 155 -10.52 18.24 23.63
CA LEU D 155 -11.64 17.36 24.04
C LEU D 155 -11.21 16.37 25.12
N ASP D 156 -12.11 16.03 26.03
CA ASP D 156 -11.86 15.03 27.10
C ASP D 156 -12.10 13.64 26.55
N TYR D 157 -11.93 12.59 27.36
CA TYR D 157 -11.97 11.20 26.84
C TYR D 157 -13.30 10.83 26.18
N ALA D 158 -14.43 11.09 26.82
CA ALA D 158 -15.72 10.67 26.24
C ALA D 158 -16.02 11.50 25.00
N ALA D 159 -15.77 12.79 25.09
CA ALA D 159 -16.04 13.71 23.98
C ALA D 159 -15.15 13.37 22.79
N ASN D 160 -13.90 13.03 23.08
CA ASN D 160 -12.96 12.74 21.98
C ASN D 160 -13.49 11.52 21.24
N PHE D 161 -13.98 10.53 21.97
CA PHE D 161 -14.46 9.30 21.31
C PHE D 161 -15.65 9.65 20.42
N LEU D 162 -16.56 10.46 20.94
CA LEU D 162 -17.76 10.83 20.16
C LEU D 162 -17.32 11.62 18.93
N TYR D 163 -16.35 12.51 19.08
CA TYR D 163 -15.85 13.34 17.97
C TYR D 163 -15.21 12.44 16.91
N MET D 164 -14.43 11.48 17.36
CA MET D 164 -13.76 10.57 16.41
C MET D 164 -14.81 9.76 15.67
N LEU D 165 -15.84 9.29 16.36
CA LEU D 165 -16.93 8.50 15.74
C LEU D 165 -17.78 9.35 14.78
N THR D 166 -18.11 10.58 15.15
CA THR D 166 -19.05 11.37 14.32
C THR D 166 -18.43 12.57 13.62
N GLU D 167 -17.25 13.02 14.05
CA GLU D 167 -16.53 14.14 13.38
C GLU D 167 -17.10 15.47 13.88
N ARG D 168 -18.06 15.41 14.77
CA ARG D 168 -18.70 16.64 15.29
C ARG D 168 -18.49 16.70 16.80
N GLU D 169 -18.14 17.88 17.30
CA GLU D 169 -17.89 18.04 18.75
C GLU D 169 -19.18 17.77 19.51
N PRO D 170 -19.11 16.99 20.58
CA PRO D 170 -20.30 16.63 21.33
C PRO D 170 -20.83 17.78 22.18
N ASP D 171 -22.13 17.80 22.44
CA ASP D 171 -22.66 18.80 23.40
C ASP D 171 -22.08 18.41 24.76
N PRO D 172 -21.74 19.35 25.64
CA PRO D 172 -21.08 19.00 26.87
C PRO D 172 -21.94 18.08 27.74
N VAL D 173 -23.25 18.32 27.79
CA VAL D 173 -24.14 17.51 28.66
C VAL D 173 -24.11 16.07 28.19
N ALA D 174 -24.14 15.85 26.88
CA ALA D 174 -24.14 14.47 26.34
C ALA D 174 -22.83 13.78 26.71
N ALA D 175 -21.73 14.50 26.65
CA ALA D 175 -20.40 13.93 26.97
C ALA D 175 -20.35 13.50 28.43
N ARG D 176 -20.93 14.29 29.31
CA ARG D 176 -20.98 13.93 30.74
C ARG D 176 -21.78 12.66 30.88
N ILE D 177 -22.89 12.57 30.16
CA ILE D 177 -23.77 11.37 30.29
C ILE D 177 -22.96 10.16 29.82
N PHE D 178 -22.19 10.30 28.74
CA PHE D 178 -21.40 9.17 28.21
C PHE D 178 -20.34 8.75 29.22
N ASP D 179 -19.70 9.71 29.87
CA ASP D 179 -18.63 9.40 30.84
C ASP D 179 -19.28 8.63 31.99
N ILE D 180 -20.46 9.05 32.42
CA ILE D 180 -21.16 8.38 33.55
C ILE D 180 -21.48 6.96 33.11
N CYS D 181 -21.90 6.79 31.87
CA CYS D 181 -22.21 5.45 31.35
C CYS D 181 -20.93 4.63 31.35
N LEU D 182 -19.81 5.25 30.96
CA LEU D 182 -18.52 4.54 30.93
C LEU D 182 -18.15 4.12 32.36
N THR D 183 -18.37 4.99 33.33
CA THR D 183 -18.06 4.69 34.74
C THR D 183 -18.94 3.54 35.19
N LEU D 184 -20.20 3.54 34.76
CA LEU D 184 -21.18 2.51 35.19
C LEU D 184 -20.76 1.11 34.75
N HIS D 185 -20.21 0.94 33.55
CA HIS D 185 -19.89 -0.40 33.01
C HIS D 185 -18.45 -0.82 33.30
N ALA D 186 -17.71 -0.06 34.10
CA ALA D 186 -16.27 -0.32 34.30
C ALA D 186 -15.94 -1.65 35.01
N GLU D 187 -16.47 -1.88 36.21
CA GLU D 187 -16.13 -3.11 36.95
C GLU D 187 -17.39 -3.82 37.47
N HIS D 188 -17.49 -5.13 37.30
CA HIS D 188 -18.59 -5.91 37.93
C HIS D 188 -18.04 -7.23 38.46
N THR D 189 -17.08 -7.18 39.36
CA THR D 189 -16.54 -8.39 40.03
C THR D 189 -16.01 -9.40 39.00
N ILE D 190 -16.20 -10.69 39.27
CA ILE D 190 -15.60 -11.76 38.41
C ILE D 190 -16.50 -12.11 37.23
N ASN D 191 -16.60 -11.22 36.26
CA ASN D 191 -17.37 -11.48 35.02
C ASN D 191 -16.55 -12.47 34.20
N ALA D 192 -17.18 -13.06 33.19
CA ALA D 192 -16.45 -14.02 32.35
C ALA D 192 -15.30 -13.31 31.69
N SER D 193 -15.52 -12.09 31.24
CA SER D 193 -14.45 -11.32 30.58
C SER D 193 -13.29 -11.06 31.55
N THR D 194 -13.62 -10.65 32.78
CA THR D 194 -12.58 -10.35 33.78
C THR D 194 -11.86 -11.65 34.14
N PHE D 195 -12.61 -12.72 34.25
CA PHE D 195 -12.02 -14.03 34.62
C PHE D 195 -11.05 -14.46 33.52
N SER D 196 -11.42 -14.25 32.26
CA SER D 196 -10.53 -14.61 31.13
C SER D 196 -9.25 -13.80 31.24
N ALA D 197 -9.39 -12.53 31.61
CA ALA D 197 -8.22 -11.66 31.78
C ALA D 197 -7.34 -12.19 32.91
N MET D 198 -7.97 -12.63 33.98
CA MET D 198 -7.20 -13.18 35.13
C MET D 198 -6.47 -14.45 34.70
N VAL D 199 -7.11 -15.30 33.91
CA VAL D 199 -6.49 -16.59 33.51
C VAL D 199 -5.39 -16.32 32.49
N THR D 200 -5.61 -15.38 31.59
CA THR D 200 -4.57 -14.99 30.61
C THR D 200 -3.41 -14.35 31.38
N ALA D 201 -3.71 -13.53 32.37
CA ALA D 201 -2.67 -12.81 33.13
C ALA D 201 -1.88 -13.75 34.04
N SER D 202 -2.51 -14.80 34.53
CA SER D 202 -1.85 -15.77 35.45
C SER D 202 -0.63 -16.42 34.76
N THR D 203 -0.69 -16.61 33.45
CA THR D 203 0.44 -17.20 32.70
C THR D 203 1.58 -16.19 32.62
N LEU D 204 1.33 -14.95 33.03
CA LEU D 204 2.35 -13.87 32.98
C LEU D 204 2.53 -13.36 31.54
N THR D 205 1.49 -13.43 30.74
CA THR D 205 1.52 -12.93 29.34
C THR D 205 1.47 -11.40 29.32
N ASP D 206 1.74 -10.82 28.18
CA ASP D 206 1.73 -9.35 28.01
C ASP D 206 0.34 -8.81 28.30
N PRO D 207 0.24 -7.62 28.89
CA PRO D 207 -1.06 -7.09 29.27
C PRO D 207 -1.95 -6.92 28.05
N TYR D 208 -1.38 -6.52 26.93
CA TYR D 208 -2.19 -6.25 25.73
C TYR D 208 -2.90 -7.54 25.32
N ALA D 209 -2.21 -8.67 25.44
CA ALA D 209 -2.80 -9.98 25.13
C ALA D 209 -3.97 -10.25 26.06
N VAL D 210 -3.84 -9.86 27.32
CA VAL D 210 -4.91 -10.15 28.30
C VAL D 210 -6.16 -9.43 27.85
N VAL D 211 -6.03 -8.19 27.41
CA VAL D 211 -7.20 -7.41 26.96
C VAL D 211 -7.78 -8.11 25.74
N ALA D 212 -6.91 -8.61 24.88
CA ALA D 212 -7.39 -9.25 23.64
C ALA D 212 -8.23 -10.48 23.95
N SER D 213 -7.77 -11.30 24.89
CA SER D 213 -8.49 -12.54 25.26
C SER D 213 -9.82 -12.16 25.92
N ALA D 214 -9.80 -11.13 26.75
CA ALA D 214 -11.03 -10.62 27.41
C ALA D 214 -12.04 -10.11 26.39
N VAL D 215 -11.57 -9.40 25.36
CA VAL D 215 -12.48 -8.81 24.34
C VAL D 215 -13.21 -9.93 23.62
N GLY D 216 -12.53 -11.03 23.35
CA GLY D 216 -13.19 -12.18 22.73
C GLY D 216 -14.28 -12.75 23.62
N THR D 217 -14.02 -12.83 24.93
CA THR D 217 -15.04 -13.31 25.88
C THR D 217 -16.26 -12.36 25.93
N LEU D 218 -16.05 -11.05 25.97
CA LEU D 218 -17.15 -10.05 26.06
C LEU D 218 -17.95 -10.09 24.76
N ALA D 219 -17.30 -10.43 23.65
CA ALA D 219 -17.94 -10.46 22.32
C ALA D 219 -19.10 -11.45 22.30
N GLY D 220 -18.98 -12.57 23.00
CA GLY D 220 -20.03 -13.60 22.94
C GLY D 220 -21.36 -13.09 23.39
N PRO D 221 -22.48 -13.57 22.80
CA PRO D 221 -23.80 -13.05 23.10
C PRO D 221 -24.24 -13.22 24.56
N LEU D 222 -23.85 -14.33 25.17
CA LEU D 222 -24.30 -14.64 26.55
C LEU D 222 -23.79 -13.58 27.52
N HIS D 223 -22.54 -13.15 27.37
CA HIS D 223 -21.96 -12.12 28.27
C HIS D 223 -21.41 -10.94 27.49
N GLY D 224 -21.93 -9.75 27.72
CA GLY D 224 -21.38 -8.54 27.11
C GLY D 224 -21.91 -8.34 25.71
N GLY D 225 -22.75 -9.25 25.25
CA GLY D 225 -23.41 -8.96 23.98
C GLY D 225 -24.83 -8.64 24.35
N ALA D 226 -25.24 -7.42 24.12
CA ALA D 226 -26.58 -6.99 24.55
C ALA D 226 -26.93 -5.79 23.71
N ASN D 227 -28.21 -5.47 23.65
CA ASN D 227 -28.55 -4.24 22.91
C ASN D 227 -28.62 -4.65 21.46
N GLU D 228 -28.96 -3.72 20.59
CA GLU D 228 -29.15 -4.10 19.17
C GLU D 228 -30.44 -4.90 19.17
N GLU D 229 -30.47 -5.99 19.93
CA GLU D 229 -31.68 -6.83 20.05
C GLU D 229 -32.78 -6.00 20.68
N VAL D 230 -32.42 -5.22 21.70
CA VAL D 230 -33.43 -4.41 22.43
C VAL D 230 -33.99 -3.39 21.44
N LEU D 231 -33.10 -2.66 20.80
CA LEU D 231 -33.55 -1.68 19.77
C LEU D 231 -34.25 -2.48 18.68
N ASP D 232 -33.68 -3.63 18.34
CA ASP D 232 -34.25 -4.49 17.28
C ASP D 232 -35.73 -4.66 17.58
N MET D 233 -36.04 -4.96 18.83
CA MET D 233 -37.45 -5.20 19.22
C MET D 233 -38.23 -3.89 19.08
N LEU D 234 -37.64 -2.78 19.52
CA LEU D 234 -38.39 -1.50 19.51
C LEU D 234 -38.75 -1.11 18.08
N GLU D 235 -37.82 -1.31 17.14
CA GLU D 235 -38.18 -1.01 15.74
C GLU D 235 -39.32 -1.95 15.35
N ALA D 236 -39.25 -3.19 15.81
CA ALA D 236 -40.28 -4.18 15.43
C ALA D 236 -41.67 -3.78 15.94
N ILE D 237 -41.81 -3.31 17.18
CA ILE D 237 -43.20 -3.03 17.63
C ILE D 237 -43.76 -1.92 16.73
N GLY D 238 -42.98 -0.87 16.50
CA GLY D 238 -43.36 0.16 15.52
C GLY D 238 -44.38 1.17 16.01
N SER D 239 -44.95 1.01 17.20
CA SER D 239 -45.87 2.06 17.67
C SER D 239 -46.13 1.92 19.17
N VAL D 240 -46.57 3.00 19.80
CA VAL D 240 -46.99 2.91 21.23
C VAL D 240 -48.19 1.98 21.24
N GLU D 241 -49.04 2.10 20.22
CA GLU D 241 -50.28 1.30 20.17
C GLU D 241 -49.94 -0.19 20.12
N ASN D 242 -48.95 -0.57 19.34
CA ASN D 242 -48.65 -2.01 19.18
C ASN D 242 -47.98 -2.55 20.44
N VAL D 243 -47.51 -1.68 21.33
CA VAL D 243 -46.71 -2.18 22.49
C VAL D 243 -47.50 -3.13 23.38
N GLU D 244 -48.75 -2.79 23.74
CA GLU D 244 -49.46 -3.69 24.67
C GLU D 244 -49.66 -5.03 23.98
N PRO D 245 -50.07 -5.04 22.70
CA PRO D 245 -50.21 -6.29 21.99
C PRO D 245 -48.91 -7.05 21.83
N TYR D 246 -47.84 -6.35 21.45
CA TYR D 246 -46.57 -7.07 21.14
C TYR D 246 -46.06 -7.75 22.40
N LEU D 247 -46.13 -7.06 23.52
CA LEU D 247 -45.54 -7.66 24.73
C LEU D 247 -46.32 -8.93 25.04
N ASP D 248 -47.63 -8.85 24.92
CA ASP D 248 -48.47 -10.03 25.27
C ASP D 248 -48.11 -11.17 24.33
N HIS D 249 -47.89 -10.89 23.06
CA HIS D 249 -47.63 -12.02 22.14
C HIS D 249 -46.37 -12.73 22.61
N CYS D 250 -45.33 -11.97 22.94
CA CYS D 250 -44.06 -12.57 23.43
C CYS D 250 -44.32 -13.28 24.75
N ILE D 251 -45.09 -12.63 25.63
CA ILE D 251 -45.34 -13.24 26.97
C ILE D 251 -46.08 -14.54 26.72
N ALA D 252 -47.05 -14.50 25.82
CA ALA D 252 -47.87 -15.70 25.55
C ALA D 252 -47.02 -16.82 24.97
N THR D 253 -46.12 -16.50 24.04
CA THR D 253 -45.32 -17.54 23.36
C THR D 253 -44.06 -16.92 22.79
N LYS D 254 -43.10 -17.75 22.40
CA LYS D 254 -41.88 -17.19 21.77
C LYS D 254 -41.20 -16.23 22.75
N THR D 255 -41.19 -16.59 24.03
CA THR D 255 -40.51 -15.74 25.05
C THR D 255 -40.93 -14.29 24.89
N MET D 258 -38.37 -12.09 26.54
CA MET D 258 -37.70 -10.91 25.95
C MET D 258 -36.19 -11.16 25.88
N GLY D 259 -35.47 -10.37 25.08
CA GLY D 259 -34.02 -10.51 24.92
C GLY D 259 -33.29 -10.10 26.18
N PHE D 260 -32.08 -10.62 26.41
CA PHE D 260 -31.39 -10.32 27.68
C PHE D 260 -32.29 -10.79 28.82
N ARG D 263 -30.65 -12.76 34.07
CA ARG D 263 -30.46 -11.60 34.98
C ARG D 263 -29.31 -11.85 35.96
N VAL D 264 -28.42 -10.87 36.13
CA VAL D 264 -27.29 -10.97 37.11
C VAL D 264 -27.80 -11.07 38.56
N TYR D 265 -28.82 -10.30 38.95
CA TYR D 265 -29.38 -10.43 40.33
C TYR D 265 -30.91 -10.28 40.38
N LYS D 266 -31.56 -10.81 41.42
CA LYS D 266 -33.04 -10.76 41.56
C LYS D 266 -33.51 -9.33 41.80
N VAL D 267 -32.63 -8.47 42.30
CA VAL D 267 -32.94 -7.01 42.49
C VAL D 267 -32.56 -6.20 41.25
N LYS D 268 -33.15 -5.02 41.10
CA LYS D 268 -32.83 -4.15 39.95
C LYS D 268 -31.36 -3.79 40.01
N ASP D 269 -30.69 -3.79 38.86
CA ASP D 269 -29.26 -3.38 38.86
C ASP D 269 -29.25 -1.92 39.29
N PRO D 270 -28.32 -1.53 40.16
CA PRO D 270 -28.24 -0.14 40.53
C PRO D 270 -27.98 0.66 39.26
N ARG D 271 -27.20 0.11 38.33
CA ARG D 271 -26.76 0.83 37.10
C ARG D 271 -27.95 1.20 36.22
N ALA D 272 -28.94 0.32 36.12
CA ALA D 272 -30.13 0.60 35.29
C ALA D 272 -30.86 1.82 35.85
N VAL D 273 -30.91 1.94 37.17
CA VAL D 273 -31.60 3.09 37.81
C VAL D 273 -30.94 4.39 37.36
N ILE D 274 -29.61 4.44 37.38
CA ILE D 274 -28.87 5.66 36.97
C ILE D 274 -29.06 5.90 35.47
N LEU D 275 -29.00 4.83 34.69
CA LEU D 275 -29.08 4.97 33.21
C LEU D 275 -30.43 5.52 32.77
N GLN D 276 -31.51 5.08 33.38
CA GLN D 276 -32.84 5.54 32.93
C GLN D 276 -32.97 7.04 33.14
N ASN D 277 -32.52 7.53 34.30
CA ASN D 277 -32.61 8.99 34.57
C ASN D 277 -31.72 9.71 33.57
N LEU D 278 -30.55 9.13 33.29
CA LEU D 278 -29.64 9.74 32.31
C LEU D 278 -30.35 9.74 30.97
N ALA D 279 -31.02 8.65 30.66
CA ALA D 279 -31.72 8.55 29.37
C ALA D 279 -32.81 9.60 29.31
N GLU D 280 -33.55 9.75 30.40
CA GLU D 280 -34.68 10.71 30.39
C GLU D 280 -34.12 12.10 30.16
N GLN D 281 -33.02 12.40 30.85
CA GLN D 281 -32.47 13.76 30.74
C GLN D 281 -32.03 14.00 29.29
N LEU D 282 -31.35 13.02 28.71
CA LEU D 282 -30.83 13.25 27.35
C LEU D 282 -32.00 13.42 26.39
N PHE D 283 -33.00 12.57 26.53
CA PHE D 283 -34.10 12.63 25.53
C PHE D 283 -34.83 13.97 25.67
N ASP D 284 -35.09 14.39 26.91
CA ASP D 284 -35.85 15.64 27.07
C ASP D 284 -35.02 16.79 26.53
N ILE D 285 -33.73 16.83 26.87
CA ILE D 285 -32.83 17.93 26.44
C ILE D 285 -32.55 17.92 24.93
N PHE D 286 -32.27 16.76 24.35
CA PHE D 286 -31.83 16.73 22.93
C PHE D 286 -32.93 16.18 22.02
N GLY D 287 -34.13 16.00 22.54
CA GLY D 287 -35.25 15.61 21.68
C GLY D 287 -35.64 14.16 21.77
N HIS D 288 -36.91 13.91 22.05
CA HIS D 288 -37.43 12.52 22.12
C HIS D 288 -37.53 11.99 20.70
N ASP D 289 -37.46 10.67 20.56
CA ASP D 289 -37.49 10.04 19.22
C ASP D 289 -38.58 8.99 19.28
N PRO D 290 -39.12 8.53 18.15
CA PRO D 290 -40.24 7.61 18.19
C PRO D 290 -39.76 6.40 18.98
N TYR D 291 -38.51 6.01 18.79
CA TYR D 291 -37.99 4.82 19.48
C TYR D 291 -38.06 5.06 20.99
N TYR D 292 -37.70 6.26 21.44
CA TYR D 292 -37.67 6.49 22.90
C TYR D 292 -39.07 6.33 23.46
N GLU D 293 -40.05 6.86 22.75
CA GLU D 293 -41.43 6.80 23.26
C GLU D 293 -41.84 5.35 23.34
N ILE D 294 -41.47 4.58 22.32
CA ILE D 294 -41.89 3.15 22.30
C ILE D 294 -41.29 2.51 23.52
N ALA D 295 -40.06 2.89 23.83
CA ALA D 295 -39.37 2.28 24.97
C ALA D 295 -40.13 2.65 26.23
N VAL D 296 -40.56 3.90 26.31
CA VAL D 296 -41.20 4.35 27.57
C VAL D 296 -42.46 3.52 27.75
N ALA D 297 -43.18 3.30 26.65
CA ALA D 297 -44.41 2.50 26.75
C ALA D 297 -44.03 1.09 27.17
N VAL D 298 -42.96 0.55 26.62
CA VAL D 298 -42.68 -0.87 26.97
C VAL D 298 -42.40 -0.94 28.46
N GLU D 299 -41.63 0.02 28.97
CA GLU D 299 -41.30 -0.11 30.41
C GLU D 299 -42.56 -0.02 31.26
N LYS D 300 -43.46 0.92 30.98
CA LYS D 300 -44.64 1.01 31.86
C LYS D 300 -45.47 -0.27 31.76
N ALA D 301 -45.65 -0.75 30.52
CA ALA D 301 -46.45 -1.96 30.29
C ALA D 301 -45.74 -3.13 30.96
N ALA D 302 -44.43 -3.14 30.82
CA ALA D 302 -43.66 -4.29 31.34
C ALA D 302 -43.84 -4.35 32.84
N ALA D 303 -43.82 -3.19 33.49
CA ALA D 303 -43.82 -3.25 34.96
C ALA D 303 -45.10 -3.91 35.44
N GLU D 304 -46.26 -3.58 34.86
CA GLU D 304 -47.43 -4.30 35.43
C GLU D 304 -47.35 -5.81 35.19
N ARG D 305 -46.97 -6.27 33.99
CA ARG D 305 -46.75 -7.74 33.79
C ARG D 305 -45.55 -8.25 34.60
N LEU D 306 -44.46 -7.47 34.59
CA LEU D 306 -43.22 -7.86 35.31
C LEU D 306 -43.44 -7.94 36.82
N SER D 307 -44.20 -7.00 37.38
CA SER D 307 -44.37 -6.92 38.86
C SER D 307 -45.03 -8.19 39.37
N TYR D 312 -38.05 -8.11 36.68
CA TYR D 312 -38.17 -7.61 35.29
C TYR D 312 -36.80 -7.48 34.63
N PRO D 313 -36.57 -8.05 33.42
CA PRO D 313 -35.31 -7.85 32.72
C PRO D 313 -35.40 -6.43 32.19
N ASN D 314 -35.33 -5.44 33.10
CA ASN D 314 -35.31 -4.02 32.68
C ASN D 314 -33.86 -3.53 32.67
N VAL D 315 -32.87 -4.41 32.85
CA VAL D 315 -31.50 -3.91 33.11
C VAL D 315 -30.59 -3.70 31.90
N ASP D 316 -30.15 -2.45 31.68
CA ASP D 316 -29.08 -2.10 30.70
C ASP D 316 -29.66 -2.07 29.28
N PHE D 317 -30.96 -2.26 29.13
CA PHE D 317 -31.59 -2.08 27.80
C PHE D 317 -31.42 -0.61 27.41
N TYR D 318 -31.59 0.25 28.41
CA TYR D 318 -31.46 1.70 28.18
C TYR D 318 -30.16 2.04 27.48
N SER D 319 -29.07 1.34 27.80
CA SER D 319 -27.76 1.77 27.27
C SER D 319 -27.85 1.94 25.77
N GLY D 320 -28.53 1.02 25.11
CA GLY D 320 -28.61 1.11 23.65
C GLY D 320 -29.32 2.38 23.29
N LEU D 321 -30.35 2.72 24.05
CA LEU D 321 -31.14 3.91 23.69
C LEU D 321 -30.23 5.13 23.79
N VAL D 322 -29.46 5.22 24.87
CA VAL D 322 -28.59 6.40 25.08
C VAL D 322 -27.54 6.43 23.99
N TYR D 323 -26.97 5.28 23.68
CA TYR D 323 -25.88 5.22 22.69
C TYR D 323 -26.40 5.66 21.32
N ARG D 324 -27.59 5.21 20.97
CA ARG D 324 -28.17 5.56 19.66
C ARG D 324 -28.38 7.06 19.62
N LYS D 325 -28.88 7.63 20.71
CA LYS D 325 -29.13 9.08 20.74
C LYS D 325 -27.80 9.80 20.58
N LEU D 326 -26.75 9.26 21.20
CA LEU D 326 -25.40 9.86 21.08
C LEU D 326 -24.87 9.58 19.68
N GLY D 327 -25.52 8.69 18.94
CA GLY D 327 -25.14 8.41 17.55
C GLY D 327 -24.17 7.27 17.40
N ILE D 328 -23.85 6.58 18.49
CA ILE D 328 -22.97 5.39 18.36
C ILE D 328 -23.75 4.34 17.59
N PRO D 329 -23.16 3.69 16.58
CA PRO D 329 -23.84 2.64 15.83
C PRO D 329 -24.04 1.37 16.67
N SER D 330 -25.06 0.58 16.35
CA SER D 330 -25.43 -0.61 17.14
C SER D 330 -24.29 -1.62 17.16
N ASP D 331 -23.58 -1.74 16.05
CA ASP D 331 -22.46 -2.71 15.91
C ASP D 331 -21.40 -2.39 16.94
N LEU D 332 -21.21 -1.11 17.26
CA LEU D 332 -20.12 -0.68 18.17
C LEU D 332 -20.53 -0.68 19.64
N PHE D 333 -21.75 -1.10 19.97
CA PHE D 333 -22.23 -1.04 21.39
C PHE D 333 -21.41 -1.95 22.31
N THR D 334 -21.11 -3.17 21.89
CA THR D 334 -20.27 -4.07 22.74
C THR D 334 -18.89 -3.43 22.87
N PRO D 335 -18.35 -2.87 21.78
CA PRO D 335 -17.04 -2.25 21.82
C PRO D 335 -16.98 -1.10 22.83
N VAL D 336 -18.06 -0.32 22.93
CA VAL D 336 -18.11 0.83 23.88
C VAL D 336 -17.97 0.27 25.29
N PHE D 337 -18.58 -0.88 25.55
CA PHE D 337 -18.48 -1.54 26.88
C PHE D 337 -17.03 -1.90 27.13
N ALA D 338 -16.35 -2.36 26.10
CA ALA D 338 -14.94 -2.77 26.25
C ALA D 338 -14.12 -1.58 26.68
N ILE D 339 -14.42 -0.41 26.13
CA ILE D 339 -13.57 0.76 26.45
C ILE D 339 -13.67 0.99 27.95
N ALA D 340 -14.88 0.90 28.51
CA ALA D 340 -15.11 1.06 29.96
C ALA D 340 -14.54 -0.07 30.82
N ARG D 341 -14.66 -1.31 30.38
CA ARG D 341 -14.27 -2.48 31.22
C ARG D 341 -12.79 -2.76 31.12
N VAL D 342 -12.10 -2.05 30.24
CA VAL D 342 -10.62 -2.22 30.16
C VAL D 342 -10.09 -1.85 31.54
N ALA D 343 -10.70 -0.85 32.17
CA ALA D 343 -10.23 -0.38 33.48
C ALA D 343 -10.31 -1.49 34.51
N GLY D 344 -11.43 -2.20 34.55
CA GLY D 344 -11.57 -3.33 35.48
C GLY D 344 -10.61 -4.44 35.14
N TRP D 345 -10.47 -4.73 33.86
CA TRP D 345 -9.57 -5.81 33.43
C TRP D 345 -8.13 -5.45 33.83
N LEU D 346 -7.75 -4.21 33.61
CA LEU D 346 -6.39 -3.74 33.94
C LEU D 346 -6.21 -3.83 35.45
N ALA D 347 -7.24 -3.46 36.19
CA ALA D 347 -7.17 -3.49 37.67
C ALA D 347 -6.96 -4.92 38.15
N HIS D 348 -7.70 -5.85 37.59
CA HIS D 348 -7.58 -7.28 37.98
C HIS D 348 -6.19 -7.77 37.59
N TRP D 349 -5.67 -7.28 36.48
CA TRP D 349 -4.37 -7.80 36.02
C TRP D 349 -3.35 -7.48 37.09
N LYS D 350 -3.39 -6.26 37.64
CA LYS D 350 -2.40 -5.88 38.65
C LYS D 350 -2.57 -6.73 39.91
N GLU D 351 -3.81 -6.94 40.33
CA GLU D 351 -4.07 -7.71 41.57
C GLU D 351 -3.59 -9.15 41.39
N GLN D 352 -3.84 -9.73 40.23
CA GLN D 352 -3.44 -11.13 39.94
C GLN D 352 -1.94 -11.19 40.02
N LEU D 353 -1.29 -10.14 39.55
CA LEU D 353 0.19 -10.14 39.45
C LEU D 353 0.81 -10.30 40.83
N ASN D 354 0.23 -9.72 41.87
CA ASN D 354 0.94 -9.78 43.17
C ASN D 354 1.14 -11.21 43.65
N GLU D 355 0.16 -12.12 43.56
CA GLU D 355 0.45 -13.55 43.89
C GLU D 355 0.68 -14.38 42.63
N ASN D 356 -0.11 -14.15 41.60
CA ASN D 356 0.10 -14.82 40.28
C ASN D 356 0.16 -16.33 40.35
N ARG D 357 -0.68 -17.00 41.12
CA ARG D 357 -0.70 -18.48 40.99
C ARG D 357 -1.30 -18.77 39.59
N ILE D 358 -0.74 -19.72 38.85
CA ILE D 358 -1.34 -20.10 37.53
C ILE D 358 -2.67 -20.83 37.74
N PHE D 359 -3.61 -20.64 36.82
CA PHE D 359 -4.91 -21.33 36.91
C PHE D 359 -4.81 -22.65 36.15
N ARG D 360 -4.86 -23.78 36.86
CA ARG D 360 -4.84 -25.12 36.22
C ARG D 360 -5.90 -25.95 36.92
N PRO D 361 -7.18 -25.75 36.58
CA PRO D 361 -8.24 -26.45 37.23
C PRO D 361 -8.21 -27.94 36.85
N THR D 362 -8.77 -28.80 37.70
CA THR D 362 -8.89 -30.26 37.40
C THR D 362 -10.16 -30.54 36.59
N GLN D 363 -10.34 -31.78 36.15
CA GLN D 363 -11.53 -32.18 35.40
C GLN D 363 -12.14 -33.44 36.00
N ILE D 364 -13.41 -33.70 35.72
CA ILE D 364 -14.03 -34.98 36.13
C ILE D 364 -14.07 -35.80 34.84
N TYR D 365 -13.49 -37.00 34.85
CA TYR D 365 -13.35 -37.76 33.56
C TYR D 365 -14.54 -38.69 33.34
N THR D 366 -15.31 -38.40 32.31
CA THR D 366 -16.48 -39.22 31.94
C THR D 366 -16.03 -40.22 30.89
N GLY D 367 -14.76 -40.16 30.52
CA GLY D 367 -14.21 -40.97 29.43
C GLY D 367 -13.74 -42.39 29.72
N SER D 368 -13.49 -43.14 28.65
CA SER D 368 -12.96 -44.52 28.75
C SER D 368 -11.47 -44.55 29.10
N HIS D 369 -10.98 -45.70 29.55
CA HIS D 369 -9.56 -45.87 29.91
C HIS D 369 -9.00 -47.15 29.30
N ASN D 370 -7.69 -47.19 29.06
CA ASN D 370 -7.01 -48.44 28.63
C ASN D 370 -7.59 -49.00 27.33
N LEU D 371 -7.98 -48.15 26.40
CA LEU D 371 -8.42 -48.67 25.10
C LEU D 371 -7.18 -48.88 24.24
N ASP D 372 -7.34 -49.47 23.06
CA ASP D 372 -6.18 -49.80 22.20
C ASP D 372 -6.43 -49.24 20.80
N TYR D 373 -5.38 -48.84 20.11
CA TYR D 373 -5.54 -48.24 18.77
C TYR D 373 -6.14 -49.28 17.85
N THR D 374 -7.05 -48.85 16.98
CA THR D 374 -7.70 -49.78 16.04
C THR D 374 -7.19 -49.46 14.65
N PRO D 375 -6.69 -50.45 13.89
CA PRO D 375 -6.15 -50.19 12.58
C PRO D 375 -7.24 -49.70 11.64
N ILE D 376 -6.89 -48.78 10.74
CA ILE D 376 -7.90 -48.14 9.85
C ILE D 376 -8.54 -49.18 8.95
N ALA D 377 -7.76 -50.16 8.50
CA ALA D 377 -8.37 -51.08 7.53
C ALA D 377 -9.54 -51.73 8.27
N ASP D 378 -9.34 -52.09 9.52
CA ASP D 378 -10.51 -52.52 10.30
C ASP D 378 -11.36 -51.27 10.43
N ARG D 379 -12.68 -51.34 10.34
CA ARG D 379 -13.49 -50.09 10.34
C ARG D 379 -14.96 -50.41 10.61
N ALA E 3 50.36 25.16 -9.14
CA ALA E 3 51.52 24.26 -8.98
C ALA E 3 51.37 23.13 -9.98
N VAL E 4 51.76 23.40 -11.23
CA VAL E 4 51.57 22.40 -12.33
C VAL E 4 52.39 21.14 -12.04
N SER E 5 53.60 21.27 -11.52
CA SER E 5 54.46 20.07 -11.37
C SER E 5 53.88 19.03 -10.41
N GLU E 6 53.35 19.41 -9.24
CA GLU E 6 52.72 18.37 -8.38
C GLU E 6 51.21 18.30 -8.64
N PHE E 7 50.65 19.25 -9.38
CA PHE E 7 49.18 19.25 -9.55
C PHE E 7 48.79 18.97 -10.99
N ARG E 8 47.95 17.96 -11.17
CA ARG E 8 47.44 17.65 -12.51
C ARG E 8 45.92 17.69 -12.42
N PRO E 9 45.22 18.37 -13.32
CA PRO E 9 43.78 18.31 -13.24
C PRO E 9 43.35 16.86 -13.45
N GLY E 10 42.42 16.36 -12.65
CA GLY E 10 41.87 15.01 -12.86
C GLY E 10 42.75 13.89 -12.34
N LEU E 11 43.82 14.22 -11.63
CA LEU E 11 44.75 13.20 -11.09
C LEU E 11 45.27 12.37 -12.25
N GLU E 12 45.51 13.02 -13.38
CA GLU E 12 46.00 12.30 -14.58
C GLU E 12 47.47 11.98 -14.38
N GLY E 13 47.84 10.74 -14.65
CA GLY E 13 49.24 10.32 -14.50
C GLY E 13 49.58 10.06 -13.05
N VAL E 14 48.58 10.18 -12.18
CA VAL E 14 48.87 10.02 -10.74
C VAL E 14 48.41 8.62 -10.34
N PRO E 15 49.30 7.81 -9.75
CA PRO E 15 48.90 6.49 -9.31
C PRO E 15 48.12 6.56 -8.00
N ALA E 16 46.99 5.85 -7.94
CA ALA E 16 46.15 5.87 -6.73
C ALA E 16 46.23 4.54 -5.98
N THR E 17 46.71 3.49 -6.62
CA THR E 17 46.72 2.17 -5.99
C THR E 17 47.74 1.27 -6.65
N LEU E 18 48.08 0.16 -6.00
CA LEU E 18 48.92 -0.85 -6.68
C LEU E 18 47.95 -1.99 -6.97
N SER E 19 47.77 -2.38 -8.24
CA SER E 19 46.72 -3.39 -8.54
C SER E 19 47.17 -4.48 -9.51
N SER E 20 46.68 -5.70 -9.31
CA SER E 20 46.95 -6.83 -10.21
C SER E 20 45.72 -7.21 -11.05
N ILE E 21 44.58 -6.57 -10.80
CA ILE E 21 43.32 -6.97 -11.49
C ILE E 21 43.36 -6.69 -13.00
N SER E 22 43.86 -5.53 -13.40
CA SER E 22 43.76 -5.20 -14.85
C SER E 22 44.97 -4.46 -15.39
N PHE E 23 45.17 -4.53 -16.70
CA PHE E 23 46.25 -3.77 -17.37
C PHE E 23 45.73 -3.23 -18.71
N VAL E 24 45.96 -1.95 -18.98
CA VAL E 24 45.50 -1.31 -20.24
C VAL E 24 46.72 -0.87 -21.05
N ASP E 25 46.75 -1.17 -22.35
CA ASP E 25 47.93 -0.94 -23.25
C ASP E 25 48.36 0.50 -23.45
N GLY E 26 47.44 1.45 -23.54
CA GLY E 26 47.96 2.80 -23.83
C GLY E 26 48.76 2.89 -25.11
N GLN E 27 48.20 2.47 -26.24
CA GLN E 27 48.83 2.54 -27.59
C GLN E 27 49.38 1.24 -28.11
N ARG E 28 49.45 0.18 -27.31
CA ARG E 28 49.78 -1.13 -27.92
C ARG E 28 48.47 -1.90 -28.05
N GLY E 29 47.34 -1.27 -27.71
CA GLY E 29 46.00 -1.92 -27.82
C GLY E 29 45.79 -3.21 -27.06
N VAL E 30 46.30 -3.32 -25.84
CA VAL E 30 46.16 -4.57 -25.03
C VAL E 30 45.34 -4.35 -23.76
N LEU E 31 44.33 -5.19 -23.53
CA LEU E 31 43.60 -5.18 -22.24
C LEU E 31 43.69 -6.61 -21.70
N GLU E 32 44.11 -6.75 -20.44
CA GLU E 32 44.21 -8.09 -19.84
C GLU E 32 43.53 -8.07 -18.48
N TYR E 33 42.76 -9.11 -18.18
CA TYR E 33 42.18 -9.22 -16.83
C TYR E 33 42.95 -10.34 -16.14
N ARG E 34 43.63 -10.03 -15.04
CA ARG E 34 44.44 -11.03 -14.28
C ARG E 34 45.46 -11.65 -15.22
N GLY E 35 46.01 -10.87 -16.14
CA GLY E 35 47.08 -11.36 -17.03
C GLY E 35 46.58 -12.12 -18.24
N ILE E 36 45.27 -12.21 -18.41
CA ILE E 36 44.70 -12.99 -19.54
C ILE E 36 44.05 -12.01 -20.50
N SER E 37 44.32 -12.14 -21.80
CA SER E 37 43.86 -11.15 -22.80
C SER E 37 42.35 -11.15 -22.96
N ILE E 38 41.79 -9.99 -23.30
CA ILE E 38 40.31 -9.87 -23.44
C ILE E 38 39.90 -10.83 -24.56
N GLU E 39 40.71 -10.93 -25.59
CA GLU E 39 40.30 -11.73 -26.76
C GLU E 39 40.08 -13.18 -26.33
N GLN E 40 40.99 -13.73 -25.55
CA GLN E 40 40.86 -15.14 -25.15
C GLN E 40 39.64 -15.34 -24.24
N LEU E 41 39.45 -14.46 -23.27
CA LEU E 41 38.36 -14.63 -22.29
C LEU E 41 37.03 -14.52 -23.02
N ALA E 42 36.94 -13.57 -23.93
CA ALA E 42 35.68 -13.36 -24.66
C ALA E 42 35.38 -14.61 -25.49
N GLN E 43 36.40 -15.14 -26.14
CA GLN E 43 36.22 -16.38 -26.94
C GLN E 43 35.92 -17.59 -26.05
N GLN E 44 36.60 -17.71 -24.91
CA GLN E 44 36.46 -18.97 -24.13
C GLN E 44 35.90 -18.84 -22.70
N SER E 45 35.45 -17.67 -22.25
CA SER E 45 35.01 -17.62 -20.82
C SER E 45 33.66 -16.96 -20.62
N SER E 46 32.92 -17.43 -19.62
CA SER E 46 31.63 -16.82 -19.23
C SER E 46 31.88 -15.57 -18.40
N PHE E 47 30.88 -14.70 -18.27
CA PHE E 47 31.03 -13.45 -17.48
C PHE E 47 31.34 -13.80 -16.03
N LEU E 48 30.66 -14.79 -15.49
CA LEU E 48 30.88 -15.20 -14.09
C LEU E 48 32.29 -15.75 -13.90
N GLU E 49 32.79 -16.51 -14.88
CA GLU E 49 34.17 -17.05 -14.79
C GLU E 49 35.18 -15.90 -14.78
N THR E 50 34.96 -14.90 -15.63
CA THR E 50 35.86 -13.71 -15.65
C THR E 50 35.71 -13.03 -14.29
N ALA E 51 34.50 -12.99 -13.77
CA ALA E 51 34.21 -12.34 -12.48
C ALA E 51 34.95 -13.06 -11.35
N TYR E 52 34.94 -14.38 -11.39
CA TYR E 52 35.66 -15.14 -10.35
C TYR E 52 37.14 -14.78 -10.47
N LEU E 53 37.65 -14.72 -11.70
CA LEU E 53 39.09 -14.46 -11.88
C LEU E 53 39.44 -13.07 -11.37
N LEU E 54 38.64 -12.07 -11.71
CA LEU E 54 38.99 -10.70 -11.29
C LEU E 54 38.87 -10.57 -9.77
N ILE E 55 37.78 -11.10 -9.21
CA ILE E 55 37.54 -11.00 -7.74
C ILE E 55 38.51 -11.86 -6.91
N TRP E 56 38.81 -13.08 -7.31
CA TRP E 56 39.66 -13.95 -6.45
C TRP E 56 41.03 -14.18 -7.09
N GLY E 57 41.23 -13.76 -8.33
CA GLY E 57 42.57 -13.82 -8.96
C GLY E 57 42.95 -15.13 -9.59
N HIS E 58 42.06 -16.12 -9.59
CA HIS E 58 42.37 -17.38 -10.31
C HIS E 58 41.16 -17.86 -11.12
N LEU E 59 41.41 -18.49 -12.26
CA LEU E 59 40.30 -19.06 -13.05
C LEU E 59 39.67 -20.16 -12.20
N PRO E 60 38.34 -20.30 -12.18
CA PRO E 60 37.68 -21.25 -11.31
C PRO E 60 37.79 -22.74 -11.66
N THR E 61 37.86 -23.59 -10.65
CA THR E 61 37.83 -25.05 -10.92
C THR E 61 36.41 -25.36 -11.36
N GLN E 62 36.19 -26.45 -12.08
CA GLN E 62 34.83 -26.68 -12.60
C GLN E 62 33.90 -26.77 -11.40
N GLN E 63 34.33 -27.43 -10.34
CA GLN E 63 33.48 -27.48 -9.13
C GLN E 63 33.28 -26.06 -8.60
N GLU E 64 34.35 -25.27 -8.58
CA GLU E 64 34.25 -23.93 -7.98
C GLU E 64 33.27 -23.09 -8.79
N LEU E 65 33.43 -23.04 -10.10
CA LEU E 65 32.57 -22.14 -10.91
C LEU E 65 31.12 -22.60 -10.77
N THR E 66 30.92 -23.92 -10.79
CA THR E 66 29.53 -24.42 -10.76
C THR E 66 28.87 -23.99 -9.45
N GLU E 67 29.61 -24.09 -8.35
CA GLU E 67 29.06 -23.71 -7.04
C GLU E 67 28.72 -22.22 -7.03
N PHE E 68 29.60 -21.39 -7.60
CA PHE E 68 29.37 -19.92 -7.61
C PHE E 68 28.13 -19.59 -8.40
N GLU E 69 27.98 -20.26 -9.54
CA GLU E 69 26.78 -20.05 -10.37
C GLU E 69 25.53 -20.48 -9.61
N HIS E 70 25.63 -21.61 -8.91
CA HIS E 70 24.45 -22.13 -8.20
C HIS E 70 24.04 -21.14 -7.13
N GLU E 71 25.02 -20.59 -6.45
CA GLU E 71 24.72 -19.60 -5.40
C GLU E 71 24.08 -18.37 -6.03
N ILE E 72 24.59 -17.96 -7.19
CA ILE E 72 24.07 -16.71 -7.82
C ILE E 72 22.61 -16.91 -8.20
N ARG E 73 22.26 -18.06 -8.73
CA ARG E 73 20.86 -18.26 -9.20
C ARG E 73 19.92 -18.17 -8.00
N TYR E 74 20.31 -18.76 -6.89
CA TYR E 74 19.45 -18.81 -5.69
C TYR E 74 19.17 -17.41 -5.15
N HIS E 75 20.17 -16.54 -5.18
CA HIS E 75 20.07 -15.18 -4.60
C HIS E 75 19.48 -14.22 -5.63
N ARG E 76 19.17 -14.70 -6.83
CA ARG E 76 18.71 -13.83 -7.94
C ARG E 76 17.38 -13.13 -7.57
N ARG E 77 16.46 -13.82 -6.92
CA ARG E 77 15.18 -13.19 -6.50
C ARG E 77 15.41 -12.08 -5.48
N ILE E 78 14.64 -11.00 -5.58
CA ILE E 78 14.78 -9.83 -4.68
C ILE E 78 13.67 -9.82 -3.63
N LYS E 79 13.85 -9.07 -2.55
CA LYS E 79 12.87 -9.00 -1.45
C LYS E 79 11.61 -8.23 -1.87
N PHE E 80 10.46 -8.57 -1.30
CA PHE E 80 9.18 -7.93 -1.68
C PHE E 80 9.26 -6.45 -1.36
N ARG E 81 9.93 -6.14 -0.26
CA ARG E 81 10.04 -4.73 0.17
C ARG E 81 10.75 -3.91 -0.89
N ILE E 82 11.80 -4.47 -1.51
CA ILE E 82 12.58 -3.76 -2.55
C ILE E 82 11.67 -3.47 -3.74
N ARG E 83 10.87 -4.44 -4.14
CA ARG E 83 9.94 -4.29 -5.29
C ARG E 83 8.90 -3.23 -4.99
N ASP E 84 8.37 -3.24 -3.78
CA ASP E 84 7.32 -2.28 -3.38
C ASP E 84 7.92 -0.88 -3.44
N MET E 85 9.17 -0.74 -3.01
CA MET E 85 9.85 0.56 -3.03
C MET E 85 9.98 1.06 -4.46
N MET E 86 10.30 0.17 -5.39
CA MET E 86 10.41 0.54 -6.82
C MET E 86 9.05 1.02 -7.30
N LYS E 87 7.98 0.40 -6.82
CA LYS E 87 6.59 0.77 -7.18
C LYS E 87 6.36 2.21 -6.70
N CYS E 88 6.92 2.57 -5.57
CA CYS E 88 6.85 3.96 -5.08
C CYS E 88 7.63 4.90 -6.01
N PHE E 89 8.61 4.38 -6.76
CA PHE E 89 9.46 5.21 -7.64
C PHE E 89 8.64 5.85 -8.75
N PRO E 90 8.98 7.09 -9.16
CA PRO E 90 8.27 7.75 -10.25
C PRO E 90 8.46 7.02 -11.57
N ASP E 91 7.40 6.92 -12.38
CA ASP E 91 7.43 6.18 -13.68
C ASP E 91 8.40 6.86 -14.64
N SER E 92 8.45 8.18 -14.62
CA SER E 92 9.34 8.97 -15.50
C SER E 92 10.79 8.82 -15.05
N GLY E 93 11.02 8.22 -13.90
CA GLY E 93 12.38 8.17 -13.32
C GLY E 93 13.42 7.50 -14.17
N HIS E 94 14.62 8.08 -14.20
CA HIS E 94 15.75 7.55 -14.98
C HIS E 94 16.27 6.28 -14.33
N PRO E 95 16.62 5.26 -15.12
CA PRO E 95 17.02 4.00 -14.54
C PRO E 95 18.26 4.06 -13.65
N MET E 96 19.27 4.85 -14.00
CA MET E 96 20.52 4.85 -13.20
C MET E 96 20.27 5.37 -11.79
N ASP E 97 19.45 6.40 -11.65
CA ASP E 97 19.14 6.94 -10.30
C ASP E 97 18.42 5.86 -9.52
N ALA E 98 17.54 5.11 -10.17
CA ALA E 98 16.82 4.01 -9.52
C ALA E 98 17.78 2.92 -9.04
N LEU E 99 18.76 2.57 -9.85
CA LEU E 99 19.69 1.48 -9.48
C LEU E 99 20.45 1.91 -8.23
N GLN E 100 20.82 3.17 -8.16
CA GLN E 100 21.62 3.62 -7.00
C GLN E 100 20.77 3.45 -5.75
N ALA E 101 19.51 3.84 -5.83
CA ALA E 101 18.62 3.73 -4.66
C ALA E 101 18.39 2.26 -4.30
N SER E 102 18.21 1.42 -5.30
CA SER E 102 17.95 -0.01 -5.07
C SER E 102 19.15 -0.68 -4.39
N ALA E 103 20.36 -0.27 -4.74
CA ALA E 103 21.57 -0.90 -4.17
C ALA E 103 21.73 -0.46 -2.72
N ALA E 104 21.43 0.80 -2.45
CA ALA E 104 21.49 1.32 -1.07
C ALA E 104 20.44 0.58 -0.24
N ALA E 105 19.29 0.35 -0.82
CA ALA E 105 18.20 -0.36 -0.14
C ALA E 105 18.64 -1.79 0.17
N LEU E 106 19.36 -2.42 -0.74
CA LEU E 106 19.76 -3.84 -0.58
C LEU E 106 20.62 -3.89 0.67
N GLY E 107 21.43 -2.88 0.86
CA GLY E 107 22.33 -2.85 2.01
C GLY E 107 21.53 -2.86 3.28
N LEU E 108 20.41 -2.16 3.33
CA LEU E 108 19.73 -2.12 4.64
C LEU E 108 19.32 -3.53 5.04
N PHE E 109 18.78 -4.33 4.12
CA PHE E 109 18.51 -5.76 4.43
C PHE E 109 19.74 -6.63 4.71
N TYR E 110 20.79 -6.47 3.91
CA TYR E 110 21.95 -7.40 4.04
C TYR E 110 23.15 -6.86 4.81
N SER E 111 23.12 -5.63 5.31
CA SER E 111 24.38 -5.14 5.92
C SER E 111 24.74 -5.91 7.18
N ARG E 112 26.02 -6.24 7.34
CA ARG E 112 26.52 -6.92 8.55
C ARG E 112 27.97 -6.44 8.74
N ARG E 113 28.52 -6.51 9.95
CA ARG E 113 29.95 -6.13 10.11
C ARG E 113 30.84 -7.11 9.30
N ALA E 114 31.89 -6.58 8.67
CA ALA E 114 32.81 -7.43 7.88
C ALA E 114 34.21 -7.39 8.48
N LEU E 115 34.79 -8.56 8.72
CA LEU E 115 36.18 -8.66 9.23
C LEU E 115 37.09 -8.78 8.01
N ASP E 116 36.52 -8.75 6.81
CA ASP E 116 37.31 -9.10 5.60
C ASP E 116 37.20 -10.62 5.67
N ASP E 117 36.32 -11.08 6.56
CA ASP E 117 36.09 -12.53 6.75
C ASP E 117 35.77 -13.06 5.37
N PRO E 118 36.24 -14.27 5.01
CA PRO E 118 36.05 -14.75 3.66
C PRO E 118 34.55 -14.84 3.42
N GLU E 119 33.79 -15.22 4.44
CA GLU E 119 32.34 -15.45 4.25
C GLU E 119 31.64 -14.16 3.82
N TYR E 120 31.98 -13.03 4.42
CA TYR E 120 31.25 -11.78 4.10
C TYR E 120 31.45 -11.38 2.64
N ILE E 121 32.68 -11.49 2.15
CA ILE E 121 32.97 -11.05 0.76
C ILE E 121 32.17 -11.92 -0.20
N ARG E 122 32.15 -13.22 0.03
CA ARG E 122 31.46 -14.13 -0.91
C ARG E 122 29.97 -13.80 -0.92
N ALA E 123 29.39 -13.55 0.24
CA ALA E 123 27.95 -13.33 0.30
C ALA E 123 27.59 -12.08 -0.49
N ALA E 124 28.38 -11.04 -0.32
CA ALA E 124 28.10 -9.78 -1.01
C ALA E 124 28.23 -10.00 -2.51
N VAL E 125 29.26 -10.71 -2.93
CA VAL E 125 29.48 -10.84 -4.38
C VAL E 125 28.30 -11.57 -4.97
N VAL E 126 27.88 -12.64 -4.32
CA VAL E 126 26.77 -13.47 -4.87
C VAL E 126 25.49 -12.66 -4.86
N ARG E 127 25.20 -11.99 -3.76
CA ARG E 127 23.92 -11.25 -3.64
C ARG E 127 23.88 -10.10 -4.63
N LEU E 128 24.95 -9.32 -4.67
CA LEU E 128 24.97 -8.14 -5.57
C LEU E 128 24.95 -8.60 -7.02
N LEU E 129 25.74 -9.60 -7.35
CA LEU E 129 25.83 -9.99 -8.77
C LEU E 129 24.47 -10.50 -9.25
N ALA E 130 23.83 -11.35 -8.45
CA ALA E 130 22.50 -11.89 -8.79
C ALA E 130 21.39 -10.85 -8.74
N LYS E 131 21.37 -10.04 -7.69
CA LYS E 131 20.29 -9.04 -7.46
C LYS E 131 20.30 -7.84 -8.41
N ILE E 132 21.47 -7.32 -8.78
CA ILE E 132 21.50 -6.05 -9.55
C ILE E 132 20.77 -6.24 -10.87
N PRO E 133 20.99 -7.36 -11.59
CA PRO E 133 20.35 -7.53 -12.87
C PRO E 133 18.83 -7.59 -12.70
N THR E 134 18.37 -8.29 -11.66
CA THR E 134 16.91 -8.45 -11.41
C THR E 134 16.27 -7.10 -11.12
N MET E 135 16.93 -6.26 -10.33
CA MET E 135 16.40 -4.92 -9.98
C MET E 135 16.30 -4.02 -11.22
N VAL E 136 17.27 -4.07 -12.11
CA VAL E 136 17.24 -3.26 -13.36
C VAL E 136 16.05 -3.67 -14.22
N ALA E 137 15.81 -4.96 -14.37
CA ALA E 137 14.69 -5.48 -15.18
C ALA E 137 13.35 -5.14 -14.53
N ALA E 138 13.28 -5.26 -13.22
CA ALA E 138 12.01 -5.03 -12.51
C ALA E 138 11.56 -3.59 -12.71
N PHE E 139 12.47 -2.63 -12.67
CA PHE E 139 12.07 -1.21 -12.79
C PHE E 139 11.46 -0.98 -14.17
N GLN E 140 12.04 -1.61 -15.19
CA GLN E 140 11.53 -1.36 -16.55
C GLN E 140 10.09 -1.84 -16.59
N LEU E 141 9.82 -3.00 -16.01
CA LEU E 141 8.43 -3.52 -15.95
C LEU E 141 7.54 -2.66 -15.04
N ILE E 142 8.01 -2.27 -13.87
CA ILE E 142 7.19 -1.50 -12.89
C ILE E 142 6.83 -0.16 -13.49
N ARG E 143 7.75 0.44 -14.23
CA ARG E 143 7.57 1.79 -14.84
C ARG E 143 6.39 1.74 -15.81
N LYS E 144 6.22 0.63 -16.51
CA LYS E 144 5.14 0.49 -17.51
C LYS E 144 3.87 -0.07 -16.85
N GLY E 145 3.87 -0.25 -15.54
CA GLY E 145 2.68 -0.73 -14.82
C GLY E 145 2.56 -2.23 -14.82
N ASN E 146 3.63 -2.91 -15.22
CA ASN E 146 3.56 -4.37 -15.38
C ASN E 146 4.30 -5.08 -14.25
N ASP E 147 3.82 -6.24 -13.84
CA ASP E 147 4.42 -7.01 -12.73
C ASP E 147 5.83 -7.43 -13.14
N PRO E 148 6.81 -7.37 -12.23
CA PRO E 148 8.15 -7.82 -12.56
C PRO E 148 8.22 -9.32 -12.88
N ILE E 149 8.91 -9.69 -13.95
CA ILE E 149 9.07 -11.12 -14.32
C ILE E 149 10.00 -11.77 -13.30
N GLN E 150 9.76 -13.03 -12.97
CA GLN E 150 10.54 -13.72 -11.91
C GLN E 150 11.60 -14.60 -12.57
N PRO E 151 12.82 -14.67 -12.01
CA PRO E 151 13.90 -15.41 -12.66
C PRO E 151 13.58 -16.89 -12.85
N ARG E 152 13.97 -17.45 -13.99
CA ARG E 152 13.72 -18.88 -14.28
C ARG E 152 15.04 -19.61 -14.04
N ASP E 153 15.01 -20.64 -13.20
CA ASP E 153 16.25 -21.35 -12.80
C ASP E 153 16.92 -21.98 -14.02
N GLU E 154 16.13 -22.49 -14.96
CA GLU E 154 16.71 -23.19 -16.13
C GLU E 154 17.60 -22.24 -16.91
N LEU E 155 17.19 -20.97 -17.05
CA LEU E 155 17.95 -20.00 -17.87
C LEU E 155 19.27 -19.58 -17.21
N ASP E 156 20.30 -19.33 -18.02
CA ASP E 156 21.63 -18.90 -17.53
C ASP E 156 21.58 -17.41 -17.19
N TYR E 157 22.64 -16.90 -16.57
CA TYR E 157 22.69 -15.49 -16.11
C TYR E 157 22.26 -14.55 -17.22
N ALA E 158 23.00 -14.52 -18.32
CA ALA E 158 22.70 -13.55 -19.39
C ALA E 158 21.31 -13.80 -19.97
N ALA E 159 20.97 -15.06 -20.18
CA ALA E 159 19.66 -15.40 -20.75
C ALA E 159 18.55 -14.95 -19.81
N ASN E 160 18.76 -15.13 -18.52
CA ASN E 160 17.70 -14.78 -17.54
C ASN E 160 17.41 -13.29 -17.61
N PHE E 161 18.43 -12.46 -17.74
CA PHE E 161 18.13 -11.01 -17.72
C PHE E 161 17.25 -10.70 -18.93
N LEU E 162 17.58 -11.30 -20.06
CA LEU E 162 16.75 -11.08 -21.27
C LEU E 162 15.33 -11.63 -21.08
N TYR E 163 15.17 -12.78 -20.43
CA TYR E 163 13.81 -13.27 -20.12
C TYR E 163 13.11 -12.33 -19.16
N MET E 164 13.85 -11.84 -18.15
CA MET E 164 13.26 -10.98 -17.10
C MET E 164 12.77 -9.70 -17.78
N LEU E 165 13.53 -9.21 -18.74
CA LEU E 165 12.99 -8.08 -19.51
C LEU E 165 12.60 -8.67 -20.85
N THR E 166 11.35 -8.54 -21.29
CA THR E 166 10.76 -9.09 -22.54
C THR E 166 10.11 -10.46 -22.42
N GLU E 167 10.28 -11.19 -21.33
CA GLU E 167 9.51 -12.44 -21.07
C GLU E 167 9.69 -13.38 -22.26
N ARG E 168 10.86 -13.41 -22.86
CA ARG E 168 11.12 -14.36 -23.97
C ARG E 168 12.42 -15.10 -23.69
N GLU E 169 12.43 -16.41 -23.86
CA GLU E 169 13.74 -17.07 -23.72
C GLU E 169 14.57 -16.50 -24.86
N PRO E 170 15.86 -16.18 -24.65
CA PRO E 170 16.65 -15.60 -25.70
C PRO E 170 17.24 -16.74 -26.53
N ASP E 171 17.51 -16.49 -27.81
CA ASP E 171 18.18 -17.54 -28.60
C ASP E 171 19.55 -17.71 -27.99
N PRO E 172 20.10 -18.93 -27.88
CA PRO E 172 21.34 -19.12 -27.17
C PRO E 172 22.47 -18.30 -27.80
N VAL E 173 22.54 -18.21 -29.12
CA VAL E 173 23.68 -17.49 -29.74
C VAL E 173 23.63 -16.04 -29.27
N ALA E 174 22.44 -15.46 -29.23
CA ALA E 174 22.28 -14.06 -28.77
C ALA E 174 22.70 -13.95 -27.31
N ALA E 175 22.34 -14.94 -26.52
CA ALA E 175 22.69 -14.90 -25.08
C ALA E 175 24.21 -14.90 -24.95
N ARG E 176 24.87 -15.72 -25.75
CA ARG E 176 26.34 -15.83 -25.66
C ARG E 176 26.96 -14.48 -26.04
N ILE E 177 26.42 -13.82 -27.05
CA ILE E 177 26.98 -12.51 -27.48
C ILE E 177 26.83 -11.54 -26.30
N PHE E 178 25.70 -11.62 -25.61
CA PHE E 178 25.43 -10.71 -24.47
C PHE E 178 26.46 -10.96 -23.36
N ASP E 179 26.79 -12.22 -23.12
CA ASP E 179 27.76 -12.58 -22.05
C ASP E 179 29.10 -11.94 -22.42
N ILE E 180 29.46 -12.00 -23.69
CA ILE E 180 30.77 -11.45 -24.14
C ILE E 180 30.74 -9.95 -23.88
N CYS E 181 29.60 -9.31 -24.15
CA CYS E 181 29.48 -7.86 -23.93
C CYS E 181 29.65 -7.58 -22.44
N LEU E 182 29.08 -8.44 -21.61
CA LEU E 182 29.23 -8.30 -20.15
C LEU E 182 30.69 -8.47 -19.75
N THR E 183 31.38 -9.45 -20.34
CA THR E 183 32.81 -9.68 -20.05
C THR E 183 33.61 -8.46 -20.50
N LEU E 184 33.24 -7.88 -21.63
CA LEU E 184 34.00 -6.72 -22.19
C LEU E 184 33.94 -5.51 -21.26
N HIS E 185 32.80 -5.26 -20.64
CA HIS E 185 32.62 -4.06 -19.79
C HIS E 185 32.92 -4.35 -18.32
N ALA E 186 33.34 -5.56 -17.98
CA ALA E 186 33.52 -5.91 -16.56
C ALA E 186 34.60 -5.11 -15.86
N GLU E 187 35.77 -4.92 -16.47
CA GLU E 187 36.87 -4.21 -15.76
C GLU E 187 37.69 -3.34 -16.71
N HIS E 188 37.99 -2.10 -16.32
CA HIS E 188 38.93 -1.26 -17.12
C HIS E 188 39.76 -0.37 -16.19
N THR E 189 40.62 -0.95 -15.37
CA THR E 189 41.57 -0.20 -14.52
C THR E 189 40.85 0.78 -13.60
N ILE E 190 41.48 1.93 -13.33
CA ILE E 190 40.90 2.92 -12.38
C ILE E 190 39.99 3.91 -13.11
N ASN E 191 38.83 3.46 -13.54
CA ASN E 191 37.82 4.34 -14.15
C ASN E 191 37.23 5.15 -13.01
N ALA E 192 36.53 6.23 -13.33
CA ALA E 192 36.02 7.10 -12.27
C ALA E 192 35.08 6.31 -11.38
N SER E 193 34.29 5.44 -11.97
CA SER E 193 33.33 4.63 -11.19
C SER E 193 34.08 3.72 -10.22
N THR E 194 35.16 3.10 -10.69
CA THR E 194 36.00 2.24 -9.82
C THR E 194 36.66 3.10 -8.75
N PHE E 195 37.11 4.28 -9.14
CA PHE E 195 37.80 5.15 -8.17
C PHE E 195 36.80 5.49 -7.07
N SER E 196 35.56 5.79 -7.44
CA SER E 196 34.54 6.19 -6.45
C SER E 196 34.30 5.03 -5.50
N ALA E 197 34.22 3.83 -6.05
CA ALA E 197 34.01 2.64 -5.22
C ALA E 197 35.19 2.51 -4.28
N MET E 198 36.38 2.76 -4.79
CA MET E 198 37.61 2.62 -3.97
C MET E 198 37.61 3.66 -2.84
N VAL E 199 37.26 4.89 -3.14
CA VAL E 199 37.23 5.96 -2.09
C VAL E 199 36.17 5.63 -1.05
N THR E 200 35.00 5.18 -1.50
CA THR E 200 33.89 4.81 -0.57
C THR E 200 34.33 3.62 0.26
N ALA E 201 35.01 2.69 -0.36
CA ALA E 201 35.54 1.49 0.33
C ALA E 201 36.58 1.89 1.37
N SER E 202 37.35 2.93 1.10
CA SER E 202 38.47 3.31 1.98
C SER E 202 37.97 3.59 3.38
N THR E 203 36.70 3.95 3.52
CA THR E 203 36.10 4.26 4.84
C THR E 203 35.60 2.95 5.45
N LEU E 204 35.82 1.81 4.79
CA LEU E 204 35.39 0.48 5.28
C LEU E 204 33.88 0.40 5.34
N THR E 205 33.21 1.01 4.38
CA THR E 205 31.73 0.98 4.28
C THR E 205 31.25 -0.34 3.69
N ASP E 206 29.94 -0.58 3.77
CA ASP E 206 29.34 -1.84 3.26
C ASP E 206 29.49 -1.88 1.75
N PRO E 207 29.57 -3.09 1.18
CA PRO E 207 29.78 -3.23 -0.25
C PRO E 207 28.61 -2.63 -1.06
N TYR E 208 27.39 -2.75 -0.58
CA TYR E 208 26.20 -2.28 -1.32
C TYR E 208 26.27 -0.77 -1.52
N ALA E 209 26.70 -0.03 -0.50
CA ALA E 209 26.90 1.43 -0.61
C ALA E 209 28.01 1.72 -1.61
N VAL E 210 29.05 0.90 -1.61
CA VAL E 210 30.19 1.12 -2.54
C VAL E 210 29.67 1.04 -3.96
N VAL E 211 28.85 0.05 -4.26
CA VAL E 211 28.26 -0.09 -5.63
C VAL E 211 27.37 1.11 -5.89
N ALA E 212 26.62 1.56 -4.88
CA ALA E 212 25.68 2.67 -5.07
C ALA E 212 26.43 3.93 -5.44
N SER E 213 27.54 4.18 -4.75
CA SER E 213 28.33 5.40 -5.03
C SER E 213 28.87 5.29 -6.45
N ALA E 214 29.31 4.11 -6.83
CA ALA E 214 29.84 3.86 -8.19
C ALA E 214 28.76 4.06 -9.24
N VAL E 215 27.53 3.63 -8.95
CA VAL E 215 26.43 3.73 -9.96
C VAL E 215 26.20 5.20 -10.30
N GLY E 216 26.27 6.08 -9.31
CA GLY E 216 26.11 7.52 -9.58
C GLY E 216 27.19 8.05 -10.49
N THR E 217 28.43 7.65 -10.25
CA THR E 217 29.57 8.07 -11.11
C THR E 217 29.38 7.52 -12.53
N LEU E 218 28.96 6.27 -12.67
CA LEU E 218 28.72 5.64 -14.01
C LEU E 218 27.58 6.38 -14.71
N ALA E 219 26.65 6.95 -13.94
CA ALA E 219 25.45 7.59 -14.51
C ALA E 219 25.80 8.84 -15.31
N GLY E 220 26.93 9.45 -15.00
CA GLY E 220 27.30 10.73 -15.62
C GLY E 220 27.60 10.61 -17.09
N PRO E 221 27.34 11.67 -17.87
CA PRO E 221 27.52 11.60 -19.31
C PRO E 221 28.98 11.32 -19.68
N LEU E 222 29.93 11.94 -18.99
CA LEU E 222 31.37 11.79 -19.32
C LEU E 222 31.88 10.34 -19.14
N HIS E 223 31.54 9.64 -18.06
CA HIS E 223 31.91 8.20 -17.94
C HIS E 223 30.73 7.34 -18.37
N GLY E 224 29.55 7.93 -18.36
CA GLY E 224 28.31 7.19 -18.64
C GLY E 224 28.14 6.77 -20.07
N GLY E 225 27.55 5.61 -20.29
CA GLY E 225 27.32 5.19 -21.67
C GLY E 225 26.88 6.34 -22.56
N ALA E 226 27.08 6.20 -23.87
CA ALA E 226 26.70 7.29 -24.78
C ALA E 226 25.21 7.54 -24.58
N ASN E 227 24.52 6.57 -23.97
CA ASN E 227 23.05 6.70 -23.79
C ASN E 227 22.46 6.89 -25.19
N GLU E 228 23.04 6.21 -26.17
CA GLU E 228 22.50 6.26 -27.55
C GLU E 228 22.51 7.68 -28.08
N GLU E 229 23.50 8.45 -27.68
CA GLU E 229 23.61 9.75 -28.36
C GLU E 229 23.86 9.27 -29.78
N VAL E 230 24.66 8.22 -29.89
CA VAL E 230 25.00 7.64 -31.21
C VAL E 230 23.72 7.13 -31.88
N LEU E 231 22.87 6.48 -31.11
CA LEU E 231 21.64 5.91 -31.72
C LEU E 231 20.85 7.11 -32.22
N ASP E 232 20.86 8.19 -31.44
CA ASP E 232 20.10 9.38 -31.83
C ASP E 232 20.69 9.88 -33.15
N MET E 233 22.01 9.87 -33.25
CA MET E 233 22.66 10.31 -34.50
C MET E 233 22.27 9.36 -35.63
N LEU E 234 22.23 8.06 -35.36
CA LEU E 234 21.97 7.10 -36.47
C LEU E 234 20.59 7.35 -37.06
N GLU E 235 19.58 7.58 -36.24
CA GLU E 235 18.28 7.98 -36.81
C GLU E 235 18.43 9.35 -37.49
N ALA E 236 19.19 10.26 -36.87
CA ALA E 236 19.31 11.65 -37.40
C ALA E 236 19.97 11.62 -38.78
N ILE E 237 20.97 10.77 -38.95
CA ILE E 237 21.69 10.67 -40.25
C ILE E 237 20.69 10.21 -41.31
N GLY E 238 19.76 9.33 -40.96
CA GLY E 238 18.88 8.81 -42.01
C GLY E 238 19.54 7.61 -42.65
N SER E 239 18.94 7.01 -43.67
CA SER E 239 19.49 5.73 -44.16
C SER E 239 19.98 5.76 -45.61
N VAL E 240 21.14 5.17 -45.89
CA VAL E 240 21.56 5.00 -47.31
C VAL E 240 21.34 6.34 -47.99
N GLU E 241 21.72 7.43 -47.33
CA GLU E 241 21.35 8.78 -47.83
C GLU E 241 22.52 9.76 -47.83
N ASN E 242 22.35 10.88 -48.52
CA ASN E 242 23.38 11.93 -48.67
C ASN E 242 23.65 12.47 -47.27
N VAL E 243 22.73 12.21 -46.35
CA VAL E 243 22.93 12.63 -44.94
C VAL E 243 24.20 11.93 -44.41
N GLU E 244 24.49 10.69 -44.81
CA GLU E 244 25.77 10.08 -44.35
C GLU E 244 26.87 11.00 -44.90
N PRO E 245 26.78 11.51 -46.14
CA PRO E 245 27.68 12.56 -46.64
C PRO E 245 27.51 13.77 -45.73
N TYR E 246 26.32 13.96 -45.17
CA TYR E 246 26.09 15.08 -44.22
C TYR E 246 26.94 14.88 -42.96
N LEU E 247 27.65 13.77 -42.85
CA LEU E 247 28.60 13.68 -41.70
C LEU E 247 29.54 14.86 -41.94
N ASP E 248 29.64 15.28 -43.20
CA ASP E 248 30.46 16.46 -43.59
C ASP E 248 29.91 17.72 -42.94
N HIS E 249 28.59 17.86 -42.86
CA HIS E 249 28.03 19.05 -42.16
C HIS E 249 28.53 18.96 -40.73
N CYS E 250 28.56 17.75 -40.19
CA CYS E 250 29.10 17.51 -38.82
C CYS E 250 30.57 17.92 -38.90
N ILE E 251 31.18 17.75 -40.08
CA ILE E 251 32.63 18.05 -40.21
C ILE E 251 32.74 19.52 -39.82
N ALA E 252 31.78 20.34 -40.23
CA ALA E 252 31.84 21.71 -39.69
C ALA E 252 31.22 21.70 -38.30
N THR E 253 31.94 22.17 -37.29
CA THR E 253 31.47 22.31 -35.87
C THR E 253 31.79 21.06 -35.06
N LYS E 254 32.15 19.92 -35.67
CA LYS E 254 32.70 18.72 -34.95
C LYS E 254 31.61 17.88 -34.25
N THR E 255 31.96 16.69 -33.72
CA THR E 255 31.04 15.88 -32.85
C THR E 255 31.77 15.48 -31.57
N ARG E 256 31.27 15.77 -30.37
CA ARG E 256 32.06 15.31 -29.18
C ARG E 256 32.14 13.78 -29.13
N ILE E 257 31.01 13.08 -29.30
CA ILE E 257 31.05 11.59 -29.44
C ILE E 257 30.08 11.22 -30.56
N MET E 258 30.56 10.63 -31.65
CA MET E 258 29.65 10.12 -32.71
C MET E 258 29.76 8.60 -32.59
N GLY E 259 30.40 8.13 -31.52
CA GLY E 259 30.76 6.71 -31.45
C GLY E 259 32.20 6.75 -31.90
N PHE E 260 32.68 7.96 -32.21
CA PHE E 260 34.09 8.18 -32.63
C PHE E 260 34.84 8.89 -31.49
N GLY E 261 34.18 9.09 -30.35
CA GLY E 261 34.74 9.84 -29.21
C GLY E 261 36.10 9.37 -28.70
N HIS E 262 36.86 10.28 -28.10
CA HIS E 262 38.20 9.97 -27.53
C HIS E 262 38.10 9.31 -26.15
N ARG E 263 39.13 8.57 -25.74
CA ARG E 263 39.09 7.82 -24.45
C ARG E 263 40.52 7.57 -23.96
N VAL E 264 40.71 6.69 -22.99
CA VAL E 264 42.05 6.43 -22.38
C VAL E 264 43.01 5.91 -23.44
N TYR E 265 42.56 5.01 -24.31
CA TYR E 265 43.41 4.46 -25.41
C TYR E 265 43.69 5.56 -26.44
N LYS E 266 44.79 5.45 -27.18
CA LYS E 266 45.03 6.44 -28.27
C LYS E 266 45.01 5.80 -29.66
N VAL E 267 44.86 4.47 -29.77
CA VAL E 267 44.93 3.83 -31.12
C VAL E 267 43.59 3.17 -31.48
N LYS E 268 43.16 2.20 -30.68
CA LYS E 268 41.90 1.46 -30.94
C LYS E 268 41.43 0.89 -29.61
N ASP E 269 40.17 0.49 -29.50
CA ASP E 269 39.76 -0.20 -28.26
C ASP E 269 39.68 -1.68 -28.63
N PRO E 270 40.40 -2.55 -27.91
CA PRO E 270 40.43 -3.96 -28.25
C PRO E 270 38.99 -4.44 -28.08
N ARG E 271 38.31 -3.96 -27.05
CA ARG E 271 36.93 -4.43 -26.76
C ARG E 271 36.02 -4.08 -27.93
N ALA E 272 36.18 -2.89 -28.49
CA ALA E 272 35.29 -2.47 -29.57
C ALA E 272 35.44 -3.40 -30.76
N VAL E 273 36.67 -3.77 -31.09
CA VAL E 273 36.83 -4.57 -32.34
C VAL E 273 36.10 -5.90 -32.20
N ILE E 274 36.20 -6.53 -31.03
CA ILE E 274 35.56 -7.86 -30.85
C ILE E 274 34.05 -7.68 -30.99
N LEU E 275 33.53 -6.59 -30.42
CA LEU E 275 32.07 -6.35 -30.45
C LEU E 275 31.62 -6.19 -31.89
N GLN E 276 32.40 -5.50 -32.70
CA GLN E 276 31.96 -5.23 -34.08
C GLN E 276 31.82 -6.58 -34.76
N ASN E 277 32.75 -7.49 -34.51
CA ASN E 277 32.57 -8.85 -35.06
C ASN E 277 31.32 -9.45 -34.45
N LEU E 278 31.13 -9.25 -33.15
CA LEU E 278 29.96 -9.85 -32.48
C LEU E 278 28.69 -9.27 -33.09
N ALA E 279 28.69 -7.95 -33.31
CA ALA E 279 27.51 -7.31 -33.90
C ALA E 279 27.24 -7.82 -35.29
N GLU E 280 28.30 -7.97 -36.07
CA GLU E 280 28.07 -8.37 -37.47
C GLU E 280 27.44 -9.74 -37.42
N GLN E 281 28.00 -10.58 -36.56
CA GLN E 281 27.47 -11.94 -36.57
C GLN E 281 26.01 -11.86 -36.15
N LEU E 282 25.75 -11.06 -35.13
CA LEU E 282 24.35 -11.07 -34.62
C LEU E 282 23.42 -10.57 -35.68
N PHE E 283 23.83 -9.50 -36.36
CA PHE E 283 22.83 -8.97 -37.30
C PHE E 283 22.56 -10.01 -38.39
N ASP E 284 23.62 -10.63 -38.89
CA ASP E 284 23.32 -11.56 -40.01
C ASP E 284 22.44 -12.72 -39.54
N ILE E 285 22.75 -13.30 -38.38
CA ILE E 285 21.96 -14.51 -37.97
C ILE E 285 20.48 -14.20 -37.70
N PHE E 286 20.20 -13.08 -37.01
CA PHE E 286 18.81 -12.68 -36.69
C PHE E 286 18.34 -11.70 -37.77
N GLY E 287 19.23 -11.40 -38.70
CA GLY E 287 18.92 -10.52 -39.85
C GLY E 287 19.29 -9.07 -39.66
N HIS E 288 19.52 -8.37 -40.77
CA HIS E 288 19.95 -6.96 -40.78
C HIS E 288 18.81 -6.01 -40.42
N ASP E 289 19.17 -4.84 -39.91
CA ASP E 289 18.14 -3.82 -39.55
C ASP E 289 18.61 -2.52 -40.19
N PRO E 290 17.71 -1.56 -40.48
CA PRO E 290 18.06 -0.36 -41.25
C PRO E 290 19.12 0.50 -40.55
N TYR E 291 19.01 0.61 -39.23
CA TYR E 291 20.03 1.38 -38.48
C TYR E 291 21.33 0.66 -38.72
N TYR E 292 21.28 -0.67 -38.72
CA TYR E 292 22.53 -1.45 -38.88
C TYR E 292 23.18 -1.16 -40.23
N GLU E 293 22.40 -1.06 -41.30
CA GLU E 293 23.03 -0.71 -42.59
C GLU E 293 23.65 0.69 -42.50
N ILE E 294 22.96 1.62 -41.86
CA ILE E 294 23.45 3.02 -41.76
C ILE E 294 24.76 3.00 -40.97
N ALA E 295 24.81 2.19 -39.93
CA ALA E 295 26.01 2.12 -39.07
C ALA E 295 27.19 1.63 -39.92
N VAL E 296 26.94 0.65 -40.78
CA VAL E 296 28.03 0.06 -41.60
C VAL E 296 28.58 1.17 -42.48
N ALA E 297 27.68 2.00 -43.02
CA ALA E 297 28.13 3.13 -43.87
C ALA E 297 28.99 4.08 -43.05
N VAL E 298 28.58 4.37 -41.81
CA VAL E 298 29.32 5.35 -40.98
C VAL E 298 30.77 4.84 -40.81
N GLU E 299 30.92 3.56 -40.52
CA GLU E 299 32.26 2.98 -40.35
C GLU E 299 33.02 3.06 -41.68
N LYS E 300 32.35 2.80 -42.80
CA LYS E 300 33.04 2.75 -44.13
C LYS E 300 33.60 4.12 -44.44
N ALA E 301 32.86 5.19 -44.14
CA ALA E 301 33.47 6.51 -44.37
C ALA E 301 34.68 6.55 -43.46
N ALA E 302 35.80 7.13 -43.92
CA ALA E 302 36.99 7.04 -43.04
C ALA E 302 37.35 8.39 -42.42
N ALA E 303 37.39 8.44 -41.09
CA ALA E 303 37.88 9.63 -40.35
C ALA E 303 39.31 9.28 -39.94
N GLU E 304 39.84 8.16 -40.45
CA GLU E 304 41.16 7.64 -40.02
C GLU E 304 42.32 8.53 -40.49
N ARG E 305 43.46 8.46 -39.81
CA ARG E 305 44.60 9.37 -40.02
C ARG E 305 44.31 10.47 -39.02
N LEU E 306 43.12 10.42 -38.42
CA LEU E 306 42.79 11.33 -37.30
C LEU E 306 43.48 10.73 -36.08
N SER E 307 43.76 11.51 -35.04
CA SER E 307 44.47 10.87 -33.90
C SER E 307 43.49 10.59 -32.77
N HIS E 308 43.34 9.32 -32.40
CA HIS E 308 42.39 8.93 -31.33
C HIS E 308 41.01 9.03 -31.96
N LYS E 309 40.97 9.23 -33.28
CA LYS E 309 39.69 9.40 -34.02
C LYS E 309 39.35 8.15 -34.84
N GLY E 310 40.05 7.03 -34.61
CA GLY E 310 39.82 5.83 -35.44
C GLY E 310 38.63 5.06 -34.92
N ILE E 311 37.44 5.60 -35.16
CA ILE E 311 36.16 5.01 -34.64
C ILE E 311 36.16 5.31 -33.15
N TYR E 312 37.29 5.05 -32.50
CA TYR E 312 37.35 5.23 -31.03
C TYR E 312 35.95 5.00 -30.45
N PRO E 313 35.36 3.82 -30.72
CA PRO E 313 34.03 3.51 -30.22
C PRO E 313 33.95 3.48 -28.70
N ASN E 314 34.98 2.95 -28.02
CA ASN E 314 34.84 2.76 -26.55
C ASN E 314 33.88 1.58 -26.38
N VAL E 315 33.76 0.74 -27.41
CA VAL E 315 32.75 -0.35 -27.38
C VAL E 315 31.44 0.37 -27.20
N ASP E 316 31.32 1.51 -27.84
CA ASP E 316 30.10 2.33 -27.77
C ASP E 316 29.76 2.50 -29.24
N PHE E 317 28.51 2.77 -29.57
CA PHE E 317 28.15 2.75 -30.99
C PHE E 317 28.06 1.29 -31.40
N TYR E 318 29.13 0.52 -31.24
CA TYR E 318 29.00 -0.93 -31.46
C TYR E 318 28.03 -1.50 -30.40
N SER E 319 28.14 -1.01 -29.16
CA SER E 319 27.31 -1.53 -28.04
C SER E 319 25.82 -1.30 -28.27
N GLY E 320 25.44 -0.05 -28.51
CA GLY E 320 24.01 0.27 -28.62
C GLY E 320 23.39 -0.62 -29.65
N LEU E 321 24.11 -0.84 -30.74
CA LEU E 321 23.54 -1.62 -31.85
C LEU E 321 23.24 -3.03 -31.34
N VAL E 322 24.19 -3.65 -30.64
CA VAL E 322 23.97 -5.07 -30.24
C VAL E 322 22.78 -5.09 -29.30
N TYR E 323 22.70 -4.12 -28.40
CA TYR E 323 21.63 -4.12 -27.38
C TYR E 323 20.26 -4.00 -28.03
N ARG E 324 20.14 -3.15 -29.05
CA ARG E 324 18.81 -2.94 -29.66
C ARG E 324 18.36 -4.27 -30.25
N LYS E 325 19.28 -4.99 -30.88
CA LYS E 325 18.89 -6.27 -31.51
C LYS E 325 18.41 -7.24 -30.44
N LEU E 326 19.10 -7.26 -29.30
CA LEU E 326 18.73 -8.22 -28.23
C LEU E 326 17.44 -7.71 -27.59
N GLY E 327 17.03 -6.49 -27.93
CA GLY E 327 15.77 -5.93 -27.41
C GLY E 327 15.92 -5.11 -26.15
N ILE E 328 17.16 -4.86 -25.73
CA ILE E 328 17.37 -3.97 -24.55
C ILE E 328 16.95 -2.55 -24.92
N PRO E 329 16.21 -1.84 -24.05
CA PRO E 329 15.85 -0.45 -24.28
C PRO E 329 17.01 0.53 -24.08
N SER E 330 16.97 1.69 -24.73
CA SER E 330 18.06 2.69 -24.67
C SER E 330 18.27 3.20 -23.26
N ASP E 331 17.20 3.37 -22.51
CA ASP E 331 17.25 3.91 -21.13
C ASP E 331 18.09 2.97 -20.28
N LEU E 332 17.99 1.67 -20.53
CA LEU E 332 18.68 0.65 -19.69
C LEU E 332 20.09 0.35 -20.21
N PHE E 333 20.56 1.01 -21.26
CA PHE E 333 21.90 0.72 -21.83
C PHE E 333 23.04 1.02 -20.85
N THR E 334 23.00 2.16 -20.18
CA THR E 334 24.04 2.49 -19.18
C THR E 334 23.93 1.49 -18.03
N PRO E 335 22.71 1.10 -17.63
CA PRO E 335 22.51 0.15 -16.54
C PRO E 335 23.14 -1.21 -16.82
N VAL E 336 23.10 -1.68 -18.06
CA VAL E 336 23.74 -2.96 -18.46
C VAL E 336 25.25 -2.87 -18.21
N PHE E 337 25.85 -1.72 -18.48
CA PHE E 337 27.29 -1.54 -18.20
C PHE E 337 27.49 -1.75 -16.71
N ALA E 338 26.55 -1.26 -15.91
CA ALA E 338 26.64 -1.40 -14.45
C ALA E 338 26.61 -2.88 -14.07
N ILE E 339 25.80 -3.66 -14.77
CA ILE E 339 25.68 -5.08 -14.36
C ILE E 339 27.06 -5.70 -14.52
N ALA E 340 27.73 -5.42 -15.63
CA ALA E 340 29.10 -5.93 -15.88
C ALA E 340 30.15 -5.31 -14.96
N ARG E 341 30.08 -4.01 -14.70
CA ARG E 341 31.13 -3.30 -13.92
C ARG E 341 31.15 -3.75 -12.46
N VAL E 342 30.06 -4.31 -11.96
CA VAL E 342 30.00 -4.65 -10.52
C VAL E 342 31.11 -5.62 -10.20
N ALA E 343 31.39 -6.54 -11.11
CA ALA E 343 32.47 -7.52 -10.88
C ALA E 343 33.82 -6.81 -10.73
N GLY E 344 34.12 -5.86 -11.58
CA GLY E 344 35.36 -5.09 -11.39
C GLY E 344 35.32 -4.29 -10.12
N TRP E 345 34.18 -3.66 -9.86
CA TRP E 345 34.03 -2.84 -8.65
C TRP E 345 34.19 -3.71 -7.42
N LEU E 346 33.60 -4.90 -7.45
CA LEU E 346 33.70 -5.85 -6.32
C LEU E 346 35.15 -6.31 -6.15
N ALA E 347 35.83 -6.55 -7.26
CA ALA E 347 37.25 -6.97 -7.19
C ALA E 347 38.13 -5.87 -6.58
N HIS E 348 37.91 -4.63 -7.00
CA HIS E 348 38.73 -3.50 -6.48
C HIS E 348 38.45 -3.34 -4.99
N TRP E 349 37.21 -3.56 -4.57
CA TRP E 349 36.84 -3.42 -3.14
C TRP E 349 37.59 -4.43 -2.29
N LYS E 350 37.67 -5.67 -2.76
CA LYS E 350 38.38 -6.72 -2.01
C LYS E 350 39.86 -6.35 -1.91
N GLU E 351 40.42 -5.86 -3.01
CA GLU E 351 41.84 -5.45 -3.03
C GLU E 351 42.07 -4.29 -2.05
N GLN E 352 41.16 -3.31 -1.98
CA GLN E 352 41.38 -2.13 -1.12
C GLN E 352 41.43 -2.61 0.32
N LEU E 353 40.59 -3.58 0.65
CA LEU E 353 40.52 -4.09 2.05
C LEU E 353 41.84 -4.74 2.46
N ASN E 354 42.53 -5.43 1.55
CA ASN E 354 43.72 -6.20 2.00
C ASN E 354 44.70 -5.23 2.63
N GLU E 355 44.93 -4.09 2.02
CA GLU E 355 45.72 -3.05 2.71
C GLU E 355 44.85 -1.81 2.55
N ASN E 356 44.28 -1.30 3.63
CA ASN E 356 43.38 -0.15 3.39
C ASN E 356 43.94 1.10 4.01
N ARG E 357 44.13 2.11 3.19
CA ARG E 357 44.48 3.43 3.74
C ARG E 357 43.34 4.33 3.28
N ILE E 358 42.76 5.11 4.18
CA ILE E 358 41.59 5.93 3.79
C ILE E 358 42.10 6.88 2.73
N PHE E 359 41.28 7.17 1.72
CA PHE E 359 41.79 8.14 0.76
C PHE E 359 41.34 9.51 1.23
N ARG E 360 42.27 10.27 1.80
CA ARG E 360 41.97 11.69 2.09
C ARG E 360 43.05 12.42 1.31
N PRO E 361 42.68 13.21 0.31
CA PRO E 361 43.60 13.98 -0.50
C PRO E 361 43.84 15.38 0.06
N THR E 362 44.61 16.19 -0.64
CA THR E 362 44.92 17.58 -0.23
C THR E 362 44.63 18.52 -1.37
N GLN E 363 44.43 19.80 -1.06
CA GLN E 363 44.11 20.81 -2.09
C GLN E 363 45.17 21.91 -2.15
N ILE E 364 45.18 22.66 -3.24
CA ILE E 364 46.04 23.88 -3.32
C ILE E 364 45.07 25.05 -3.10
N TYR E 365 45.32 25.89 -2.10
CA TYR E 365 44.34 26.95 -1.75
C TYR E 365 44.49 28.18 -2.63
N THR E 366 43.40 28.61 -3.25
CA THR E 366 43.38 29.81 -4.13
C THR E 366 42.64 30.92 -3.41
N GLY E 367 42.36 30.73 -2.12
CA GLY E 367 41.52 31.66 -1.34
C GLY E 367 42.18 32.77 -0.55
N SER E 368 41.42 33.32 0.40
CA SER E 368 41.88 34.47 1.22
C SER E 368 41.92 34.06 2.70
N HIS E 369 42.72 34.76 3.49
CA HIS E 369 42.91 34.40 4.92
C HIS E 369 42.81 35.61 5.85
N ASN E 370 42.44 35.39 7.11
CA ASN E 370 42.45 36.47 8.13
C ASN E 370 41.32 37.47 7.88
N LEU E 371 40.38 37.11 7.03
CA LEU E 371 39.21 37.99 6.77
C LEU E 371 38.37 38.05 8.04
N ASP E 372 37.71 39.18 8.28
CA ASP E 372 36.85 39.35 9.48
C ASP E 372 35.40 39.36 9.03
N TYR E 373 34.50 38.79 9.84
CA TYR E 373 33.05 38.72 9.51
C TYR E 373 32.46 40.12 9.40
N THR E 374 31.64 40.34 8.37
CA THR E 374 31.06 41.67 8.13
C THR E 374 29.58 41.60 8.49
N PRO E 375 29.08 42.54 9.30
CA PRO E 375 27.69 42.53 9.73
C PRO E 375 26.78 42.69 8.51
N ILE E 376 25.60 42.08 8.54
CA ILE E 376 24.70 42.07 7.35
C ILE E 376 24.37 43.49 6.98
N ALA E 377 24.19 44.36 7.97
CA ALA E 377 23.76 45.73 7.67
C ALA E 377 24.79 46.40 6.78
N ASP E 378 26.07 46.15 7.04
CA ASP E 378 27.16 46.84 6.29
C ASP E 378 27.55 46.01 5.07
N ARG E 379 26.93 44.86 4.84
CA ARG E 379 27.41 43.94 3.79
C ARG E 379 27.35 44.51 2.37
N ASP E 380 26.29 45.22 2.00
CA ASP E 380 26.20 45.63 0.56
C ASP E 380 26.46 47.13 0.40
N LEU E 381 27.36 47.48 -0.52
CA LEU E 381 27.73 48.90 -0.71
C LEU E 381 28.01 49.15 -2.20
N ALA F 3 -8.54 -16.92 53.42
CA ALA F 3 -7.91 -18.21 53.77
C ALA F 3 -9.00 -19.27 53.92
N VAL F 4 -10.14 -19.05 53.29
CA VAL F 4 -11.28 -19.99 53.47
C VAL F 4 -10.89 -21.35 52.90
N SER F 5 -11.37 -22.43 53.50
CA SER F 5 -11.10 -23.80 52.97
C SER F 5 -11.72 -23.90 51.59
N GLU F 6 -12.87 -23.27 51.40
CA GLU F 6 -13.55 -23.28 50.08
C GLU F 6 -12.58 -22.66 49.06
N PHE F 7 -11.86 -21.60 49.44
CA PHE F 7 -10.99 -20.94 48.44
C PHE F 7 -9.72 -21.75 48.19
N ARG F 8 -9.45 -22.08 46.93
CA ARG F 8 -8.18 -22.75 46.60
C ARG F 8 -7.47 -21.88 45.57
N PRO F 9 -6.23 -21.41 45.82
CA PRO F 9 -5.59 -20.49 44.90
C PRO F 9 -5.34 -21.18 43.56
N GLY F 10 -5.65 -20.50 42.46
CA GLY F 10 -5.40 -21.07 41.12
C GLY F 10 -6.40 -22.13 40.73
N LEU F 11 -7.50 -22.26 41.47
CA LEU F 11 -8.54 -23.27 41.18
C LEU F 11 -7.89 -24.65 41.16
N GLU F 12 -6.95 -24.87 42.07
CA GLU F 12 -6.22 -26.16 42.11
C GLU F 12 -7.09 -27.22 42.78
N GLY F 13 -7.23 -28.37 42.15
CA GLY F 13 -8.02 -29.46 42.72
C GLY F 13 -9.48 -29.20 42.52
N VAL F 14 -9.81 -28.14 41.78
CA VAL F 14 -11.23 -27.77 41.60
C VAL F 14 -11.62 -28.16 40.18
N PRO F 15 -12.59 -29.07 40.01
CA PRO F 15 -13.01 -29.51 38.70
C PRO F 15 -13.75 -28.37 38.00
N ALA F 16 -13.47 -28.15 36.72
CA ALA F 16 -14.13 -27.07 35.98
C ALA F 16 -15.15 -27.63 35.00
N THR F 17 -14.97 -28.88 34.61
CA THR F 17 -15.86 -29.45 33.57
C THR F 17 -15.88 -30.96 33.68
N LEU F 18 -16.85 -31.59 33.04
CA LEU F 18 -16.82 -33.06 32.95
C LEU F 18 -16.33 -33.31 31.53
N SER F 19 -15.24 -34.06 31.36
CA SER F 19 -14.66 -34.21 30.00
C SER F 19 -14.27 -35.65 29.70
N SER F 20 -14.40 -36.05 28.45
CA SER F 20 -13.98 -37.39 28.01
C SER F 20 -12.77 -37.32 27.08
N ILE F 21 -12.30 -36.13 26.74
CA ILE F 21 -11.22 -36.00 25.72
C ILE F 21 -9.86 -36.55 26.18
N SER F 22 -9.42 -36.27 27.40
CA SER F 22 -8.04 -36.67 27.78
C SER F 22 -7.92 -37.07 29.25
N PHE F 23 -7.02 -38.01 29.56
CA PHE F 23 -6.77 -38.41 30.97
C PHE F 23 -5.27 -38.41 31.28
N VAL F 24 -4.88 -37.70 32.34
CA VAL F 24 -3.45 -37.67 32.78
C VAL F 24 -3.35 -38.07 34.25
N ASP F 25 -2.42 -38.97 34.60
CA ASP F 25 -2.19 -39.27 36.05
C ASP F 25 -0.80 -38.79 36.44
N GLY F 26 -0.68 -37.90 37.44
CA GLY F 26 0.65 -37.50 37.94
C GLY F 26 1.42 -38.62 38.61
N GLN F 27 0.73 -39.42 39.43
CA GLN F 27 1.40 -40.49 40.22
C GLN F 27 1.99 -41.50 39.25
N ARG F 28 1.28 -41.78 38.19
CA ARG F 28 1.71 -42.81 37.24
C ARG F 28 1.89 -42.08 35.93
N GLY F 29 2.67 -42.61 35.01
CA GLY F 29 3.00 -41.93 33.76
C GLY F 29 1.83 -41.65 32.84
N VAL F 30 0.74 -42.40 32.91
CA VAL F 30 -0.27 -42.39 31.82
C VAL F 30 -0.92 -41.08 31.37
N LEU F 31 -0.95 -40.88 30.05
CA LEU F 31 -1.73 -39.80 29.41
C LEU F 31 -2.51 -40.51 28.31
N GLU F 32 -3.80 -40.24 28.17
CA GLU F 32 -4.60 -40.96 27.16
C GLU F 32 -5.41 -39.94 26.37
N TYR F 33 -5.56 -40.14 25.07
CA TYR F 33 -6.45 -39.26 24.30
C TYR F 33 -7.63 -40.12 23.92
N ARG F 34 -8.82 -39.79 24.43
CA ARG F 34 -10.00 -40.61 24.16
C ARG F 34 -9.66 -42.04 24.57
N GLY F 35 -8.98 -42.21 25.68
CA GLY F 35 -8.76 -43.57 26.20
C GLY F 35 -7.63 -44.33 25.55
N ILE F 36 -6.94 -43.72 24.60
CA ILE F 36 -5.85 -44.44 23.88
C ILE F 36 -4.53 -43.87 24.37
N SER F 37 -3.59 -44.75 24.69
CA SER F 37 -2.27 -44.31 25.21
C SER F 37 -1.56 -43.46 24.18
N ILE F 38 -0.86 -42.44 24.64
CA ILE F 38 -0.15 -41.52 23.71
C ILE F 38 0.87 -42.36 22.96
N GLU F 39 1.47 -43.31 23.65
CA GLU F 39 2.56 -44.11 23.04
C GLU F 39 2.05 -44.89 21.84
N GLN F 40 0.89 -45.50 21.95
CA GLN F 40 0.32 -46.25 20.81
C GLN F 40 0.05 -45.28 19.67
N LEU F 41 -0.53 -44.13 20.00
CA LEU F 41 -0.90 -43.19 18.92
C LEU F 41 0.38 -42.71 18.26
N ALA F 42 1.41 -42.43 19.06
CA ALA F 42 2.66 -41.89 18.49
C ALA F 42 3.26 -42.90 17.55
N GLN F 43 3.25 -44.17 17.96
CA GLN F 43 3.86 -45.21 17.11
C GLN F 43 3.06 -45.30 15.81
N GLN F 44 1.73 -45.26 15.91
CA GLN F 44 0.93 -45.48 14.69
C GLN F 44 -0.19 -44.46 14.55
N SER F 45 0.13 -43.18 14.32
CA SER F 45 -0.96 -42.21 14.09
C SER F 45 -0.47 -40.96 13.37
N SER F 46 -1.41 -40.15 12.90
CA SER F 46 -1.09 -38.85 12.27
C SER F 46 -1.65 -37.79 13.20
N PHE F 47 -1.12 -36.58 13.17
CA PHE F 47 -1.70 -35.51 14.01
C PHE F 47 -3.14 -35.29 13.58
N LEU F 48 -3.36 -35.32 12.28
CA LEU F 48 -4.73 -35.07 11.77
C LEU F 48 -5.67 -36.16 12.26
N GLU F 49 -5.23 -37.42 12.26
CA GLU F 49 -6.07 -38.53 12.77
C GLU F 49 -6.33 -38.33 14.26
N THR F 50 -5.31 -37.97 15.03
CA THR F 50 -5.46 -37.78 16.49
C THR F 50 -6.40 -36.62 16.74
N ALA F 51 -6.32 -35.58 15.93
CA ALA F 51 -7.20 -34.40 16.07
C ALA F 51 -8.65 -34.81 15.85
N TYR F 52 -8.89 -35.65 14.86
CA TYR F 52 -10.25 -36.11 14.56
C TYR F 52 -10.77 -36.88 15.77
N LEU F 53 -9.91 -37.72 16.33
CA LEU F 53 -10.34 -38.55 17.48
C LEU F 53 -10.67 -37.61 18.62
N LEU F 54 -9.80 -36.64 18.85
CA LEU F 54 -10.04 -35.75 19.99
C LEU F 54 -11.29 -34.92 19.75
N ILE F 55 -11.41 -34.36 18.55
CA ILE F 55 -12.56 -33.47 18.24
C ILE F 55 -13.88 -34.23 18.15
N TRP F 56 -13.92 -35.36 17.45
CA TRP F 56 -15.21 -36.06 17.21
C TRP F 56 -15.34 -37.31 18.07
N GLY F 57 -14.27 -37.73 18.76
CA GLY F 57 -14.39 -38.83 19.73
C GLY F 57 -14.33 -40.22 19.14
N HIS F 58 -14.15 -40.32 17.83
CA HIS F 58 -13.99 -41.66 17.21
C HIS F 58 -12.79 -41.66 16.26
N LEU F 59 -12.06 -42.75 16.22
CA LEU F 59 -10.94 -42.83 15.25
C LEU F 59 -11.55 -42.77 13.86
N PRO F 60 -10.92 -42.06 12.90
CA PRO F 60 -11.52 -41.89 11.59
C PRO F 60 -11.54 -43.10 10.65
N THR F 61 -12.61 -43.25 9.86
CA THR F 61 -12.63 -44.31 8.82
C THR F 61 -11.74 -43.82 7.68
N GLN F 62 -11.26 -44.72 6.83
CA GLN F 62 -10.29 -44.28 5.81
C GLN F 62 -10.96 -43.22 4.93
N GLN F 63 -12.22 -43.42 4.61
CA GLN F 63 -12.93 -42.41 3.78
C GLN F 63 -13.00 -41.10 4.55
N GLU F 64 -13.30 -41.16 5.84
CA GLU F 64 -13.44 -39.93 6.64
C GLU F 64 -12.10 -39.22 6.69
N LEU F 65 -11.01 -39.95 6.96
CA LEU F 65 -9.70 -39.30 7.11
C LEU F 65 -9.29 -38.66 5.80
N THR F 66 -9.42 -39.39 4.71
CA THR F 66 -8.93 -38.87 3.40
C THR F 66 -9.70 -37.61 3.06
N GLU F 67 -11.01 -37.60 3.30
CA GLU F 67 -11.81 -36.38 3.05
C GLU F 67 -11.33 -35.25 3.96
N PHE F 68 -11.03 -35.55 5.22
CA PHE F 68 -10.62 -34.50 6.18
C PHE F 68 -9.32 -33.86 5.71
N GLU F 69 -8.36 -34.66 5.25
CA GLU F 69 -7.07 -34.15 4.75
C GLU F 69 -7.31 -33.30 3.51
N HIS F 70 -8.20 -33.75 2.64
CA HIS F 70 -8.49 -33.02 1.39
C HIS F 70 -9.06 -31.65 1.73
N GLU F 71 -9.94 -31.60 2.72
CA GLU F 71 -10.56 -30.31 3.14
C GLU F 71 -9.50 -29.36 3.67
N ILE F 72 -8.56 -29.88 4.46
CA ILE F 72 -7.45 -29.03 5.00
C ILE F 72 -6.58 -28.53 3.86
N ARG F 73 -6.30 -29.36 2.86
CA ARG F 73 -5.39 -28.95 1.76
C ARG F 73 -5.99 -27.78 0.98
N TYR F 74 -7.30 -27.80 0.76
CA TYR F 74 -7.96 -26.73 -0.02
C TYR F 74 -7.97 -25.44 0.79
N HIS F 75 -8.05 -25.55 2.11
CA HIS F 75 -8.16 -24.35 2.95
C HIS F 75 -6.79 -23.89 3.47
N ARG F 76 -5.72 -24.55 3.07
CA ARG F 76 -4.38 -24.25 3.62
C ARG F 76 -3.97 -22.81 3.30
N ARG F 77 -4.29 -22.35 2.11
CA ARG F 77 -3.88 -21.00 1.67
C ARG F 77 -4.64 -19.94 2.44
N ILE F 78 -4.07 -18.75 2.54
CA ILE F 78 -4.67 -17.65 3.35
C ILE F 78 -4.91 -16.45 2.45
N LYS F 79 -5.88 -15.61 2.81
CA LYS F 79 -6.30 -14.48 1.96
C LYS F 79 -5.22 -13.40 1.87
N PHE F 80 -5.21 -12.64 0.77
CA PHE F 80 -4.18 -11.60 0.51
C PHE F 80 -4.27 -10.53 1.58
N ARG F 81 -5.49 -10.24 2.01
CA ARG F 81 -5.70 -9.19 3.03
C ARG F 81 -5.01 -9.60 4.34
N ILE F 82 -5.08 -10.87 4.68
CA ILE F 82 -4.39 -11.38 5.91
C ILE F 82 -2.88 -11.21 5.76
N ARG F 83 -2.33 -11.51 4.59
CA ARG F 83 -0.87 -11.34 4.34
C ARG F 83 -0.49 -9.87 4.41
N ASP F 84 -1.30 -9.00 3.85
CA ASP F 84 -0.98 -7.56 3.81
C ASP F 84 -0.93 -7.02 5.23
N MET F 85 -1.84 -7.48 6.09
CA MET F 85 -1.89 -7.03 7.50
C MET F 85 -0.61 -7.43 8.24
N MET F 86 -0.16 -8.65 8.01
CA MET F 86 1.09 -9.13 8.64
C MET F 86 2.22 -8.27 8.09
N LYS F 87 2.16 -7.91 6.82
CA LYS F 87 3.17 -7.03 6.21
C LYS F 87 3.13 -5.71 6.97
N CYS F 88 1.98 -5.30 7.45
CA CYS F 88 1.85 -4.07 8.29
C CYS F 88 2.43 -4.30 9.70
N PHE F 89 2.62 -5.56 10.08
CA PHE F 89 3.12 -5.89 11.45
C PHE F 89 4.57 -5.46 11.64
N PRO F 90 4.97 -5.12 12.87
CA PRO F 90 6.37 -4.78 13.15
C PRO F 90 7.33 -5.96 12.92
N ASP F 91 8.50 -5.69 12.35
CA ASP F 91 9.49 -6.75 12.01
C ASP F 91 9.97 -7.45 13.27
N SER F 92 10.16 -6.69 14.34
CA SER F 92 10.69 -7.25 15.60
C SER F 92 9.56 -7.70 16.50
N GLY F 93 8.34 -7.67 16.01
CA GLY F 93 7.18 -8.06 16.81
C GLY F 93 7.26 -9.50 17.26
N HIS F 94 6.81 -9.78 18.48
CA HIS F 94 6.87 -11.15 19.03
C HIS F 94 5.95 -12.06 18.21
N PRO F 95 6.39 -13.27 17.83
CA PRO F 95 5.61 -14.13 16.96
C PRO F 95 4.25 -14.61 17.53
N MET F 96 4.20 -14.94 18.82
CA MET F 96 2.93 -15.37 19.48
C MET F 96 1.91 -14.23 19.52
N ASP F 97 2.35 -13.00 19.78
CA ASP F 97 1.42 -11.85 19.74
C ASP F 97 0.88 -11.72 18.32
N ALA F 98 1.73 -11.96 17.33
CA ALA F 98 1.31 -11.92 15.92
C ALA F 98 0.25 -12.98 15.64
N LEU F 99 0.42 -14.17 16.21
CA LEU F 99 -0.55 -15.26 15.99
C LEU F 99 -1.91 -14.85 16.55
N GLN F 100 -1.93 -14.20 17.71
CA GLN F 100 -3.23 -13.87 18.32
C GLN F 100 -3.96 -12.94 17.36
N ALA F 101 -3.24 -11.97 16.84
CA ALA F 101 -3.87 -10.98 15.93
C ALA F 101 -4.35 -11.71 14.69
N SER F 102 -3.53 -12.63 14.19
CA SER F 102 -3.84 -13.35 12.95
C SER F 102 -5.10 -14.21 13.10
N ALA F 103 -5.24 -14.88 14.23
CA ALA F 103 -6.42 -15.74 14.47
C ALA F 103 -7.69 -14.89 14.54
N ALA F 104 -7.61 -13.76 15.21
CA ALA F 104 -8.78 -12.87 15.36
C ALA F 104 -9.19 -12.37 13.98
N ALA F 105 -8.21 -12.03 13.15
CA ALA F 105 -8.49 -11.48 11.81
C ALA F 105 -9.23 -12.53 10.97
N LEU F 106 -8.86 -13.78 11.14
CA LEU F 106 -9.50 -14.86 10.36
C LEU F 106 -10.98 -14.77 10.71
N GLY F 107 -11.26 -14.42 11.94
CA GLY F 107 -12.66 -14.26 12.39
C GLY F 107 -13.39 -13.20 11.62
N LEU F 108 -12.73 -12.12 11.28
CA LEU F 108 -13.45 -11.01 10.61
C LEU F 108 -14.01 -11.57 9.30
N PHE F 109 -13.37 -12.58 8.74
CA PHE F 109 -13.84 -13.12 7.45
C PHE F 109 -14.78 -14.32 7.62
N TYR F 110 -14.36 -15.36 8.33
CA TYR F 110 -15.13 -16.62 8.44
C TYR F 110 -16.10 -16.65 9.65
N SER F 111 -16.10 -15.59 10.46
CA SER F 111 -16.98 -15.52 11.67
C SER F 111 -18.44 -15.57 11.25
N ARG F 112 -18.79 -14.96 10.12
CA ARG F 112 -20.24 -14.96 9.87
C ARG F 112 -20.48 -16.43 9.99
N ARG F 113 -21.50 -16.78 10.76
CA ARG F 113 -21.58 -18.21 11.10
C ARG F 113 -22.98 -18.77 11.11
N ALA F 114 -23.04 -20.07 10.95
CA ALA F 114 -24.34 -20.72 11.17
C ALA F 114 -24.13 -21.35 12.55
N LEU F 115 -25.03 -21.08 13.49
CA LEU F 115 -24.84 -21.58 14.86
C LEU F 115 -25.92 -22.64 15.06
N ASP F 116 -25.58 -23.78 15.65
CA ASP F 116 -26.55 -24.89 15.72
C ASP F 116 -26.49 -25.62 14.39
N ASP F 117 -25.52 -25.29 13.54
CA ASP F 117 -25.35 -26.05 12.28
C ASP F 117 -24.11 -26.93 12.44
N PRO F 118 -24.24 -28.26 12.22
CA PRO F 118 -23.12 -29.17 12.36
C PRO F 118 -22.03 -28.81 11.34
N GLU F 119 -22.45 -28.46 10.13
CA GLU F 119 -21.47 -28.05 9.10
C GLU F 119 -20.53 -26.99 9.68
N TYR F 120 -21.01 -26.10 10.54
CA TYR F 120 -20.16 -24.99 11.02
C TYR F 120 -18.97 -25.48 11.84
N ILE F 121 -19.18 -26.45 12.70
CA ILE F 121 -18.06 -26.89 13.58
C ILE F 121 -16.94 -27.45 12.70
N ARG F 122 -17.28 -28.20 11.66
CA ARG F 122 -16.24 -28.86 10.83
C ARG F 122 -15.54 -27.81 9.96
N ALA F 123 -16.29 -26.85 9.45
CA ALA F 123 -15.70 -25.84 8.56
C ALA F 123 -14.66 -25.04 9.32
N ALA F 124 -14.99 -24.66 10.55
CA ALA F 124 -14.04 -23.91 11.38
C ALA F 124 -12.84 -24.79 11.70
N VAL F 125 -13.08 -26.07 12.04
CA VAL F 125 -11.96 -26.94 12.45
C VAL F 125 -11.02 -27.10 11.26
N VAL F 126 -11.58 -27.30 10.07
CA VAL F 126 -10.74 -27.50 8.88
C VAL F 126 -9.97 -26.20 8.63
N ARG F 127 -10.65 -25.08 8.72
CA ARG F 127 -10.00 -23.79 8.43
C ARG F 127 -8.92 -23.47 9.46
N LEU F 128 -9.22 -23.65 10.74
CA LEU F 128 -8.24 -23.28 11.79
C LEU F 128 -7.01 -24.17 11.72
N LEU F 129 -7.22 -25.47 11.55
CA LEU F 129 -6.09 -26.42 11.51
C LEU F 129 -5.23 -26.15 10.27
N ALA F 130 -5.86 -25.92 9.14
CA ALA F 130 -5.15 -25.65 7.87
C ALA F 130 -4.42 -24.32 7.84
N LYS F 131 -5.04 -23.26 8.34
CA LYS F 131 -4.47 -21.90 8.18
C LYS F 131 -3.51 -21.47 9.28
N ILE F 132 -3.63 -21.98 10.50
CA ILE F 132 -2.77 -21.48 11.61
C ILE F 132 -1.30 -21.78 11.26
N PRO F 133 -0.98 -22.96 10.72
CA PRO F 133 0.39 -23.24 10.30
C PRO F 133 0.86 -22.32 9.15
N THR F 134 -0.01 -22.07 8.17
CA THR F 134 0.36 -21.22 7.02
C THR F 134 0.66 -19.82 7.52
N MET F 135 -0.15 -19.33 8.45
CA MET F 135 0.02 -17.97 8.99
C MET F 135 1.35 -17.85 9.76
N VAL F 136 1.70 -18.87 10.54
CA VAL F 136 2.94 -18.78 11.37
C VAL F 136 4.14 -18.67 10.43
N ALA F 137 4.16 -19.45 9.36
CA ALA F 137 5.28 -19.42 8.42
C ALA F 137 5.38 -18.06 7.75
N ALA F 138 4.25 -17.49 7.41
CA ALA F 138 4.23 -16.19 6.70
C ALA F 138 4.84 -15.06 7.53
N PHE F 139 4.57 -15.00 8.83
CA PHE F 139 5.23 -13.95 9.63
C PHE F 139 6.72 -14.18 9.59
N GLN F 140 7.15 -15.43 9.66
CA GLN F 140 8.61 -15.63 9.70
C GLN F 140 9.23 -15.12 8.40
N LEU F 141 8.63 -15.45 7.27
CA LEU F 141 9.15 -14.92 5.99
C LEU F 141 8.93 -13.41 5.84
N ILE F 142 7.77 -12.89 6.21
CA ILE F 142 7.43 -11.46 5.97
C ILE F 142 8.32 -10.54 6.81
N ARG F 143 8.61 -10.92 8.03
CA ARG F 143 9.38 -10.06 8.95
C ARG F 143 10.76 -9.81 8.36
N LYS F 144 11.28 -10.77 7.60
CA LYS F 144 12.64 -10.65 7.02
C LYS F 144 12.57 -9.98 5.65
N GLY F 145 11.39 -9.54 5.21
CA GLY F 145 11.22 -8.89 3.90
C GLY F 145 11.03 -9.91 2.82
N ASN F 146 10.84 -11.17 3.21
CA ASN F 146 10.77 -12.28 2.24
C ASN F 146 9.31 -12.63 1.95
N ASP F 147 9.00 -12.87 0.69
CA ASP F 147 7.63 -13.23 0.27
C ASP F 147 7.25 -14.55 0.90
N PRO F 148 5.99 -14.70 1.37
CA PRO F 148 5.55 -15.94 1.97
C PRO F 148 5.58 -17.10 0.98
N ILE F 149 6.05 -18.26 1.42
CA ILE F 149 6.14 -19.47 0.54
C ILE F 149 4.77 -20.11 0.53
N GLN F 150 4.20 -20.30 -0.65
CA GLN F 150 2.80 -20.80 -0.76
C GLN F 150 2.72 -22.28 -0.39
N PRO F 151 1.57 -22.71 0.12
CA PRO F 151 1.39 -24.10 0.49
C PRO F 151 1.51 -24.96 -0.77
N ARG F 152 2.14 -26.13 -0.63
CA ARG F 152 2.31 -27.05 -1.77
C ARG F 152 1.32 -28.20 -1.59
N ASP F 153 0.45 -28.42 -2.56
CA ASP F 153 -0.66 -29.40 -2.43
C ASP F 153 -0.08 -30.81 -2.22
N GLU F 154 1.01 -31.11 -2.89
CA GLU F 154 1.56 -32.49 -2.83
C GLU F 154 1.98 -32.83 -1.40
N LEU F 155 2.59 -31.90 -0.68
CA LEU F 155 3.16 -32.21 0.65
C LEU F 155 2.10 -32.44 1.74
N ASP F 156 2.45 -33.26 2.74
CA ASP F 156 1.57 -33.55 3.90
C ASP F 156 1.60 -32.37 4.87
N TYR F 157 0.78 -32.39 5.92
CA TYR F 157 0.65 -31.24 6.85
C TYR F 157 1.96 -30.89 7.53
N ALA F 158 2.68 -31.88 8.04
CA ALA F 158 3.95 -31.61 8.75
C ALA F 158 4.99 -31.07 7.80
N ALA F 159 5.10 -31.69 6.64
CA ALA F 159 6.13 -31.28 5.65
C ALA F 159 5.84 -29.88 5.13
N ASN F 160 4.58 -29.58 4.87
CA ASN F 160 4.27 -28.27 4.26
C ASN F 160 4.73 -27.19 5.26
N PHE F 161 4.51 -27.41 6.55
CA PHE F 161 4.88 -26.34 7.51
C PHE F 161 6.38 -26.13 7.43
N LEU F 162 7.13 -27.21 7.41
CA LEU F 162 8.61 -27.10 7.37
C LEU F 162 9.03 -26.46 6.05
N TYR F 163 8.39 -26.85 4.95
CA TYR F 163 8.73 -26.32 3.61
C TYR F 163 8.45 -24.83 3.55
N MET F 164 7.33 -24.43 4.13
CA MET F 164 6.93 -23.00 4.08
C MET F 164 7.96 -22.16 4.82
N LEU F 165 8.46 -22.65 5.94
CA LEU F 165 9.54 -21.94 6.66
C LEU F 165 10.86 -21.91 5.89
N THR F 166 11.25 -23.02 5.26
CA THR F 166 12.60 -23.09 4.63
C THR F 166 12.59 -23.09 3.10
N GLU F 167 11.47 -23.45 2.49
CA GLU F 167 11.39 -23.54 1.00
C GLU F 167 12.15 -24.79 0.56
N ARG F 168 12.49 -25.65 1.51
CA ARG F 168 13.15 -26.93 1.19
C ARG F 168 12.23 -28.06 1.65
N GLU F 169 11.97 -29.03 0.78
CA GLU F 169 11.13 -30.17 1.20
C GLU F 169 11.86 -30.91 2.30
N PRO F 170 11.16 -31.31 3.37
CA PRO F 170 11.77 -32.02 4.46
C PRO F 170 12.10 -33.46 4.08
N ASP F 171 13.10 -34.05 4.72
CA ASP F 171 13.34 -35.49 4.48
C ASP F 171 12.08 -36.15 5.00
N PRO F 172 11.58 -37.21 4.36
CA PRO F 172 10.30 -37.76 4.79
C PRO F 172 10.38 -38.20 6.25
N VAL F 173 11.51 -38.78 6.66
CA VAL F 173 11.63 -39.28 8.06
C VAL F 173 11.50 -38.09 9.01
N ALA F 174 12.10 -36.96 8.67
CA ALA F 174 12.05 -35.76 9.54
C ALA F 174 10.60 -35.29 9.69
N ALA F 175 9.86 -35.38 8.61
CA ALA F 175 8.46 -34.92 8.63
C ALA F 175 7.69 -35.75 9.65
N ARG F 176 7.98 -37.04 9.69
CA ARG F 176 7.26 -37.93 10.62
C ARG F 176 7.53 -37.50 12.07
N ILE F 177 8.77 -37.17 12.40
CA ILE F 177 9.08 -36.85 13.82
C ILE F 177 8.29 -35.60 14.22
N PHE F 178 8.20 -34.62 13.32
CA PHE F 178 7.51 -33.35 13.65
C PHE F 178 6.04 -33.65 13.94
N ASP F 179 5.45 -34.52 13.13
CA ASP F 179 4.02 -34.85 13.31
C ASP F 179 3.84 -35.49 14.68
N ILE F 180 4.74 -36.39 15.05
CA ILE F 180 4.59 -37.11 16.34
C ILE F 180 4.68 -36.04 17.42
N CYS F 181 5.58 -35.08 17.24
CA CYS F 181 5.75 -34.02 18.24
C CYS F 181 4.44 -33.24 18.31
N LEU F 182 3.81 -33.02 17.17
CA LEU F 182 2.53 -32.29 17.11
C LEU F 182 1.45 -33.08 17.87
N THR F 183 1.42 -34.39 17.67
CA THR F 183 0.42 -35.24 18.35
C THR F 183 0.69 -35.16 19.84
N LEU F 184 1.95 -35.13 20.23
CA LEU F 184 2.32 -35.11 21.66
C LEU F 184 1.79 -33.86 22.34
N HIS F 185 1.82 -32.72 21.66
CA HIS F 185 1.43 -31.44 22.31
C HIS F 185 -0.05 -31.09 22.10
N ALA F 186 -0.82 -31.93 21.45
CA ALA F 186 -2.22 -31.57 21.11
C ALA F 186 -3.12 -31.36 22.33
N GLU F 187 -3.10 -32.24 23.33
CA GLU F 187 -4.07 -32.11 24.46
C GLU F 187 -3.44 -32.47 25.80
N HIS F 188 -3.67 -31.66 26.83
CA HIS F 188 -3.21 -32.04 28.20
C HIS F 188 -4.27 -31.60 29.23
N THR F 189 -5.49 -32.11 29.13
CA THR F 189 -6.55 -31.86 30.14
C THR F 189 -6.83 -30.36 30.31
N ILE F 190 -7.16 -29.94 31.52
CA ILE F 190 -7.56 -28.52 31.71
C ILE F 190 -6.34 -27.65 31.94
N ASN F 191 -5.52 -27.48 30.90
CA ASN F 191 -4.35 -26.58 30.98
C ASN F 191 -4.87 -25.16 30.90
N ALA F 192 -4.06 -24.18 31.25
CA ALA F 192 -4.55 -22.79 31.33
C ALA F 192 -5.05 -22.32 29.97
N SER F 193 -4.35 -22.69 28.91
CA SER F 193 -4.75 -22.27 27.55
C SER F 193 -6.11 -22.86 27.22
N THR F 194 -6.32 -24.13 27.54
CA THR F 194 -7.61 -24.80 27.28
C THR F 194 -8.69 -24.13 28.12
N PHE F 195 -8.39 -23.79 29.36
CA PHE F 195 -9.38 -23.17 30.27
C PHE F 195 -9.83 -21.82 29.73
N SER F 196 -8.88 -21.03 29.22
CA SER F 196 -9.21 -19.71 28.64
C SER F 196 -10.12 -19.91 27.45
N ALA F 197 -9.82 -20.92 26.64
CA ALA F 197 -10.64 -21.21 25.45
C ALA F 197 -12.03 -21.59 25.92
N MET F 198 -12.11 -22.38 26.97
CA MET F 198 -13.41 -22.81 27.51
C MET F 198 -14.18 -21.60 28.04
N VAL F 199 -13.51 -20.68 28.71
CA VAL F 199 -14.20 -19.45 29.19
C VAL F 199 -14.67 -18.62 28.00
N THR F 200 -13.81 -18.47 26.99
CA THR F 200 -14.20 -17.64 25.83
C THR F 200 -15.38 -18.34 25.19
N ALA F 201 -15.33 -19.66 25.12
CA ALA F 201 -16.41 -20.47 24.50
C ALA F 201 -17.72 -20.32 25.28
N SER F 202 -17.63 -20.20 26.60
CA SER F 202 -18.84 -20.18 27.46
C SER F 202 -19.75 -19.04 27.03
N THR F 203 -19.18 -17.93 26.60
CA THR F 203 -19.97 -16.75 26.16
C THR F 203 -20.64 -17.07 24.82
N LEU F 204 -20.26 -18.17 24.16
CA LEU F 204 -20.82 -18.55 22.84
C LEU F 204 -20.19 -17.69 21.74
N THR F 205 -18.98 -17.20 21.99
CA THR F 205 -18.24 -16.41 21.00
C THR F 205 -17.76 -17.31 19.86
N ASP F 206 -17.38 -16.70 18.75
CA ASP F 206 -16.97 -17.46 17.56
C ASP F 206 -15.72 -18.25 17.86
N PRO F 207 -15.51 -19.37 17.16
CA PRO F 207 -14.37 -20.24 17.43
C PRO F 207 -13.01 -19.55 17.23
N TYR F 208 -12.88 -18.71 16.21
CA TYR F 208 -11.56 -18.11 15.89
C TYR F 208 -11.11 -17.27 17.08
N ALA F 209 -12.04 -16.58 17.73
CA ALA F 209 -11.72 -15.77 18.92
C ALA F 209 -11.21 -16.66 20.05
N VAL F 210 -11.79 -17.84 20.21
CA VAL F 210 -11.39 -18.76 21.31
C VAL F 210 -9.94 -19.18 21.14
N VAL F 211 -9.51 -19.48 19.92
CA VAL F 211 -8.08 -19.83 19.66
C VAL F 211 -7.21 -18.62 19.97
N ALA F 212 -7.68 -17.43 19.62
CA ALA F 212 -6.92 -16.20 19.88
C ALA F 212 -6.73 -15.96 21.37
N SER F 213 -7.77 -16.17 22.16
CA SER F 213 -7.67 -16.01 23.63
C SER F 213 -6.70 -17.05 24.19
N ALA F 214 -6.75 -18.27 23.66
CA ALA F 214 -5.83 -19.35 24.07
C ALA F 214 -4.39 -19.01 23.69
N VAL F 215 -4.18 -18.40 22.54
CA VAL F 215 -2.80 -18.07 22.10
C VAL F 215 -2.23 -17.11 23.13
N GLY F 216 -3.03 -16.17 23.60
CA GLY F 216 -2.50 -15.20 24.55
C GLY F 216 -2.06 -15.88 25.82
N THR F 217 -2.79 -16.90 26.25
CA THR F 217 -2.49 -17.57 27.53
C THR F 217 -1.26 -18.48 27.35
N LEU F 218 -1.15 -19.18 26.23
CA LEU F 218 -0.01 -20.08 25.95
C LEU F 218 1.24 -19.21 25.89
N ALA F 219 1.14 -18.01 25.34
CA ALA F 219 2.29 -17.11 25.12
C ALA F 219 2.96 -16.73 26.44
N GLY F 220 2.20 -16.52 27.49
CA GLY F 220 2.80 -16.03 28.75
C GLY F 220 3.78 -17.05 29.24
N PRO F 221 4.89 -16.67 29.90
CA PRO F 221 5.97 -17.60 30.19
C PRO F 221 5.68 -18.82 31.09
N LEU F 222 4.91 -18.71 32.16
CA LEU F 222 4.75 -19.89 33.04
C LEU F 222 4.05 -21.06 32.32
N HIS F 223 2.99 -20.82 31.56
CA HIS F 223 2.41 -21.88 30.70
C HIS F 223 3.03 -21.70 29.33
N GLY F 224 3.70 -20.58 29.16
CA GLY F 224 4.26 -20.21 27.85
C GLY F 224 5.40 -21.10 27.52
N GLY F 225 5.70 -21.25 26.26
CA GLY F 225 6.77 -22.20 26.06
C GLY F 225 7.99 -21.66 26.77
N ALA F 226 8.69 -22.53 27.47
CA ALA F 226 9.95 -22.12 28.10
C ALA F 226 11.01 -22.84 27.28
N ASN F 227 10.59 -23.30 26.10
CA ASN F 227 11.55 -24.10 25.27
C ASN F 227 12.82 -23.31 24.98
N GLU F 228 12.71 -22.02 24.73
CA GLU F 228 13.88 -21.21 24.29
C GLU F 228 14.94 -21.24 25.39
N GLU F 229 14.52 -21.22 26.66
CA GLU F 229 15.51 -21.09 27.76
C GLU F 229 16.48 -22.26 27.72
N VAL F 230 16.01 -23.46 27.42
CA VAL F 230 16.91 -24.64 27.49
C VAL F 230 18.06 -24.46 26.50
N LEU F 231 17.75 -23.99 25.29
CA LEU F 231 18.82 -23.86 24.28
C LEU F 231 19.83 -22.81 24.74
N ASP F 232 19.36 -21.76 25.41
CA ASP F 232 20.30 -20.67 25.79
C ASP F 232 21.27 -21.18 26.85
N MET F 233 20.78 -21.94 27.82
CA MET F 233 21.65 -22.53 28.86
C MET F 233 22.65 -23.48 28.19
N LEU F 234 22.18 -24.24 27.20
CA LEU F 234 23.05 -25.19 26.49
C LEU F 234 24.15 -24.38 25.81
N GLU F 235 23.79 -23.23 25.26
CA GLU F 235 24.81 -22.32 24.67
C GLU F 235 25.72 -21.90 25.82
N ALA F 236 25.15 -21.70 27.00
CA ALA F 236 25.95 -21.18 28.14
C ALA F 236 27.08 -22.16 28.43
N ILE F 237 26.83 -23.47 28.37
CA ILE F 237 28.00 -24.36 28.55
C ILE F 237 28.56 -24.56 27.15
N GLY F 238 29.76 -24.06 26.89
CA GLY F 238 30.36 -24.13 25.55
C GLY F 238 30.66 -25.55 25.09
N SER F 239 31.12 -26.40 25.99
CA SER F 239 31.61 -27.73 25.58
C SER F 239 30.98 -28.83 26.45
N VAL F 240 31.07 -30.06 26.00
CA VAL F 240 30.55 -31.18 26.81
C VAL F 240 31.37 -31.06 28.09
N GLU F 241 32.65 -30.73 27.94
CA GLU F 241 33.43 -30.44 29.15
C GLU F 241 32.79 -29.19 29.76
N ASN F 242 32.70 -29.13 31.09
CA ASN F 242 32.06 -27.99 31.82
C ASN F 242 30.57 -28.25 32.00
N VAL F 243 30.03 -29.34 31.46
CA VAL F 243 28.62 -29.60 31.79
C VAL F 243 28.54 -29.85 33.29
N GLU F 244 29.48 -30.63 33.82
CA GLU F 244 29.43 -30.97 35.26
C GLU F 244 29.59 -29.73 36.11
N PRO F 245 30.53 -28.81 35.78
CA PRO F 245 30.67 -27.57 36.54
C PRO F 245 29.46 -26.63 36.49
N TYR F 246 28.85 -26.50 35.31
CA TYR F 246 27.78 -25.49 35.18
C TYR F 246 26.61 -25.84 36.09
N LEU F 247 26.26 -27.12 36.15
CA LEU F 247 25.07 -27.50 36.94
C LEU F 247 25.32 -27.17 38.42
N ASP F 248 26.52 -27.43 38.90
CA ASP F 248 26.79 -27.23 40.35
C ASP F 248 26.63 -25.76 40.75
N HIS F 249 27.13 -24.84 39.93
CA HIS F 249 26.97 -23.39 40.24
C HIS F 249 25.49 -23.07 40.23
N CYS F 250 24.77 -23.64 39.27
CA CYS F 250 23.31 -23.45 39.16
C CYS F 250 22.68 -24.10 40.39
N ILE F 251 23.38 -25.05 41.03
CA ILE F 251 22.70 -25.78 42.13
C ILE F 251 22.33 -24.68 43.11
N ALA F 252 23.23 -23.72 43.33
CA ALA F 252 22.70 -22.57 44.08
C ALA F 252 21.80 -21.92 43.03
N THR F 253 20.55 -21.60 43.35
CA THR F 253 19.65 -21.09 42.27
C THR F 253 18.76 -19.95 42.76
N LYS F 254 18.39 -19.04 41.84
CA LYS F 254 17.48 -17.93 42.21
C LYS F 254 15.99 -18.33 42.12
N THR F 255 15.50 -19.25 42.95
CA THR F 255 14.03 -19.52 43.04
C THR F 255 13.42 -19.82 41.66
N ARG F 256 14.07 -20.60 40.80
CA ARG F 256 13.51 -20.75 39.42
C ARG F 256 13.14 -22.19 39.05
N ILE F 257 12.05 -22.37 38.32
CA ILE F 257 11.65 -23.72 37.82
C ILE F 257 11.40 -23.59 36.31
N MET F 258 12.00 -24.45 35.48
CA MET F 258 11.68 -24.42 34.03
C MET F 258 11.51 -25.86 33.54
N GLY F 259 11.59 -26.11 32.23
CA GLY F 259 11.56 -27.52 31.78
C GLY F 259 10.35 -28.30 32.25
N PHE F 260 9.14 -27.76 32.15
CA PHE F 260 7.95 -28.46 32.72
C PHE F 260 8.17 -28.61 34.23
N GLY F 261 8.75 -27.58 34.84
CA GLY F 261 8.99 -27.54 36.30
C GLY F 261 7.66 -27.59 37.04
N HIS F 262 6.63 -26.96 36.48
CA HIS F 262 5.31 -26.88 37.15
C HIS F 262 4.93 -28.35 37.31
N ARG F 263 5.26 -29.16 36.31
CA ARG F 263 5.13 -30.60 36.58
C ARG F 263 3.72 -30.97 37.11
N VAL F 264 2.65 -30.65 36.39
CA VAL F 264 1.35 -31.06 36.98
C VAL F 264 1.46 -32.57 37.13
N TYR F 265 2.05 -33.28 36.16
CA TYR F 265 2.36 -34.69 36.42
C TYR F 265 3.38 -34.62 37.54
N LYS F 266 3.28 -35.44 38.59
CA LYS F 266 4.36 -35.37 39.61
C LYS F 266 5.69 -35.79 38.99
N VAL F 267 5.70 -36.84 38.15
CA VAL F 267 7.00 -37.36 37.64
C VAL F 267 6.93 -37.91 36.21
N LYS F 268 8.07 -37.95 35.50
CA LYS F 268 8.14 -38.70 34.21
C LYS F 268 7.11 -38.42 33.13
N ASP F 269 6.88 -37.17 32.68
CA ASP F 269 5.81 -37.05 31.67
C ASP F 269 6.20 -37.98 30.53
N PRO F 270 5.27 -38.80 30.02
CA PRO F 270 5.60 -39.82 29.03
C PRO F 270 5.91 -39.16 27.70
N ARG F 271 5.24 -38.05 27.42
CA ARG F 271 5.56 -37.28 26.20
C ARG F 271 7.05 -37.03 26.13
N ALA F 272 7.65 -36.75 27.28
CA ALA F 272 9.09 -36.43 27.29
C ALA F 272 9.87 -37.67 26.91
N VAL F 273 9.45 -38.82 27.41
CA VAL F 273 10.24 -40.05 27.13
C VAL F 273 10.20 -40.28 25.63
N ILE F 274 9.03 -40.13 25.02
CA ILE F 274 8.92 -40.38 23.56
C ILE F 274 9.79 -39.40 22.81
N LEU F 275 9.79 -38.14 23.25
CA LEU F 275 10.53 -37.09 22.53
C LEU F 275 12.02 -37.42 22.56
N GLN F 276 12.52 -37.90 23.69
CA GLN F 276 13.97 -38.13 23.77
C GLN F 276 14.34 -39.19 22.75
N ASN F 277 13.52 -40.24 22.66
CA ASN F 277 13.82 -41.30 21.67
C ASN F 277 13.74 -40.69 20.29
N LEU F 278 12.75 -39.83 20.09
CA LEU F 278 12.57 -39.26 18.73
C LEU F 278 13.81 -38.45 18.40
N ALA F 279 14.29 -37.69 19.37
CA ALA F 279 15.45 -36.81 19.08
C ALA F 279 16.66 -37.65 18.73
N GLU F 280 16.84 -38.73 19.48
CA GLU F 280 18.05 -39.54 19.25
C GLU F 280 17.97 -40.09 17.84
N GLN F 281 16.78 -40.53 17.44
CA GLN F 281 16.73 -41.14 16.10
C GLN F 281 17.07 -40.05 15.10
N LEU F 282 16.51 -38.86 15.30
CA LEU F 282 16.72 -37.80 14.29
C LEU F 282 18.19 -37.44 14.24
N PHE F 283 18.81 -37.34 15.41
CA PHE F 283 20.22 -36.89 15.38
C PHE F 283 21.05 -37.94 14.66
N ASP F 284 20.80 -39.21 14.93
CA ASP F 284 21.70 -40.22 14.32
C ASP F 284 21.59 -40.17 12.80
N ILE F 285 20.37 -40.07 12.28
CA ILE F 285 20.19 -39.97 10.80
C ILE F 285 20.79 -38.68 10.26
N PHE F 286 20.57 -37.58 10.97
CA PHE F 286 20.96 -36.26 10.41
C PHE F 286 22.26 -35.73 11.02
N GLY F 287 22.90 -36.55 11.84
CA GLY F 287 24.17 -36.15 12.44
C GLY F 287 23.95 -35.51 13.78
N HIS F 288 24.99 -35.43 14.61
CA HIS F 288 24.77 -34.95 15.99
C HIS F 288 25.37 -33.55 16.14
N ASP F 289 24.54 -32.60 16.52
CA ASP F 289 25.03 -31.22 16.75
C ASP F 289 25.81 -31.18 18.07
N PRO F 290 26.73 -30.22 18.23
CA PRO F 290 27.56 -30.14 19.43
C PRO F 290 26.65 -29.89 20.64
N TYR F 291 25.65 -29.06 20.45
CA TYR F 291 24.71 -28.73 21.56
C TYR F 291 24.01 -30.02 21.98
N TYR F 292 23.67 -30.87 21.00
CA TYR F 292 22.90 -32.10 21.32
C TYR F 292 23.71 -32.96 22.27
N GLU F 293 25.01 -33.07 22.01
CA GLU F 293 25.88 -33.86 22.88
C GLU F 293 25.89 -33.21 24.26
N ILE F 294 25.89 -31.88 24.31
CA ILE F 294 25.90 -31.15 25.61
C ILE F 294 24.60 -31.52 26.33
N ALA F 295 23.50 -31.58 25.60
CA ALA F 295 22.21 -31.94 26.21
C ALA F 295 22.29 -33.36 26.76
N VAL F 296 22.92 -34.26 26.01
CA VAL F 296 22.98 -35.68 26.45
C VAL F 296 23.75 -35.69 27.76
N ALA F 297 24.81 -34.88 27.83
CA ALA F 297 25.61 -34.78 29.06
C ALA F 297 24.73 -34.25 30.18
N VAL F 298 23.87 -33.27 29.88
CA VAL F 298 23.04 -32.66 30.94
C VAL F 298 22.16 -33.76 31.52
N GLU F 299 21.66 -34.66 30.66
CA GLU F 299 20.80 -35.76 31.12
C GLU F 299 21.58 -36.67 32.08
N LYS F 300 22.85 -36.97 31.78
CA LYS F 300 23.66 -37.87 32.63
C LYS F 300 23.86 -37.26 34.02
N ALA F 301 24.11 -35.95 34.09
CA ALA F 301 24.24 -35.21 35.38
C ALA F 301 22.90 -35.28 36.09
N ALA F 302 21.82 -35.22 35.34
CA ALA F 302 20.46 -35.16 35.89
C ALA F 302 20.22 -36.42 36.71
N ALA F 303 20.85 -37.52 36.34
CA ALA F 303 20.47 -38.78 37.03
C ALA F 303 20.73 -38.60 38.51
N GLU F 304 21.81 -37.94 38.91
CA GLU F 304 21.93 -37.72 40.38
C GLU F 304 20.75 -36.86 40.84
N ARG F 305 20.36 -35.83 40.08
CA ARG F 305 19.12 -35.02 40.38
C ARG F 305 17.87 -35.91 40.24
N LEU F 306 17.85 -36.80 39.25
CA LEU F 306 16.69 -37.68 38.93
C LEU F 306 16.39 -38.61 40.09
N SER F 307 17.43 -39.08 40.77
CA SER F 307 17.21 -40.11 41.80
C SER F 307 16.26 -39.53 42.85
N HIS F 308 16.40 -38.26 43.19
CA HIS F 308 15.40 -37.73 44.15
C HIS F 308 14.36 -36.84 43.46
N LYS F 309 13.07 -37.16 43.65
CA LYS F 309 11.96 -36.33 43.12
C LYS F 309 11.80 -36.46 41.60
N ASN F 314 12.06 -31.90 31.64
CA ASN F 314 12.30 -30.83 30.64
C ASN F 314 11.76 -31.27 29.27
N VAL F 315 10.52 -31.75 29.20
CA VAL F 315 9.94 -32.28 27.91
C VAL F 315 9.99 -31.11 26.95
N ASP F 316 9.71 -29.91 27.46
CA ASP F 316 9.85 -28.71 26.62
C ASP F 316 11.33 -28.68 26.23
N PHE F 317 12.20 -29.03 27.15
CA PHE F 317 13.66 -28.96 26.87
C PHE F 317 14.00 -29.92 25.73
N TYR F 318 13.43 -31.12 25.75
CA TYR F 318 13.66 -32.06 24.62
C TYR F 318 13.08 -31.48 23.32
N SER F 319 11.91 -30.85 23.41
CA SER F 319 11.23 -30.37 22.18
C SER F 319 12.05 -29.34 21.43
N GLY F 320 12.67 -28.40 22.17
CA GLY F 320 13.40 -27.33 21.50
C GLY F 320 14.54 -27.89 20.70
N LEU F 321 15.23 -28.88 21.26
CA LEU F 321 16.40 -29.44 20.56
C LEU F 321 15.93 -30.05 19.26
N VAL F 322 14.81 -30.76 19.30
CA VAL F 322 14.35 -31.43 18.06
C VAL F 322 14.03 -30.36 17.05
N TYR F 323 13.40 -29.29 17.51
CA TYR F 323 12.95 -28.23 16.58
C TYR F 323 14.17 -27.64 15.86
N ARG F 324 15.25 -27.41 16.61
CA ARG F 324 16.43 -26.77 16.01
C ARG F 324 16.99 -27.66 14.90
N LYS F 325 17.03 -28.97 15.14
CA LYS F 325 17.62 -29.87 14.14
C LYS F 325 16.77 -29.75 12.88
N LEU F 326 15.46 -29.68 13.07
CA LEU F 326 14.53 -29.57 11.94
C LEU F 326 14.67 -28.17 11.35
N GLY F 327 15.33 -27.28 12.08
CA GLY F 327 15.59 -25.92 11.57
C GLY F 327 14.55 -24.89 11.97
N ILE F 328 13.63 -25.26 12.85
CA ILE F 328 12.63 -24.26 13.34
C ILE F 328 13.35 -23.19 14.14
N PRO F 329 13.02 -21.91 13.93
CA PRO F 329 13.58 -20.83 14.72
C PRO F 329 13.02 -20.90 16.14
N SER F 330 13.83 -20.51 17.14
CA SER F 330 13.43 -20.60 18.56
C SER F 330 12.20 -19.74 18.85
N ASP F 331 12.12 -18.57 18.22
CA ASP F 331 10.99 -17.62 18.46
C ASP F 331 9.69 -18.27 18.03
N LEU F 332 9.75 -19.24 17.11
CA LEU F 332 8.54 -19.92 16.59
C LEU F 332 8.16 -21.13 17.44
N PHE F 333 8.92 -21.45 18.48
CA PHE F 333 8.66 -22.68 19.28
C PHE F 333 7.32 -22.67 20.01
N THR F 334 6.97 -21.57 20.67
CA THR F 334 5.68 -21.46 21.39
C THR F 334 4.57 -21.54 20.34
N PRO F 335 4.78 -20.92 19.16
CA PRO F 335 3.83 -21.01 18.06
C PRO F 335 3.58 -22.42 17.53
N VAL F 336 4.62 -23.23 17.43
CA VAL F 336 4.48 -24.64 16.96
C VAL F 336 3.61 -25.39 17.97
N PHE F 337 3.76 -25.08 19.25
CA PHE F 337 2.91 -25.70 20.29
C PHE F 337 1.47 -25.28 20.02
N ALA F 338 1.27 -24.03 19.62
CA ALA F 338 -0.08 -23.52 19.32
C ALA F 338 -0.69 -24.32 18.18
N ILE F 339 0.12 -24.65 17.19
CA ILE F 339 -0.43 -25.37 16.01
C ILE F 339 -1.01 -26.71 16.47
N ALA F 340 -0.28 -27.43 17.32
CA ALA F 340 -0.76 -28.73 17.84
C ALA F 340 -1.93 -28.58 18.83
N ARG F 341 -1.89 -27.59 19.71
CA ARG F 341 -2.90 -27.43 20.79
C ARG F 341 -4.23 -26.93 20.22
N VAL F 342 -4.25 -26.49 18.98
CA VAL F 342 -5.50 -26.03 18.34
C VAL F 342 -6.44 -27.23 18.34
N ALA F 343 -5.89 -28.41 18.12
CA ALA F 343 -6.72 -29.63 18.10
C ALA F 343 -7.37 -29.85 19.46
N GLY F 344 -6.60 -29.72 20.53
CA GLY F 344 -7.18 -29.83 21.87
C GLY F 344 -8.15 -28.71 22.12
N TRP F 345 -7.78 -27.51 21.70
CA TRP F 345 -8.64 -26.34 21.96
C TRP F 345 -9.98 -26.50 21.24
N LEU F 346 -9.95 -26.95 20.00
CA LEU F 346 -11.19 -27.08 19.20
C LEU F 346 -12.07 -28.14 19.86
N ALA F 347 -11.46 -29.21 20.33
CA ALA F 347 -12.21 -30.34 20.91
C ALA F 347 -12.95 -29.89 22.17
N HIS F 348 -12.29 -29.11 23.01
CA HIS F 348 -12.93 -28.58 24.24
C HIS F 348 -14.08 -27.66 23.84
N TRP F 349 -13.91 -26.91 22.76
CA TRP F 349 -14.93 -25.93 22.32
C TRP F 349 -16.22 -26.66 21.99
N LYS F 350 -16.12 -27.78 21.29
CA LYS F 350 -17.33 -28.54 20.90
C LYS F 350 -18.01 -29.05 22.16
N GLU F 351 -17.22 -29.55 23.11
CA GLU F 351 -17.81 -30.15 24.34
C GLU F 351 -18.54 -29.08 25.13
N GLN F 352 -17.96 -27.89 25.27
CA GLN F 352 -18.57 -26.82 26.09
C GLN F 352 -19.90 -26.47 25.45
N LEU F 353 -19.95 -26.46 24.14
CA LEU F 353 -21.18 -26.11 23.39
C LEU F 353 -22.28 -27.13 23.66
N ASN F 354 -21.97 -28.42 23.76
CA ASN F 354 -23.07 -29.40 23.91
C ASN F 354 -23.84 -29.08 25.18
N GLU F 355 -23.14 -28.83 26.28
CA GLU F 355 -23.84 -28.33 27.49
C GLU F 355 -23.08 -27.09 27.90
N ASN F 356 -23.72 -25.93 27.86
CA ASN F 356 -22.91 -24.73 28.16
C ASN F 356 -23.54 -23.89 29.23
N ARG F 357 -22.75 -23.55 30.23
CA ARG F 357 -23.20 -22.57 31.22
C ARG F 357 -22.06 -21.55 31.22
N ILE F 358 -22.37 -20.26 31.20
CA ILE F 358 -21.26 -19.28 31.13
C ILE F 358 -20.43 -19.51 32.38
N PHE F 359 -19.12 -19.37 32.28
CA PHE F 359 -18.27 -19.50 33.49
C PHE F 359 -18.26 -18.16 34.20
N ARG F 360 -19.01 -18.05 35.30
CA ARG F 360 -18.98 -16.82 36.12
C ARG F 360 -18.64 -17.28 37.54
N PRO F 361 -17.41 -17.03 38.01
CA PRO F 361 -17.00 -17.41 39.33
C PRO F 361 -17.32 -16.33 40.35
N THR F 362 -16.91 -16.51 41.60
CA THR F 362 -17.18 -15.55 42.69
C THR F 362 -15.88 -15.16 43.37
N GLN F 363 -15.92 -14.13 44.20
CA GLN F 363 -14.70 -13.61 44.83
C GLN F 363 -14.88 -13.52 46.33
N ILE F 364 -13.77 -13.49 47.07
CA ILE F 364 -13.85 -13.24 48.52
C ILE F 364 -13.41 -11.79 48.71
N TYR F 365 -14.27 -10.95 49.26
CA TYR F 365 -13.94 -9.51 49.35
C TYR F 365 -13.00 -9.27 50.53
N THR F 366 -11.88 -8.60 50.28
CA THR F 366 -10.92 -8.22 51.33
C THR F 366 -10.95 -6.70 51.47
N GLY F 367 -11.92 -6.06 50.82
CA GLY F 367 -11.98 -4.59 50.73
C GLY F 367 -12.94 -3.85 51.63
N SER F 368 -12.95 -2.52 51.52
CA SER F 368 -13.79 -1.61 52.33
C SER F 368 -15.27 -1.57 51.92
N HIS F 369 -16.13 -1.07 52.81
CA HIS F 369 -17.58 -0.94 52.53
C HIS F 369 -18.13 0.38 53.06
N ASN F 370 -19.21 0.89 52.45
CA ASN F 370 -19.94 2.09 52.95
C ASN F 370 -19.05 3.34 53.00
N LEU F 371 -18.04 3.40 52.14
CA LEU F 371 -17.19 4.60 52.08
C LEU F 371 -17.95 5.74 51.41
N ASP F 372 -17.59 6.98 51.75
CA ASP F 372 -18.25 8.16 51.15
C ASP F 372 -17.25 8.85 50.23
N TYR F 373 -17.72 9.40 49.13
CA TYR F 373 -16.81 10.06 48.16
C TYR F 373 -16.19 11.28 48.83
N THR F 374 -14.90 11.50 48.56
CA THR F 374 -14.19 12.65 49.16
C THR F 374 -13.93 13.64 48.04
N PRO F 375 -14.24 14.93 48.23
CA PRO F 375 -13.99 15.96 47.23
C PRO F 375 -12.47 15.91 47.23
N ILE F 376 -11.83 16.25 46.12
CA ILE F 376 -10.38 15.96 46.16
C ILE F 376 -9.82 16.73 47.34
N ALA F 377 -9.09 16.04 48.20
CA ALA F 377 -8.40 16.67 49.35
C ALA F 377 -7.11 15.86 49.39
N ASP F 378 -6.00 16.44 49.81
CA ASP F 378 -4.76 15.64 49.69
C ASP F 378 -4.92 14.43 50.61
N ARG F 379 -4.46 13.27 50.15
CA ARG F 379 -4.52 12.06 51.00
C ARG F 379 -3.12 11.85 51.57
S SO4 G . -20.01 11.36 2.64
O1 SO4 G . -20.00 11.85 4.03
O2 SO4 G . -19.49 12.42 1.77
O3 SO4 G . -19.14 10.19 2.52
O4 SO4 G . -21.39 11.02 2.31
C1 CIT H . -18.57 23.87 -27.72
O1 CIT H . -18.92 24.74 -28.56
O2 CIT H . -17.55 23.12 -27.92
C2 CIT H . -19.35 23.70 -26.41
C3 CIT H . -20.88 23.73 -26.58
O7 CIT H . -21.35 25.04 -26.79
C4 CIT H . -21.32 22.87 -27.76
C5 CIT H . -22.80 22.51 -27.66
O3 CIT H . -23.61 23.31 -27.09
O4 CIT H . -23.19 21.39 -28.13
C6 CIT H . -21.41 23.24 -25.23
O5 CIT H . -21.46 24.05 -24.28
O6 CIT H . -21.77 22.04 -25.06
H21 CIT H . -19.09 24.42 -25.82
H22 CIT H . -19.10 22.85 -26.02
HO7 CIT H . -21.07 25.31 -27.54
H41 CIT H . -20.79 22.05 -27.77
H42 CIT H . -21.16 23.36 -28.58
C1 CIT I . -0.82 13.00 4.98
O1 CIT I . 0.21 13.33 5.63
O2 CIT I . -1.09 13.69 3.97
C2 CIT I . -1.66 11.78 5.45
C3 CIT I . -2.76 11.19 4.54
O7 CIT I . -2.24 10.27 3.60
C4 CIT I . -3.77 10.42 5.43
C5 CIT I . -3.28 9.08 6.03
O3 CIT I . -4.05 8.40 6.77
O4 CIT I . -2.11 8.65 5.79
C6 CIT I . -3.51 12.31 3.78
O5 CIT I . -4.21 13.16 4.38
O6 CIT I . -3.42 12.38 2.51
H21 CIT I . -2.09 12.04 6.28
H22 CIT I . -1.04 11.06 5.63
HO7 CIT I . -1.62 10.66 3.15
H41 CIT I . -4.56 10.23 4.89
H42 CIT I . -4.02 11.00 6.16
S SO4 J . -33.34 -1.76 -35.16
O1 SO4 J . -34.78 -1.83 -34.82
O2 SO4 J . -33.03 -0.43 -35.68
O3 SO4 J . -33.04 -2.75 -36.20
O4 SO4 J . -32.52 -2.05 -34.00
S SO4 K . -14.84 -19.03 -40.66
O1 SO4 K . -15.24 -18.77 -39.27
O2 SO4 K . -14.55 -17.75 -41.31
O3 SO4 K . -13.64 -19.88 -40.65
O4 SO4 K . -15.93 -19.72 -41.36
S SO4 L . 0.77 -4.45 -23.67
O1 SO4 L . 1.46 -4.26 -22.38
O2 SO4 L . 0.72 -3.19 -24.39
O3 SO4 L . 1.54 -5.40 -24.48
O4 SO4 L . -0.60 -4.95 -23.43
C1 CIT M . -32.51 -3.77 -27.33
O1 CIT M . -32.30 -2.99 -26.36
O2 CIT M . -32.99 -3.30 -28.40
C2 CIT M . -32.18 -5.26 -27.27
C3 CIT M . -31.38 -5.72 -26.04
O7 CIT M . -30.03 -5.26 -26.07
C4 CIT M . -32.22 -5.29 -24.83
C5 CIT M . -31.96 -5.98 -23.48
O3 CIT M . -32.12 -5.32 -22.40
O4 CIT M . -31.60 -7.18 -23.43
C6 CIT M . -31.33 -7.24 -26.18
O5 CIT M . -32.38 -7.92 -25.95
O6 CIT M . -30.25 -7.79 -26.53
H21 CIT M . -31.67 -5.48 -28.06
H22 CIT M . -33.02 -5.75 -27.28
HO7 CIT M . -30.02 -4.41 -26.07
H41 CIT M . -33.16 -5.46 -25.06
H42 CIT M . -32.09 -4.34 -24.71
MG MG N . -25.50 -4.12 -30.63
S SO4 O . 9.28 20.72 -4.91
O1 SO4 O . 8.58 21.00 -3.65
O2 SO4 O . 9.47 21.94 -5.71
O3 SO4 O . 10.57 20.16 -4.56
O4 SO4 O . 8.53 19.74 -5.71
C1 CIT P . 38.93 14.80 7.42
O1 CIT P . 39.23 15.99 7.63
O2 CIT P . 39.82 14.00 7.00
C2 CIT P . 37.50 14.32 7.64
C3 CIT P . 36.81 14.91 8.88
O7 CIT P . 35.98 13.90 9.42
C4 CIT P . 37.80 15.36 9.94
C5 CIT P . 37.01 15.59 11.23
O3 CIT P . 36.70 16.77 11.55
O4 CIT P . 36.68 14.62 11.99
C6 CIT P . 35.88 16.07 8.52
O5 CIT P . 35.90 17.11 9.22
O6 CIT P . 35.10 16.01 7.55
H21 CIT P . 37.51 13.36 7.72
H22 CIT P . 36.98 14.56 6.86
HO7 CIT P . 36.44 13.22 9.62
H41 CIT P . 38.23 16.18 9.67
H42 CIT P . 38.47 14.68 10.08
MG MG Q . 38.90 -22.61 -15.14
S SO4 R . 6.69 -3.10 8.86
O1 SO4 R . 6.32 -2.62 10.20
O2 SO4 R . 6.66 -2.01 7.87
O3 SO4 R . 8.06 -3.64 8.86
O4 SO4 R . 5.65 -4.08 8.50
S SO4 S . 4.35 5.54 22.19
O1 SO4 S . 3.68 5.19 23.44
O2 SO4 S . 4.70 6.96 22.22
O3 SO4 S . 5.57 4.73 22.05
O4 SO4 S . 3.44 5.29 21.06
C1 CIT T . -21.89 -10.40 35.35
O1 CIT T . -20.66 -10.60 35.33
O2 CIT T . -22.68 -11.37 35.39
C2 CIT T . -22.42 -8.96 35.34
C3 CIT T . -22.50 -8.33 33.94
O7 CIT T . -22.40 -9.26 32.89
C4 CIT T . -23.82 -7.57 33.82
C5 CIT T . -24.83 -8.37 32.99
O3 CIT T . -24.97 -8.14 31.76
O4 CIT T . -25.55 -9.27 33.53
C6 CIT T . -21.31 -7.38 33.82
O5 CIT T . -21.21 -6.39 34.59
O6 CIT T . -20.42 -7.59 32.95
H21 CIT T . -21.85 -8.42 35.89
H22 CIT T . -23.32 -8.96 35.72
HO7 CIT T . -21.58 -9.47 32.77
H41 CIT T . -23.66 -6.71 33.37
H42 CIT T . -24.19 -7.40 34.70
MG MG U . -8.27 -46.39 13.27
S SO4 V . 18.92 -14.06 1.51
O1 SO4 V . 17.59 -13.52 1.84
O2 SO4 V . 19.90 -13.51 2.44
O3 SO4 V . 19.26 -13.69 0.12
O4 SO4 V . 18.91 -15.52 1.69
C1 CIT W . 36.88 -17.98 -0.08
O1 CIT W . 35.89 -17.80 0.68
O2 CIT W . 37.86 -17.20 -0.01
C2 CIT W . 36.93 -19.17 -1.07
C3 CIT W . 36.68 -18.72 -2.52
O7 CIT W . 35.69 -17.72 -2.49
C4 CIT W . 37.97 -18.20 -3.15
C5 CIT W . 39.06 -19.26 -3.39
O3 CIT W . 40.20 -18.90 -3.82
O4 CIT W . 38.88 -20.49 -3.15
C6 CIT W . 36.19 -19.90 -3.38
O5 CIT W . 35.66 -19.66 -4.52
O6 CIT W . 36.30 -21.09 -2.98
H21 CIT W . 36.24 -19.81 -0.81
H22 CIT W . 37.79 -19.60 -1.02
HO7 CIT W . 34.93 -18.08 -2.37
H41 CIT W . 38.33 -17.51 -2.57
H42 CIT W . 37.75 -17.80 -4.01
C1 CIT X . 35.47 1.40 -18.88
O1 CIT X . 35.21 0.66 -17.91
O2 CIT X . 35.54 0.89 -20.03
C2 CIT X . 35.69 2.88 -18.63
C3 CIT X . 36.39 3.54 -19.82
O7 CIT X . 37.50 2.77 -20.17
C4 CIT X . 36.84 4.93 -19.38
C5 CIT X . 37.94 4.88 -18.33
O3 CIT X . 38.07 5.88 -17.55
O4 CIT X . 38.72 3.88 -18.24
C6 CIT X . 35.45 3.69 -21.04
O5 CIT X . 34.20 3.61 -20.95
O6 CIT X . 35.95 3.93 -22.18
H21 CIT X . 36.24 3.00 -17.85
H22 CIT X . 34.83 3.31 -18.50
HO7 CIT X . 37.97 3.18 -20.76
H41 CIT X . 36.08 5.40 -19.01
H42 CIT X . 37.17 5.40 -20.16
S SO4 Y . -11.62 13.24 44.29
O1 SO4 Y . -11.59 13.44 45.71
O2 SO4 Y . -12.16 14.40 43.65
O3 SO4 Y . -10.28 12.99 43.81
O4 SO4 Y . -12.45 12.11 43.99
S SO4 Z . -11.91 -20.34 2.46
O1 SO4 Z . -12.92 -20.63 3.49
O2 SO4 Z . -11.49 -18.95 2.50
O3 SO4 Z . -10.75 -21.20 2.72
O4 SO4 Z . -12.49 -20.59 1.14
C1 CIT AA . 3.47 -9.01 -5.49
O1 CIT AA . 2.93 -8.65 -6.57
O2 CIT AA . 4.51 -9.75 -5.50
C2 CIT AA . 2.88 -8.52 -4.15
C3 CIT AA . 1.46 -9.05 -3.85
O7 CIT AA . 1.45 -10.45 -3.76
C4 CIT AA . 1.02 -8.50 -2.49
C5 CIT AA . 0.37 -9.53 -1.54
O3 CIT AA . 0.63 -9.48 -0.29
O4 CIT AA . -0.41 -10.41 -1.98
C6 CIT AA . 0.50 -8.58 -4.97
O5 CIT AA . 0.56 -7.40 -5.42
O6 CIT AA . -0.36 -9.37 -5.46
H21 CIT AA . 2.86 -7.56 -4.16
H22 CIT AA . 3.47 -8.81 -3.43
HO7 CIT AA . 2.13 -10.71 -3.32
H41 CIT AA . 0.37 -7.80 -2.65
H42 CIT AA . 1.80 -8.13 -2.05
C1 CIT BA . 4.39 -28.99 28.64
O1 CIT BA . 4.72 -27.92 28.06
O2 CIT BA . 4.75 -30.09 28.15
C2 CIT BA . 3.58 -28.97 29.95
C3 CIT BA . 2.21 -28.27 29.93
O7 CIT BA . 1.36 -28.66 28.87
C4 CIT BA . 1.52 -28.64 31.24
C5 CIT BA . 0.04 -28.34 31.08
O3 CIT BA . -0.73 -28.41 32.08
O4 CIT BA . -0.36 -28.05 29.90
C6 CIT BA . 2.40 -26.74 29.92
O5 CIT BA . 1.46 -26.04 29.46
O6 CIT BA . 3.46 -26.17 30.35
H21 CIT BA . 4.13 -28.53 30.62
H22 CIT BA . 3.43 -29.89 30.21
HO7 CIT BA . 0.75 -28.09 28.73
H41 CIT BA . 1.88 -28.12 31.97
H42 CIT BA . 1.64 -29.58 31.41
MG MG CA . -6.51 -32.91 35.11
MG MG DA . -0.96 -36.07 10.33
#